data_7JGI
#
_entry.id   7JGI
#
loop_
_entity.id
_entity.type
_entity.pdbx_description
1 polymer 'Troponin C, slow skeletal and cardiac muscles,Troponin I, cardiac muscle chimera'
2 non-polymer 'CALCIUM ION'
3 non-polymer '7-{[(5-chloronaphthalen-1-yl)sulfonyl]amino}heptanoic acid'
#
_entity_poly.entity_id   1
_entity_poly.type   'polypeptide(L)'
_entity_poly.pdbx_seq_one_letter_code
;MDDIYKAAVEQLTEEQKNEFKAAFDIFVLGAEDGSISTKELGKVMRMLGQNPTPEELQEMIDEVDEDGSGTVDFDEFLVM
MVRSMKDDSKGKFKRPTLRRVRISADAMMQALLGARAKGHHHHHH
;
_entity_poly.pdbx_strand_id   A
#
loop_
_chem_comp.id
_chem_comp.type
_chem_comp.name
_chem_comp.formula
CA non-polymer 'CALCIUM ION' 'Ca 2'
V8Y non-polymer '7-{[(5-chloronaphthalen-1-yl)sulfonyl]amino}heptanoic acid' 'C17 H20 Cl N O4 S'
#
# COMPACT_ATOMS: atom_id res chain seq x y z
N MET A 1 -12.23 -8.17 -4.78
CA MET A 1 -12.23 -7.74 -3.35
C MET A 1 -12.21 -8.96 -2.45
N ASP A 2 -11.01 -9.40 -2.08
CA ASP A 2 -10.87 -10.57 -1.22
C ASP A 2 -11.54 -10.31 0.13
N ASP A 3 -12.40 -11.24 0.55
CA ASP A 3 -13.10 -11.09 1.82
C ASP A 3 -12.13 -11.26 2.98
N ILE A 4 -11.19 -12.19 2.84
CA ILE A 4 -10.24 -12.43 3.91
C ILE A 4 -9.47 -11.15 4.20
N TYR A 5 -9.06 -10.47 3.15
CA TYR A 5 -8.34 -9.21 3.31
C TYR A 5 -9.30 -8.13 3.77
N LYS A 6 -10.56 -8.27 3.37
CA LYS A 6 -11.57 -7.31 3.76
C LYS A 6 -11.64 -7.28 5.28
N ALA A 7 -11.68 -8.46 5.87
CA ALA A 7 -11.70 -8.60 7.32
C ALA A 7 -10.41 -8.02 7.89
N ALA A 8 -9.31 -8.21 7.17
CA ALA A 8 -8.01 -7.70 7.60
C ALA A 8 -8.10 -6.20 7.81
N VAL A 9 -8.79 -5.53 6.89
CA VAL A 9 -8.94 -4.10 7.00
C VAL A 9 -9.69 -3.75 8.28
N GLU A 10 -10.78 -4.45 8.51
CA GLU A 10 -11.58 -4.24 9.71
C GLU A 10 -10.81 -4.65 10.95
N GLN A 11 -9.86 -5.56 10.76
CA GLN A 11 -9.04 -6.05 11.86
C GLN A 11 -8.08 -4.97 12.34
N LEU A 12 -7.57 -4.16 11.42
CA LEU A 12 -6.64 -3.11 11.80
C LEU A 12 -7.29 -2.16 12.81
N THR A 13 -6.60 -1.94 13.93
CA THR A 13 -7.12 -1.06 14.97
C THR A 13 -7.27 0.35 14.42
N GLU A 14 -7.90 1.20 15.20
CA GLU A 14 -8.11 2.58 14.78
C GLU A 14 -6.77 3.26 14.53
N GLU A 15 -5.80 2.99 15.40
CA GLU A 15 -4.48 3.59 15.25
C GLU A 15 -3.73 3.00 14.06
N GLN A 16 -3.70 1.68 13.97
CA GLN A 16 -2.99 1.00 12.90
C GLN A 16 -3.60 1.36 11.55
N LYS A 17 -4.93 1.38 11.51
CA LYS A 17 -5.63 1.70 10.28
C LYS A 17 -5.38 3.17 9.92
N ASN A 18 -5.28 4.01 10.94
CA ASN A 18 -5.04 5.44 10.73
C ASN A 18 -3.74 5.66 9.97
N GLU A 19 -2.70 4.94 10.36
CA GLU A 19 -1.41 5.06 9.69
C GLU A 19 -1.54 4.65 8.23
N PHE A 20 -2.22 3.53 8.02
CA PHE A 20 -2.43 3.04 6.67
C PHE A 20 -3.27 4.04 5.89
N LYS A 21 -4.26 4.63 6.55
CA LYS A 21 -5.13 5.60 5.90
C LYS A 21 -4.29 6.77 5.38
N ALA A 22 -3.31 7.18 6.17
CA ALA A 22 -2.45 8.28 5.78
C ALA A 22 -1.74 7.94 4.48
N ALA A 23 -1.27 6.71 4.37
CA ALA A 23 -0.59 6.28 3.14
C ALA A 23 -1.54 6.36 1.96
N PHE A 24 -2.80 6.01 2.19
CA PHE A 24 -3.82 6.05 1.14
C PHE A 24 -3.91 7.44 0.53
N ASP A 25 -4.02 8.45 1.39
CA ASP A 25 -4.12 9.82 0.93
C ASP A 25 -2.87 10.23 0.17
N ILE A 26 -1.71 9.77 0.67
CA ILE A 26 -0.44 10.09 0.03
C ILE A 26 -0.44 9.64 -1.43
N PHE A 27 -0.94 8.43 -1.68
CA PHE A 27 -0.99 7.93 -3.05
C PHE A 27 -1.87 8.82 -3.91
N VAL A 28 -3.02 9.21 -3.36
CA VAL A 28 -3.94 10.07 -4.09
C VAL A 28 -3.75 11.52 -3.71
N LEU A 29 -2.67 11.80 -2.99
CA LEU A 29 -2.41 13.16 -2.56
C LEU A 29 -2.70 14.13 -3.70
N GLY A 30 -3.79 14.89 -3.57
CA GLY A 30 -4.17 15.86 -4.60
C GLY A 30 -5.14 15.24 -5.61
N ALA A 31 -5.69 14.07 -5.27
CA ALA A 31 -6.63 13.39 -6.17
C ALA A 31 -8.03 13.94 -5.97
N GLU A 32 -8.69 14.32 -7.06
CA GLU A 32 -10.03 14.86 -6.98
C GLU A 32 -11.01 13.80 -6.47
N ASP A 33 -10.84 12.57 -6.94
CA ASP A 33 -11.71 11.48 -6.53
C ASP A 33 -11.18 10.83 -5.24
N GLY A 34 -9.90 11.00 -4.99
CA GLY A 34 -9.28 10.42 -3.80
C GLY A 34 -8.93 8.96 -4.02
N SER A 35 -9.25 8.44 -5.21
CA SER A 35 -8.95 7.06 -5.53
C SER A 35 -7.54 6.95 -6.08
N ILE A 36 -6.80 5.96 -5.61
CA ILE A 36 -5.43 5.75 -6.06
C ILE A 36 -5.40 5.13 -7.44
N SER A 37 -5.07 5.94 -8.44
CA SER A 37 -4.98 5.46 -9.81
C SER A 37 -3.53 5.29 -10.19
N THR A 38 -3.27 4.80 -11.39
CA THR A 38 -1.90 4.62 -11.83
C THR A 38 -1.13 5.92 -11.65
N LYS A 39 -1.78 7.04 -11.96
CA LYS A 39 -1.12 8.33 -11.80
C LYS A 39 -0.85 8.63 -10.33
N GLU A 40 -1.85 8.37 -9.49
CA GLU A 40 -1.72 8.60 -8.06
C GLU A 40 -0.82 7.55 -7.44
N LEU A 41 -0.69 6.43 -8.14
CA LEU A 41 0.13 5.33 -7.65
C LEU A 41 1.60 5.59 -7.98
N GLY A 42 1.87 5.96 -9.22
CA GLY A 42 3.23 6.23 -9.65
C GLY A 42 3.85 7.38 -8.83
N LYS A 43 3.05 8.41 -8.51
CA LYS A 43 3.57 9.54 -7.74
C LYS A 43 4.33 9.03 -6.51
N VAL A 44 3.65 8.26 -5.67
CA VAL A 44 4.26 7.67 -4.48
C VAL A 44 5.38 6.71 -4.88
N MET A 45 5.16 6.01 -5.99
CA MET A 45 6.16 5.08 -6.49
C MET A 45 7.47 5.82 -6.75
N ARG A 46 7.36 7.01 -7.34
CA ARG A 46 8.54 7.83 -7.61
C ARG A 46 9.16 8.28 -6.30
N MET A 47 8.31 8.47 -5.31
CA MET A 47 8.76 8.90 -4.00
C MET A 47 9.72 7.86 -3.42
N LEU A 48 9.41 6.59 -3.67
CA LEU A 48 10.24 5.50 -3.17
C LEU A 48 11.41 5.23 -4.13
N GLY A 49 11.46 5.98 -5.22
CA GLY A 49 12.53 5.80 -6.21
C GLY A 49 12.05 4.96 -7.39
N GLN A 50 10.75 4.69 -7.43
CA GLN A 50 10.17 3.89 -8.51
C GLN A 50 9.71 4.77 -9.66
N ASN A 51 9.97 4.34 -10.87
CA ASN A 51 9.55 5.12 -12.02
C ASN A 51 8.75 4.26 -12.99
N PRO A 52 7.64 3.73 -12.54
CA PRO A 52 6.76 2.89 -13.39
C PRO A 52 5.88 3.72 -14.32
N THR A 53 5.71 3.25 -15.55
CA THR A 53 4.89 3.96 -16.51
C THR A 53 3.41 3.77 -16.18
N PRO A 54 2.60 4.72 -16.54
CA PRO A 54 1.14 4.67 -16.27
C PRO A 54 0.48 3.41 -16.83
N GLU A 55 0.87 3.05 -18.06
CA GLU A 55 0.32 1.87 -18.71
C GLU A 55 0.68 0.62 -17.91
N GLU A 56 1.91 0.58 -17.42
CA GLU A 56 2.35 -0.56 -16.63
C GLU A 56 1.81 -0.45 -15.21
N LEU A 57 1.66 0.79 -14.73
CA LEU A 57 1.13 1.04 -13.40
C LEU A 57 -0.27 0.49 -13.26
N GLN A 58 -0.97 0.40 -14.37
CA GLN A 58 -2.34 -0.08 -14.36
C GLN A 58 -2.38 -1.50 -13.78
N GLU A 59 -1.38 -2.30 -14.10
CA GLU A 59 -1.30 -3.67 -13.57
C GLU A 59 -1.21 -3.65 -12.05
N MET A 60 -0.41 -2.73 -11.52
CA MET A 60 -0.23 -2.64 -10.09
C MET A 60 -1.55 -2.26 -9.43
N ILE A 61 -2.24 -1.31 -10.06
CA ILE A 61 -3.52 -0.85 -9.56
C ILE A 61 -4.53 -1.98 -9.53
N ASP A 62 -4.55 -2.76 -10.60
CA ASP A 62 -5.47 -3.88 -10.71
C ASP A 62 -5.22 -4.88 -9.59
N GLU A 63 -3.98 -4.96 -9.12
CA GLU A 63 -3.62 -5.89 -8.05
C GLU A 63 -4.66 -5.83 -6.94
N VAL A 64 -5.08 -4.63 -6.59
CA VAL A 64 -6.08 -4.44 -5.55
C VAL A 64 -7.36 -3.89 -6.14
N ASP A 65 -7.29 -3.44 -7.39
CA ASP A 65 -8.46 -2.91 -8.07
C ASP A 65 -9.17 -4.02 -8.85
N GLU A 66 -9.67 -5.02 -8.14
CA GLU A 66 -10.37 -6.13 -8.78
C GLU A 66 -11.67 -5.65 -9.43
N ASP A 67 -12.16 -4.50 -8.99
CA ASP A 67 -13.40 -3.95 -9.53
C ASP A 67 -13.17 -3.37 -10.93
N GLY A 68 -11.91 -3.27 -11.33
CA GLY A 68 -11.58 -2.75 -12.65
C GLY A 68 -11.82 -1.25 -12.72
N SER A 69 -11.95 -0.62 -11.55
CA SER A 69 -12.17 0.81 -11.48
C SER A 69 -10.94 1.56 -11.98
N GLY A 70 -9.78 0.92 -11.86
CA GLY A 70 -8.53 1.54 -12.28
C GLY A 70 -7.95 2.38 -11.16
N THR A 71 -8.67 2.44 -10.04
CA THR A 71 -8.22 3.21 -8.89
C THR A 71 -8.42 2.42 -7.59
N VAL A 72 -7.40 2.42 -6.75
CA VAL A 72 -7.47 1.72 -5.47
C VAL A 72 -7.75 2.72 -4.35
N ASP A 73 -8.99 2.74 -3.88
CA ASP A 73 -9.38 3.64 -2.80
C ASP A 73 -8.79 3.16 -1.48
N PHE A 74 -9.33 3.68 -0.38
CA PHE A 74 -8.83 3.30 0.94
C PHE A 74 -8.93 1.79 1.14
N ASP A 75 -10.10 1.22 0.86
CA ASP A 75 -10.29 -0.21 1.04
C ASP A 75 -9.38 -1.01 0.11
N GLU A 76 -9.27 -0.55 -1.14
CA GLU A 76 -8.42 -1.24 -2.11
C GLU A 76 -6.94 -1.19 -1.71
N PHE A 77 -6.52 -0.04 -1.22
CA PHE A 77 -5.13 0.13 -0.80
C PHE A 77 -4.89 -0.65 0.49
N LEU A 78 -5.86 -0.57 1.40
CA LEU A 78 -5.75 -1.26 2.67
C LEU A 78 -5.57 -2.74 2.40
N VAL A 79 -6.25 -3.24 1.38
CA VAL A 79 -6.11 -4.65 0.99
C VAL A 79 -4.67 -4.92 0.61
N MET A 80 -4.06 -4.00 -0.13
CA MET A 80 -2.68 -4.18 -0.52
C MET A 80 -1.82 -4.45 0.70
N MET A 81 -2.05 -3.68 1.76
CA MET A 81 -1.28 -3.86 3.00
C MET A 81 -1.48 -5.26 3.56
N VAL A 82 -2.72 -5.72 3.59
CA VAL A 82 -2.99 -7.05 4.10
C VAL A 82 -2.57 -8.12 3.09
N ARG A 83 -2.58 -7.76 1.82
CA ARG A 83 -2.20 -8.70 0.78
C ARG A 83 -0.76 -9.18 0.98
N SER A 84 0.13 -8.24 1.32
CA SER A 84 1.53 -8.60 1.55
C SER A 84 1.78 -8.88 3.03
N MET A 85 0.83 -8.47 3.87
CA MET A 85 0.94 -8.67 5.31
C MET A 85 0.76 -10.15 5.67
N LYS A 86 -0.27 -10.78 5.12
CA LYS A 86 -0.53 -12.19 5.39
C LYS A 86 0.10 -13.06 4.30
N ASP A 87 0.60 -12.42 3.25
CA ASP A 87 1.22 -13.15 2.16
C ASP A 87 2.73 -13.24 2.39
N ASP A 88 3.18 -14.36 2.94
CA ASP A 88 4.59 -14.56 3.21
C ASP A 88 5.36 -14.70 1.90
N SER A 89 4.76 -15.38 0.93
CA SER A 89 5.40 -15.58 -0.37
C SER A 89 4.51 -16.41 -1.27
N LYS A 90 3.41 -15.82 -1.73
CA LYS A 90 2.49 -16.52 -2.62
C LYS A 90 1.91 -15.56 -3.65
N GLY A 91 1.88 -15.99 -4.90
CA GLY A 91 1.33 -15.16 -5.98
C GLY A 91 0.75 -16.02 -7.09
N LYS A 92 -0.05 -15.40 -7.95
CA LYS A 92 -0.68 -16.11 -9.06
C LYS A 92 0.38 -16.69 -9.99
N PHE A 93 1.56 -16.09 -9.97
CA PHE A 93 2.65 -16.54 -10.81
C PHE A 93 3.88 -15.66 -10.63
N LYS A 94 3.94 -14.56 -11.39
CA LYS A 94 5.07 -13.64 -11.29
C LYS A 94 6.39 -14.40 -11.38
N ARG A 95 6.37 -15.52 -12.10
CA ARG A 95 7.58 -16.32 -12.26
C ARG A 95 8.29 -16.49 -10.92
N PRO A 96 9.36 -17.24 -10.93
CA PRO A 96 10.19 -17.51 -9.72
C PRO A 96 11.02 -16.29 -9.34
N THR A 97 11.67 -16.36 -8.18
CA THR A 97 12.50 -15.26 -7.70
C THR A 97 11.70 -14.31 -6.81
N LEU A 98 12.05 -14.29 -5.53
CA LEU A 98 11.37 -13.43 -4.58
C LEU A 98 9.89 -13.34 -4.91
N ARG A 99 9.18 -14.46 -4.84
CA ARG A 99 7.75 -14.47 -5.14
C ARG A 99 7.01 -13.46 -4.28
N ARG A 100 7.13 -12.19 -4.66
CA ARG A 100 6.48 -11.11 -3.92
C ARG A 100 6.70 -9.77 -4.61
N VAL A 101 7.97 -9.48 -4.93
CA VAL A 101 8.34 -8.23 -5.58
C VAL A 101 7.23 -7.20 -5.42
N ARG A 102 6.82 -6.98 -4.19
CA ARG A 102 5.77 -6.02 -3.90
C ARG A 102 6.34 -4.72 -3.34
N ILE A 103 5.75 -3.60 -3.72
CA ILE A 103 6.21 -2.30 -3.24
C ILE A 103 6.59 -2.40 -1.76
N SER A 104 7.88 -2.28 -1.46
CA SER A 104 8.33 -2.37 -0.09
C SER A 104 7.38 -1.58 0.82
N ALA A 105 6.43 -2.30 1.42
CA ALA A 105 5.44 -1.65 2.28
C ALA A 105 6.12 -0.96 3.47
N ASP A 106 7.15 -1.60 4.01
CA ASP A 106 7.86 -1.03 5.15
C ASP A 106 8.26 0.41 4.88
N ALA A 107 9.31 0.57 4.09
CA ALA A 107 9.82 1.88 3.74
C ALA A 107 8.78 2.68 2.95
N MET A 108 8.01 1.99 2.11
CA MET A 108 6.99 2.66 1.31
C MET A 108 6.14 3.56 2.18
N MET A 109 5.59 3.00 3.25
CA MET A 109 4.79 3.78 4.17
C MET A 109 5.65 4.81 4.86
N GLN A 110 6.90 4.46 5.13
CA GLN A 110 7.79 5.38 5.81
C GLN A 110 7.92 6.67 5.01
N ALA A 111 8.07 6.53 3.70
CA ALA A 111 8.20 7.69 2.83
C ALA A 111 6.92 8.54 2.86
N LEU A 112 5.78 7.86 2.80
CA LEU A 112 4.50 8.58 2.81
C LEU A 112 4.32 9.32 4.13
N LEU A 113 4.69 8.67 5.22
CA LEU A 113 4.56 9.27 6.54
C LEU A 113 5.79 10.09 6.87
N GLY A 114 6.82 10.02 6.01
CA GLY A 114 8.03 10.77 6.25
C GLY A 114 8.72 10.33 7.54
N ALA A 115 8.65 9.03 7.83
CA ALA A 115 9.26 8.49 9.05
C ALA A 115 8.41 8.83 10.26
N ARG A 116 7.31 8.10 10.43
CA ARG A 116 6.42 8.36 11.57
C ARG A 116 6.60 7.27 12.63
N ALA A 117 7.50 7.52 13.56
CA ALA A 117 7.77 6.56 14.64
C ALA A 117 9.23 6.66 15.08
N LYS A 118 9.64 7.85 15.51
CA LYS A 118 11.02 8.05 15.96
C LYS A 118 12.00 7.76 14.83
N GLY A 119 13.24 7.46 15.19
CA GLY A 119 14.27 7.16 14.20
C GLY A 119 14.70 8.43 13.47
N HIS A 120 15.10 8.26 12.21
CA HIS A 120 15.56 9.40 11.41
C HIS A 120 14.65 10.59 11.64
N HIS A 121 15.19 11.79 11.42
CA HIS A 121 14.41 13.00 11.60
C HIS A 121 13.19 13.00 10.68
N HIS A 122 13.38 12.50 9.47
CA HIS A 122 12.29 12.44 8.51
C HIS A 122 12.81 12.02 7.14
N HIS A 123 13.11 13.00 6.30
CA HIS A 123 13.62 12.74 4.97
C HIS A 123 14.35 13.96 4.41
N HIS A 124 15.15 13.74 3.38
CA HIS A 124 15.90 14.83 2.77
C HIS A 124 15.78 14.79 1.26
N HIS A 125 15.41 15.93 0.66
CA HIS A 125 15.26 16.01 -0.78
C HIS A 125 16.62 15.90 -1.47
CA CA B . -11.69 0.54 -7.61
CL1 V8Y C . -1.52 -4.45 -4.26
C1 V8Y C . 2.78 -2.65 -6.86
N1 V8Y C . 4.90 -2.05 -8.58
O1 V8Y C . 4.52 -0.60 -6.46
S1 V8Y C . 3.78 -1.37 -7.57
C2 V8Y C . 3.25 -3.97 -6.95
O2 V8Y C . 2.87 -0.39 -8.31
C3 V8Y C . 2.52 -5.04 -6.41
O3 V8Y C . 12.80 -3.69 -11.82
C4 V8Y C . 1.31 -4.81 -5.77
O4 V8Y C . 11.54 -3.04 -13.54
C5 V8Y C . -0.47 -3.23 -4.99
C6 V8Y C . -0.95 -1.92 -4.88
C7 V8Y C . -0.22 -0.85 -5.42
C8 V8Y C . 1.00 -1.09 -6.06
C9 V8Y C . 1.53 -2.40 -6.19
C10 V8Y C . 0.78 -3.49 -5.64
C11 V8Y C . 6.12 -2.54 -7.91
C12 V8Y C . 7.03 -3.15 -8.98
C13 V8Y C . 7.92 -2.07 -9.61
C14 V8Y C . 9.42 -2.35 -9.46
C15 V8Y C . 10.21 -2.16 -10.75
C16 V8Y C . 10.47 -3.49 -11.47
C17 V8Y C . 11.71 -3.39 -12.35
H17 V8Y C . 4.47 -2.83 -9.04
H21 V8Y C . 4.19 -4.16 -7.45
H3 V8Y C . 2.91 -6.06 -6.50
H4 V8Y C . 0.75 -5.64 -5.36
H6 V8Y C . -1.91 -1.73 -4.38
H7 V8Y C . -0.61 0.16 -5.34
H8 V8Y C . 1.55 -0.25 -6.48
H11 V8Y C . 5.87 -3.29 -7.17
H8L V8Y C . 6.62 -1.71 -7.41
H12 V8Y C . 6.42 -3.62 -9.74
H8M V8Y C . 7.66 -3.90 -8.49
H13 V8Y C . 7.70 -1.11 -9.15
H8O V8Y C . 7.69 -2.07 -10.68
H14 V8Y C . 9.55 -3.39 -9.12
H8N V8Y C . 9.80 -1.65 -8.72
H15 V8Y C . 11.17 -1.69 -10.52
H8P V8Y C . 9.64 -1.50 -11.41
H16 V8Y C . 9.59 -3.73 -12.08
H8Q V8Y C . 10.60 -4.27 -10.72
N MET A 1 -14.00 -8.54 -4.10
CA MET A 1 -12.72 -8.23 -3.43
C MET A 1 -12.33 -9.39 -2.51
N ASP A 2 -11.06 -9.47 -2.17
CA ASP A 2 -10.57 -10.53 -1.29
C ASP A 2 -11.15 -10.37 0.11
N ASP A 3 -12.06 -11.25 0.47
CA ASP A 3 -12.69 -11.19 1.80
C ASP A 3 -11.64 -11.37 2.88
N ILE A 4 -10.69 -12.27 2.65
CA ILE A 4 -9.64 -12.51 3.63
C ILE A 4 -8.93 -11.19 3.95
N TYR A 5 -8.56 -10.46 2.91
CA TYR A 5 -7.90 -9.18 3.10
C TYR A 5 -8.91 -8.17 3.63
N LYS A 6 -10.17 -8.36 3.27
CA LYS A 6 -11.23 -7.47 3.75
C LYS A 6 -11.26 -7.48 5.27
N ALA A 7 -11.15 -8.68 5.83
CA ALA A 7 -11.10 -8.84 7.27
C ALA A 7 -9.84 -8.17 7.81
N ALA A 8 -8.77 -8.25 7.01
CA ALA A 8 -7.49 -7.64 7.39
C ALA A 8 -7.69 -6.16 7.64
N VAL A 9 -8.47 -5.51 6.78
CA VAL A 9 -8.74 -4.08 6.94
C VAL A 9 -9.46 -3.84 8.26
N GLU A 10 -10.47 -4.67 8.53
CA GLU A 10 -11.23 -4.56 9.77
C GLU A 10 -10.39 -4.99 10.97
N GLN A 11 -9.36 -5.79 10.69
CA GLN A 11 -8.48 -6.27 11.75
C GLN A 11 -7.58 -5.15 12.24
N LEU A 12 -7.19 -4.25 11.34
CA LEU A 12 -6.34 -3.14 11.71
C LEU A 12 -7.02 -2.25 12.74
N THR A 13 -6.32 -1.97 13.83
CA THR A 13 -6.87 -1.13 14.89
C THR A 13 -6.98 0.31 14.41
N GLU A 14 -7.47 1.18 15.29
CA GLU A 14 -7.64 2.58 14.93
C GLU A 14 -6.30 3.21 14.56
N GLU A 15 -5.28 2.94 15.36
CA GLU A 15 -3.96 3.51 15.10
C GLU A 15 -3.33 2.92 13.85
N GLN A 16 -3.34 1.59 13.77
CA GLN A 16 -2.75 0.90 12.63
C GLN A 16 -3.42 1.36 11.34
N LYS A 17 -4.74 1.32 11.32
CA LYS A 17 -5.49 1.74 10.14
C LYS A 17 -5.23 3.21 9.85
N ASN A 18 -5.08 4.00 10.91
CA ASN A 18 -4.83 5.43 10.76
C ASN A 18 -3.55 5.66 9.97
N GLU A 19 -2.51 4.90 10.29
CA GLU A 19 -1.24 5.03 9.59
C GLU A 19 -1.42 4.73 8.10
N PHE A 20 -2.05 3.61 7.81
CA PHE A 20 -2.30 3.23 6.42
C PHE A 20 -3.20 4.25 5.76
N LYS A 21 -4.15 4.77 6.52
CA LYS A 21 -5.07 5.77 6.00
C LYS A 21 -4.30 6.98 5.49
N ALA A 22 -3.27 7.38 6.23
CA ALA A 22 -2.45 8.51 5.84
C ALA A 22 -1.78 8.22 4.49
N ALA A 23 -1.29 6.98 4.35
CA ALA A 23 -0.66 6.58 3.09
C ALA A 23 -1.66 6.67 1.95
N PHE A 24 -2.89 6.28 2.22
CA PHE A 24 -3.94 6.32 1.20
C PHE A 24 -4.07 7.73 0.63
N ASP A 25 -4.16 8.71 1.53
CA ASP A 25 -4.29 10.10 1.10
C ASP A 25 -3.06 10.54 0.32
N ILE A 26 -1.89 10.12 0.81
CA ILE A 26 -0.63 10.47 0.15
C ILE A 26 -0.62 9.94 -1.28
N PHE A 27 -1.09 8.71 -1.45
CA PHE A 27 -1.14 8.11 -2.78
C PHE A 27 -2.02 8.94 -3.70
N VAL A 28 -3.13 9.42 -3.15
CA VAL A 28 -4.07 10.23 -3.93
C VAL A 28 -3.96 11.69 -3.55
N LEU A 29 -2.80 12.07 -3.03
CA LEU A 29 -2.59 13.46 -2.62
C LEU A 29 -2.89 14.40 -3.78
N GLY A 30 -4.02 15.09 -3.69
CA GLY A 30 -4.43 16.03 -4.75
C GLY A 30 -5.41 15.38 -5.72
N ALA A 31 -5.78 14.13 -5.43
CA ALA A 31 -6.72 13.41 -6.29
C ALA A 31 -8.11 14.01 -6.18
N GLU A 32 -8.76 14.21 -7.33
CA GLU A 32 -10.10 14.79 -7.34
C GLU A 32 -11.11 13.85 -6.72
N ASP A 33 -11.00 12.56 -7.06
CA ASP A 33 -11.92 11.56 -6.53
C ASP A 33 -11.36 10.94 -5.25
N GLY A 34 -10.06 11.07 -5.07
CA GLY A 34 -9.40 10.52 -3.88
C GLY A 34 -8.99 9.07 -4.11
N SER A 35 -9.42 8.52 -5.24
CA SER A 35 -9.09 7.14 -5.57
C SER A 35 -7.66 7.05 -6.11
N ILE A 36 -6.92 6.04 -5.68
CA ILE A 36 -5.54 5.88 -6.12
C ILE A 36 -5.48 5.32 -7.53
N SER A 37 -5.10 6.16 -8.47
CA SER A 37 -4.98 5.75 -9.87
C SER A 37 -3.51 5.50 -10.21
N THR A 38 -3.26 5.02 -11.42
CA THR A 38 -1.90 4.74 -11.84
C THR A 38 -1.02 5.99 -11.69
N LYS A 39 -1.62 7.15 -11.96
CA LYS A 39 -0.89 8.41 -11.81
C LYS A 39 -0.66 8.73 -10.33
N GLU A 40 -1.72 8.59 -9.54
CA GLU A 40 -1.64 8.83 -8.10
C GLU A 40 -0.87 7.71 -7.41
N LEU A 41 -0.79 6.56 -8.07
CA LEU A 41 -0.07 5.42 -7.51
C LEU A 41 1.43 5.53 -7.77
N GLY A 42 1.80 5.81 -9.01
CA GLY A 42 3.20 5.94 -9.37
C GLY A 42 3.85 7.10 -8.62
N LYS A 43 3.12 8.20 -8.43
CA LYS A 43 3.66 9.36 -7.72
C LYS A 43 4.38 8.91 -6.44
N VAL A 44 3.64 8.22 -5.58
CA VAL A 44 4.22 7.69 -4.35
C VAL A 44 5.31 6.67 -4.67
N MET A 45 5.11 5.94 -5.75
CA MET A 45 6.08 4.93 -6.16
C MET A 45 7.44 5.61 -6.39
N ARG A 46 7.43 6.77 -7.04
CA ARG A 46 8.65 7.52 -7.27
C ARG A 46 9.22 8.02 -5.95
N MET A 47 8.33 8.32 -5.02
CA MET A 47 8.74 8.80 -3.71
C MET A 47 9.60 7.75 -3.03
N LEU A 48 9.26 6.47 -3.23
CA LEU A 48 10.01 5.38 -2.63
C LEU A 48 11.18 4.98 -3.52
N GLY A 49 11.33 5.67 -4.65
CA GLY A 49 12.40 5.37 -5.60
C GLY A 49 11.90 4.51 -6.75
N GLN A 50 10.58 4.32 -6.82
CA GLN A 50 9.99 3.52 -7.88
C GLN A 50 9.50 4.41 -9.02
N ASN A 51 9.85 4.05 -10.25
CA ASN A 51 9.41 4.83 -11.39
C ASN A 51 8.73 3.96 -12.43
N PRO A 52 7.66 3.32 -12.05
CA PRO A 52 6.89 2.43 -12.96
C PRO A 52 6.03 3.24 -13.93
N THR A 53 6.00 2.80 -15.19
CA THR A 53 5.19 3.47 -16.20
C THR A 53 3.71 3.21 -15.96
N PRO A 54 2.88 4.10 -16.41
CA PRO A 54 1.40 3.97 -16.26
C PRO A 54 0.88 2.66 -16.83
N GLU A 55 1.50 2.21 -17.93
CA GLU A 55 1.09 0.96 -18.56
C GLU A 55 1.27 -0.21 -17.60
N GLU A 56 2.38 -0.21 -16.86
CA GLU A 56 2.66 -1.26 -15.89
C GLU A 56 1.91 -1.00 -14.59
N LEU A 57 1.82 0.27 -14.22
CA LEU A 57 1.12 0.67 -13.01
C LEU A 57 -0.36 0.29 -13.12
N GLN A 58 -0.88 0.31 -14.34
CA GLN A 58 -2.27 -0.02 -14.56
C GLN A 58 -2.57 -1.43 -14.08
N GLU A 59 -1.65 -2.36 -14.36
CA GLU A 59 -1.83 -3.75 -13.93
C GLU A 59 -1.73 -3.85 -12.41
N MET A 60 -0.77 -3.14 -11.84
CA MET A 60 -0.58 -3.15 -10.39
C MET A 60 -1.83 -2.64 -9.69
N ILE A 61 -2.45 -1.62 -10.27
CA ILE A 61 -3.67 -1.05 -9.69
C ILE A 61 -4.77 -2.09 -9.64
N ASP A 62 -4.95 -2.80 -10.75
CA ASP A 62 -5.98 -3.84 -10.83
C ASP A 62 -5.78 -4.87 -9.73
N GLU A 63 -4.53 -5.02 -9.28
CA GLU A 63 -4.23 -5.97 -8.24
C GLU A 63 -5.25 -5.87 -7.11
N VAL A 64 -5.67 -4.65 -6.81
CA VAL A 64 -6.66 -4.41 -5.76
C VAL A 64 -7.91 -3.74 -6.32
N ASP A 65 -7.80 -3.24 -7.54
CA ASP A 65 -8.93 -2.58 -8.18
C ASP A 65 -9.80 -3.61 -8.91
N GLU A 66 -10.46 -4.46 -8.14
CA GLU A 66 -11.33 -5.48 -8.71
C GLU A 66 -12.55 -4.85 -9.36
N ASP A 67 -12.82 -3.59 -9.01
CA ASP A 67 -13.98 -2.90 -9.54
C ASP A 67 -13.74 -2.48 -10.99
N GLY A 68 -12.48 -2.56 -11.43
CA GLY A 68 -12.14 -2.19 -12.80
C GLY A 68 -12.08 -0.68 -12.96
N SER A 69 -12.27 0.04 -11.86
CA SER A 69 -12.24 1.49 -11.89
C SER A 69 -10.84 1.99 -12.23
N GLY A 70 -9.86 1.12 -12.06
CA GLY A 70 -8.47 1.49 -12.33
C GLY A 70 -7.92 2.38 -11.22
N THR A 71 -8.65 2.43 -10.12
CA THR A 71 -8.24 3.25 -8.98
C THR A 71 -8.49 2.52 -7.67
N VAL A 72 -7.47 2.49 -6.83
CA VAL A 72 -7.57 1.84 -5.53
C VAL A 72 -7.91 2.86 -4.45
N ASP A 73 -9.11 2.75 -3.89
CA ASP A 73 -9.55 3.66 -2.84
C ASP A 73 -8.99 3.23 -1.49
N PHE A 74 -9.54 3.80 -0.42
CA PHE A 74 -9.07 3.46 0.92
C PHE A 74 -9.16 1.97 1.18
N ASP A 75 -10.32 1.39 0.89
CA ASP A 75 -10.53 -0.04 1.10
C ASP A 75 -9.61 -0.85 0.17
N GLU A 76 -9.54 -0.44 -1.09
CA GLU A 76 -8.70 -1.14 -2.06
C GLU A 76 -7.23 -1.01 -1.68
N PHE A 77 -6.84 0.17 -1.25
CA PHE A 77 -5.46 0.40 -0.85
C PHE A 77 -5.14 -0.39 0.42
N LEU A 78 -6.10 -0.41 1.34
CA LEU A 78 -5.92 -1.13 2.60
C LEU A 78 -5.64 -2.60 2.30
N VAL A 79 -6.33 -3.13 1.29
CA VAL A 79 -6.13 -4.50 0.88
C VAL A 79 -4.70 -4.69 0.40
N MET A 80 -4.19 -3.70 -0.32
CA MET A 80 -2.83 -3.80 -0.84
C MET A 80 -1.84 -3.97 0.31
N MET A 81 -2.08 -3.27 1.42
CA MET A 81 -1.21 -3.39 2.58
C MET A 81 -1.22 -4.81 3.12
N VAL A 82 -2.41 -5.40 3.20
CA VAL A 82 -2.55 -6.77 3.67
C VAL A 82 -2.11 -7.74 2.60
N ARG A 83 -2.30 -7.37 1.34
CA ARG A 83 -1.93 -8.24 0.24
C ARG A 83 -0.43 -8.54 0.30
N SER A 84 0.35 -7.49 0.53
CA SER A 84 1.80 -7.65 0.63
C SER A 84 2.17 -8.40 1.90
N MET A 85 1.47 -8.10 3.00
CA MET A 85 1.74 -8.76 4.27
C MET A 85 1.49 -10.24 4.16
N LYS A 86 0.42 -10.62 3.47
CA LYS A 86 0.08 -12.03 3.31
C LYS A 86 1.19 -12.76 2.54
N ASP A 87 1.70 -12.11 1.49
CA ASP A 87 2.76 -12.70 0.68
C ASP A 87 2.36 -14.09 0.19
N ASP A 88 2.48 -14.29 -1.12
CA ASP A 88 2.12 -15.58 -1.70
C ASP A 88 2.99 -16.70 -1.13
N SER A 89 4.27 -16.42 -0.97
CA SER A 89 5.20 -17.41 -0.43
C SER A 89 4.82 -17.77 1.00
N LYS A 90 4.41 -16.77 1.77
CA LYS A 90 4.02 -16.99 3.16
C LYS A 90 5.25 -17.30 4.01
N GLY A 91 5.54 -18.59 4.18
CA GLY A 91 6.69 -19.01 4.96
C GLY A 91 7.30 -20.29 4.41
N LYS A 92 6.81 -20.70 3.24
CA LYS A 92 7.32 -21.92 2.61
C LYS A 92 8.72 -21.70 2.05
N PHE A 93 9.51 -22.75 2.03
CA PHE A 93 10.87 -22.67 1.50
C PHE A 93 10.89 -22.98 0.00
N LYS A 94 11.08 -21.96 -0.80
CA LYS A 94 11.12 -22.12 -2.25
C LYS A 94 11.38 -20.79 -2.95
N ARG A 95 12.51 -20.17 -2.61
CA ARG A 95 12.88 -18.89 -3.22
C ARG A 95 14.39 -18.73 -3.27
N PRO A 96 14.85 -17.74 -3.98
CA PRO A 96 16.31 -17.46 -4.14
C PRO A 96 16.99 -17.09 -2.83
N THR A 97 16.34 -16.20 -2.07
CA THR A 97 16.89 -15.76 -0.79
C THR A 97 15.91 -14.82 -0.08
N LEU A 98 16.44 -13.75 0.51
CA LEU A 98 15.60 -12.79 1.22
C LEU A 98 15.37 -11.54 0.37
N ARG A 99 15.76 -11.62 -0.90
CA ARG A 99 15.60 -10.48 -1.81
C ARG A 99 14.12 -10.16 -2.01
N ARG A 100 13.79 -8.88 -2.08
CA ARG A 100 12.42 -8.45 -2.27
C ARG A 100 12.36 -7.14 -3.03
N VAL A 101 11.31 -6.94 -3.82
CA VAL A 101 11.15 -5.72 -4.59
C VAL A 101 9.76 -5.14 -4.37
N ARG A 102 8.79 -6.03 -4.18
CA ARG A 102 7.41 -5.60 -3.96
C ARG A 102 7.38 -4.36 -3.09
N ILE A 103 7.07 -3.20 -3.70
CA ILE A 103 7.01 -1.94 -2.96
C ILE A 103 7.04 -2.19 -1.46
N SER A 104 8.24 -2.33 -0.92
CA SER A 104 8.39 -2.60 0.51
C SER A 104 7.34 -1.84 1.29
N ALA A 105 6.36 -2.57 1.82
CA ALA A 105 5.27 -1.95 2.57
C ALA A 105 5.81 -1.20 3.78
N ASP A 106 6.80 -1.78 4.45
CA ASP A 106 7.39 -1.16 5.63
C ASP A 106 7.88 0.25 5.29
N ALA A 107 8.96 0.31 4.52
CA ALA A 107 9.53 1.59 4.13
C ALA A 107 8.53 2.38 3.29
N MET A 108 7.74 1.68 2.49
CA MET A 108 6.77 2.33 1.63
C MET A 108 5.92 3.29 2.43
N MET A 109 5.40 2.83 3.55
CA MET A 109 4.58 3.69 4.41
C MET A 109 5.45 4.74 5.08
N GLN A 110 6.72 4.41 5.29
CA GLN A 110 7.64 5.33 5.95
C GLN A 110 7.74 6.64 5.15
N ALA A 111 7.88 6.51 3.84
CA ALA A 111 7.96 7.69 2.97
C ALA A 111 6.58 8.29 2.78
N LEU A 112 5.55 7.44 2.85
CA LEU A 112 4.18 7.89 2.67
C LEU A 112 3.82 8.92 3.74
N LEU A 113 4.27 8.69 4.96
CA LEU A 113 3.98 9.60 6.04
C LEU A 113 5.00 10.73 6.07
N GLY A 114 6.05 10.59 5.27
CA GLY A 114 7.11 11.60 5.21
C GLY A 114 7.96 11.58 6.47
N ALA A 115 8.10 10.40 7.08
CA ALA A 115 8.89 10.27 8.30
C ALA A 115 8.12 10.83 9.49
N ARG A 116 6.82 10.56 9.53
CA ARG A 116 5.98 11.04 10.63
C ARG A 116 6.49 10.53 11.96
N ALA A 117 6.26 9.24 12.22
CA ALA A 117 6.69 8.63 13.48
C ALA A 117 6.69 7.11 13.36
N LYS A 118 7.05 6.45 14.45
CA LYS A 118 7.09 4.98 14.46
C LYS A 118 6.11 4.43 15.48
N GLY A 119 6.55 3.42 16.24
CA GLY A 119 5.70 2.79 17.24
C GLY A 119 5.66 3.63 18.51
N HIS A 120 5.25 3.01 19.61
CA HIS A 120 5.16 3.72 20.89
C HIS A 120 6.56 3.99 21.44
N HIS A 121 7.55 3.30 20.89
CA HIS A 121 8.93 3.47 21.33
C HIS A 121 9.90 2.91 20.30
N HIS A 122 10.22 1.62 20.44
CA HIS A 122 11.14 0.97 19.51
C HIS A 122 10.44 -0.13 18.74
N HIS A 123 9.11 -0.09 18.71
CA HIS A 123 8.34 -1.10 18.00
C HIS A 123 8.83 -2.50 18.37
N HIS A 124 9.21 -3.29 17.37
CA HIS A 124 9.69 -4.64 17.60
C HIS A 124 11.22 -4.67 17.65
N HIS A 125 11.83 -3.55 17.27
CA HIS A 125 13.29 -3.46 17.27
C HIS A 125 13.76 -2.20 17.98
CA CA B . -11.03 0.57 -7.48
CL1 V8Y C . -1.50 -5.75 -4.17
C1 V8Y C . 2.67 -3.63 -6.69
N1 V8Y C . 4.70 -2.82 -8.43
O1 V8Y C . 4.44 -1.64 -6.13
S1 V8Y C . 3.63 -2.27 -7.29
C2 V8Y C . 3.14 -4.92 -6.95
O2 V8Y C . 2.69 -1.20 -7.86
C3 V8Y C . 2.44 -6.06 -6.53
O3 V8Y C . 8.48 -9.03 -10.95
C4 V8Y C . 1.25 -5.91 -5.81
O4 V8Y C . 6.76 -10.42 -11.25
C5 V8Y C . -0.50 -4.45 -4.79
C6 V8Y C . -0.98 -3.16 -4.52
C7 V8Y C . -0.27 -2.03 -4.95
C8 V8Y C . 0.92 -2.19 -5.67
C9 V8Y C . 1.44 -3.47 -5.97
C10 V8Y C . 0.72 -4.62 -5.52
C11 V8Y C . 5.97 -3.37 -7.89
C12 V8Y C . 6.17 -4.77 -8.43
C13 V8Y C . 6.44 -4.74 -9.94
C14 V8Y C . 7.16 -6.00 -10.45
C15 V8Y C . 6.20 -7.10 -10.93
C16 V8Y C . 6.36 -8.37 -10.10
C17 V8Y C . 7.28 -9.37 -10.83
H17 V8Y C . 4.25 -3.54 -8.95
H21 V8Y C . 4.06 -5.04 -7.51
H3 V8Y C . 2.83 -7.06 -6.75
H4 V8Y C . 0.71 -6.79 -5.48
H6 V8Y C . -1.91 -3.02 -3.96
H7 V8Y C . -0.66 -1.03 -4.74
H8 V8Y C . 1.46 -1.30 -6.01
H11 V8Y C . 5.93 -3.38 -6.80
H8L V8Y C . 6.79 -2.72 -8.20
H12 V8Y C . 5.28 -5.36 -8.24
H8M V8Y C . 7.03 -5.22 -7.92
H13 V8Y C . 7.06 -3.87 -10.16
H8O V8Y C . 5.48 -4.68 -10.44
H14 V8Y C . 7.77 -6.40 -9.65
H8N V8Y C . 7.76 -5.69 -11.30
H15 V8Y C . 6.39 -7.31 -11.97
H8P V8Y C . 5.18 -6.72 -10.80
H16 V8Y C . 5.39 -8.83 -9.94
H8Q V8Y C . 6.79 -8.11 -9.14
N MET A 1 -13.49 -8.93 -4.75
CA MET A 1 -12.19 -8.71 -4.08
C MET A 1 -11.91 -9.87 -3.14
N ASP A 2 -10.81 -9.75 -2.37
CA ASP A 2 -10.44 -10.80 -1.42
C ASP A 2 -11.04 -10.53 -0.05
N ASP A 3 -11.95 -11.40 0.38
CA ASP A 3 -12.58 -11.23 1.68
C ASP A 3 -11.55 -11.33 2.79
N ILE A 4 -10.61 -12.26 2.63
CA ILE A 4 -9.58 -12.44 3.65
C ILE A 4 -8.89 -11.11 3.91
N TYR A 5 -8.52 -10.42 2.84
CA TYR A 5 -7.88 -9.13 2.99
C TYR A 5 -8.89 -8.11 3.48
N LYS A 6 -10.14 -8.31 3.07
CA LYS A 6 -11.19 -7.40 3.47
C LYS A 6 -11.24 -7.34 5.00
N ALA A 7 -11.18 -8.52 5.61
CA ALA A 7 -11.18 -8.63 7.04
C ALA A 7 -9.93 -7.96 7.59
N ALA A 8 -8.84 -8.08 6.85
CA ALA A 8 -7.57 -7.50 7.26
C ALA A 8 -7.76 -6.00 7.47
N VAL A 9 -8.52 -5.38 6.57
CA VAL A 9 -8.77 -3.95 6.68
C VAL A 9 -9.51 -3.66 7.97
N GLU A 10 -10.53 -4.45 8.25
CA GLU A 10 -11.32 -4.30 9.47
C GLU A 10 -10.50 -4.71 10.69
N GLN A 11 -9.50 -5.55 10.46
CA GLN A 11 -8.64 -6.03 11.52
C GLN A 11 -7.73 -4.91 12.02
N LEU A 12 -7.28 -4.07 11.09
CA LEU A 12 -6.40 -2.97 11.45
C LEU A 12 -7.09 -2.04 12.45
N THR A 13 -6.61 -2.05 13.69
CA THR A 13 -7.18 -1.21 14.73
C THR A 13 -7.21 0.24 14.28
N GLU A 14 -7.75 1.11 15.13
CA GLU A 14 -7.84 2.52 14.79
C GLU A 14 -6.46 3.09 14.48
N GLU A 15 -5.45 2.64 15.21
CA GLU A 15 -4.10 3.13 14.99
C GLU A 15 -3.48 2.51 13.73
N GLN A 16 -3.62 1.20 13.58
CA GLN A 16 -3.07 0.50 12.42
C GLN A 16 -3.67 1.05 11.14
N LYS A 17 -4.99 1.16 11.11
CA LYS A 17 -5.66 1.67 9.93
C LYS A 17 -5.30 3.12 9.71
N ASN A 18 -5.07 3.85 10.81
CA ASN A 18 -4.71 5.25 10.73
C ASN A 18 -3.41 5.41 9.95
N GLU A 19 -2.44 4.55 10.25
CA GLU A 19 -1.15 4.61 9.58
C GLU A 19 -1.34 4.36 8.08
N PHE A 20 -2.02 3.28 7.75
CA PHE A 20 -2.26 2.95 6.37
C PHE A 20 -3.16 4.00 5.73
N LYS A 21 -4.12 4.49 6.50
CA LYS A 21 -5.05 5.48 5.99
C LYS A 21 -4.28 6.70 5.51
N ALA A 22 -3.26 7.08 6.27
CA ALA A 22 -2.45 8.23 5.90
C ALA A 22 -1.77 7.97 4.57
N ALA A 23 -1.28 6.74 4.38
CA ALA A 23 -0.62 6.38 3.13
C ALA A 23 -1.59 6.53 1.97
N PHE A 24 -2.85 6.18 2.20
CA PHE A 24 -3.86 6.31 1.16
C PHE A 24 -3.94 7.76 0.66
N ASP A 25 -4.04 8.69 1.61
CA ASP A 25 -4.12 10.11 1.27
C ASP A 25 -2.87 10.54 0.52
N ILE A 26 -1.72 10.07 0.97
CA ILE A 26 -0.45 10.41 0.32
C ILE A 26 -0.46 9.97 -1.13
N PHE A 27 -0.91 8.75 -1.37
CA PHE A 27 -0.97 8.24 -2.73
C PHE A 27 -1.89 9.11 -3.59
N VAL A 28 -3.01 9.52 -3.00
CA VAL A 28 -3.97 10.36 -3.70
C VAL A 28 -3.88 11.79 -3.21
N LEU A 29 -2.72 12.16 -2.67
CA LEU A 29 -2.52 13.50 -2.15
C LEU A 29 -2.88 14.53 -3.21
N GLY A 30 -4.02 15.19 -3.03
CA GLY A 30 -4.48 16.21 -3.98
C GLY A 30 -5.37 15.58 -5.07
N ALA A 31 -5.68 14.31 -4.90
CA ALA A 31 -6.52 13.60 -5.87
C ALA A 31 -7.92 14.19 -5.88
N GLU A 32 -8.45 14.40 -7.09
CA GLU A 32 -9.80 14.97 -7.22
C GLU A 32 -10.85 14.02 -6.66
N ASP A 33 -10.69 12.73 -6.93
CA ASP A 33 -11.64 11.74 -6.45
C ASP A 33 -11.14 11.09 -5.15
N GLY A 34 -9.85 11.19 -4.91
CA GLY A 34 -9.25 10.61 -3.71
C GLY A 34 -8.86 9.15 -3.95
N SER A 35 -9.29 8.61 -5.09
CA SER A 35 -8.97 7.22 -5.42
C SER A 35 -7.56 7.13 -5.98
N ILE A 36 -6.80 6.12 -5.54
CA ILE A 36 -5.43 5.97 -6.00
C ILE A 36 -5.40 5.46 -7.45
N SER A 37 -5.09 6.37 -8.37
CA SER A 37 -5.01 6.01 -9.78
C SER A 37 -3.56 5.81 -10.16
N THR A 38 -3.33 5.10 -11.26
CA THR A 38 -1.97 4.84 -11.70
C THR A 38 -1.12 6.09 -11.53
N LYS A 39 -1.73 7.26 -11.70
CA LYS A 39 -1.00 8.50 -11.55
C LYS A 39 -0.75 8.78 -10.07
N GLU A 40 -1.79 8.56 -9.26
CA GLU A 40 -1.68 8.78 -7.82
C GLU A 40 -0.85 7.67 -7.17
N LEU A 41 -0.79 6.52 -7.86
CA LEU A 41 -0.05 5.39 -7.35
C LEU A 41 1.43 5.50 -7.69
N GLY A 42 1.73 5.78 -8.95
CA GLY A 42 3.12 5.90 -9.36
C GLY A 42 3.80 7.08 -8.65
N LYS A 43 3.07 8.17 -8.43
CA LYS A 43 3.64 9.34 -7.74
C LYS A 43 4.41 8.88 -6.49
N VAL A 44 3.70 8.24 -5.57
CA VAL A 44 4.32 7.72 -4.35
C VAL A 44 5.36 6.67 -4.71
N MET A 45 5.11 5.92 -5.78
CA MET A 45 6.05 4.91 -6.20
C MET A 45 7.41 5.55 -6.51
N ARG A 46 7.39 6.69 -7.18
CA ARG A 46 8.62 7.42 -7.50
C ARG A 46 9.24 7.95 -6.23
N MET A 47 8.39 8.29 -5.28
CA MET A 47 8.85 8.82 -4.01
C MET A 47 9.73 7.79 -3.30
N LEU A 48 9.37 6.52 -3.43
CA LEU A 48 10.12 5.44 -2.80
C LEU A 48 11.22 4.94 -3.74
N GLY A 49 11.35 5.59 -4.89
CA GLY A 49 12.36 5.19 -5.87
C GLY A 49 11.73 4.36 -6.99
N GLN A 50 10.45 4.07 -6.85
CA GLN A 50 9.75 3.26 -7.85
C GLN A 50 9.25 4.12 -9.00
N ASN A 51 9.55 3.72 -10.21
CA ASN A 51 9.09 4.47 -11.36
C ASN A 51 8.40 3.58 -12.37
N PRO A 52 7.33 2.96 -11.96
CA PRO A 52 6.54 2.06 -12.84
C PRO A 52 5.73 2.81 -13.88
N THR A 53 5.62 2.23 -15.08
CA THR A 53 4.86 2.87 -16.15
C THR A 53 3.36 2.76 -15.89
N PRO A 54 2.60 3.64 -16.47
CA PRO A 54 1.12 3.66 -16.31
C PRO A 54 0.47 2.35 -16.74
N GLU A 55 0.97 1.80 -17.85
CA GLU A 55 0.44 0.55 -18.37
C GLU A 55 0.66 -0.58 -17.37
N GLU A 56 1.83 -0.58 -16.73
CA GLU A 56 2.14 -1.61 -15.74
C GLU A 56 1.46 -1.28 -14.42
N LEU A 57 1.41 0.02 -14.10
CA LEU A 57 0.76 0.48 -12.88
C LEU A 57 -0.71 0.12 -12.89
N GLN A 58 -1.31 0.16 -14.07
CA GLN A 58 -2.72 -0.17 -14.20
C GLN A 58 -2.99 -1.58 -13.73
N GLU A 59 -2.10 -2.50 -14.08
CA GLU A 59 -2.25 -3.90 -13.68
C GLU A 59 -2.19 -4.01 -12.16
N MET A 60 -1.26 -3.27 -11.58
CA MET A 60 -1.08 -3.28 -10.13
C MET A 60 -2.32 -2.70 -9.45
N ILE A 61 -2.85 -1.63 -10.04
CA ILE A 61 -4.03 -0.98 -9.50
C ILE A 61 -5.22 -1.94 -9.49
N ASP A 62 -5.42 -2.60 -10.62
CA ASP A 62 -6.52 -3.55 -10.77
C ASP A 62 -6.40 -4.68 -9.74
N GLU A 63 -5.17 -4.98 -9.36
CA GLU A 63 -4.93 -6.05 -8.39
C GLU A 63 -5.75 -5.80 -7.12
N VAL A 64 -5.84 -4.53 -6.72
CA VAL A 64 -6.61 -4.17 -5.53
C VAL A 64 -7.88 -3.41 -5.89
N ASP A 65 -8.10 -3.22 -7.19
CA ASP A 65 -9.28 -2.51 -7.64
C ASP A 65 -10.46 -3.47 -7.76
N GLU A 66 -11.44 -3.32 -6.85
CA GLU A 66 -12.60 -4.20 -6.86
C GLU A 66 -13.43 -4.01 -8.13
N ASP A 67 -13.72 -2.75 -8.46
CA ASP A 67 -14.50 -2.46 -9.65
C ASP A 67 -13.59 -2.29 -10.87
N GLY A 68 -12.29 -2.30 -10.63
CA GLY A 68 -11.33 -2.15 -11.71
C GLY A 68 -11.42 -0.76 -12.35
N SER A 69 -11.86 0.21 -11.57
CA SER A 69 -12.00 1.57 -12.06
C SER A 69 -10.63 2.19 -12.32
N GLY A 70 -9.59 1.38 -12.16
CA GLY A 70 -8.23 1.86 -12.38
C GLY A 70 -7.79 2.75 -11.24
N THR A 71 -8.51 2.69 -10.13
CA THR A 71 -8.18 3.48 -8.96
C THR A 71 -8.40 2.69 -7.67
N VAL A 72 -7.37 2.68 -6.82
CA VAL A 72 -7.44 1.97 -5.55
C VAL A 72 -7.76 2.95 -4.42
N ASP A 73 -9.00 2.93 -3.95
CA ASP A 73 -9.41 3.81 -2.87
C ASP A 73 -8.85 3.31 -1.55
N PHE A 74 -9.39 3.84 -0.45
CA PHE A 74 -8.93 3.46 0.87
C PHE A 74 -9.05 1.95 1.07
N ASP A 75 -10.21 1.40 0.74
CA ASP A 75 -10.44 -0.04 0.90
C ASP A 75 -9.51 -0.83 -0.02
N GLU A 76 -9.46 -0.44 -1.30
CA GLU A 76 -8.62 -1.14 -2.26
C GLU A 76 -7.15 -1.04 -1.86
N PHE A 77 -6.75 0.14 -1.41
CA PHE A 77 -5.36 0.34 -1.01
C PHE A 77 -5.07 -0.47 0.25
N LEU A 78 -6.03 -0.47 1.17
CA LEU A 78 -5.86 -1.20 2.41
C LEU A 78 -5.56 -2.66 2.11
N VAL A 79 -6.26 -3.19 1.11
CA VAL A 79 -6.03 -4.57 0.69
C VAL A 79 -4.60 -4.74 0.23
N MET A 80 -4.11 -3.78 -0.54
CA MET A 80 -2.74 -3.84 -1.02
C MET A 80 -1.78 -4.07 0.14
N MET A 81 -1.99 -3.35 1.22
CA MET A 81 -1.13 -3.48 2.40
C MET A 81 -1.17 -4.90 2.95
N VAL A 82 -2.37 -5.43 3.08
CA VAL A 82 -2.53 -6.79 3.58
C VAL A 82 -2.14 -7.82 2.53
N ARG A 83 -2.26 -7.44 1.26
CA ARG A 83 -1.93 -8.34 0.18
C ARG A 83 -0.47 -8.76 0.26
N SER A 84 0.41 -7.80 0.50
CA SER A 84 1.83 -8.11 0.60
C SER A 84 2.22 -8.36 2.05
N MET A 85 1.37 -7.93 2.97
CA MET A 85 1.61 -8.11 4.40
C MET A 85 1.58 -9.59 4.78
N LYS A 86 0.57 -10.30 4.29
CA LYS A 86 0.44 -11.72 4.60
C LYS A 86 1.65 -12.48 4.07
N ASP A 87 2.07 -12.14 2.86
CA ASP A 87 3.23 -12.80 2.26
C ASP A 87 4.44 -11.88 2.28
N ASP A 88 4.38 -10.85 3.13
CA ASP A 88 5.47 -9.89 3.23
C ASP A 88 6.76 -10.61 3.63
N SER A 89 6.67 -11.47 4.63
CA SER A 89 7.84 -12.21 5.09
C SER A 89 9.06 -11.30 5.18
N LYS A 90 8.81 -10.00 5.38
CA LYS A 90 9.88 -9.02 5.48
C LYS A 90 11.24 -9.67 5.33
N GLY A 91 12.01 -9.71 6.42
CA GLY A 91 13.33 -10.33 6.39
C GLY A 91 14.37 -9.37 5.83
N LYS A 92 15.63 -9.79 5.88
CA LYS A 92 16.71 -8.97 5.36
C LYS A 92 18.06 -9.61 5.67
N PHE A 93 18.40 -9.66 6.95
CA PHE A 93 19.67 -10.25 7.38
C PHE A 93 19.42 -11.35 8.40
N LYS A 94 18.22 -11.38 8.96
CA LYS A 94 17.88 -12.40 9.95
C LYS A 94 17.02 -13.49 9.33
N ARG A 95 16.43 -13.19 8.17
CA ARG A 95 15.58 -14.15 7.48
C ARG A 95 16.17 -14.53 6.13
N PRO A 96 15.55 -15.45 5.46
CA PRO A 96 16.02 -15.95 4.12
C PRO A 96 16.06 -14.84 3.08
N THR A 97 16.98 -14.96 2.13
CA THR A 97 17.11 -13.96 1.08
C THR A 97 15.92 -14.04 0.12
N LEU A 98 16.21 -14.11 -1.18
CA LEU A 98 15.16 -14.19 -2.19
C LEU A 98 14.65 -12.80 -2.54
N ARG A 99 13.78 -12.73 -3.55
CA ARG A 99 13.24 -11.45 -3.99
C ARG A 99 12.03 -11.07 -3.13
N ARG A 100 10.85 -11.08 -3.73
CA ARG A 100 9.62 -10.74 -3.00
C ARG A 100 9.79 -9.42 -2.27
N VAL A 101 10.42 -8.45 -2.92
CA VAL A 101 10.63 -7.14 -2.31
C VAL A 101 9.43 -6.23 -2.56
N ARG A 102 8.99 -6.19 -3.80
CA ARG A 102 7.85 -5.36 -4.17
C ARG A 102 7.93 -4.00 -3.47
N ILE A 103 6.81 -3.28 -3.46
CA ILE A 103 6.77 -1.97 -2.82
C ILE A 103 6.86 -2.12 -1.30
N SER A 104 8.06 -2.39 -0.81
CA SER A 104 8.27 -2.55 0.63
C SER A 104 7.33 -1.62 1.40
N ALA A 105 6.31 -2.19 2.02
CA ALA A 105 5.35 -1.40 2.79
C ALA A 105 6.05 -0.66 3.92
N ASP A 106 7.01 -1.32 4.54
CA ASP A 106 7.76 -0.70 5.64
C ASP A 106 8.12 0.74 5.29
N ALA A 107 9.23 0.90 4.57
CA ALA A 107 9.68 2.22 4.18
C ALA A 107 8.65 2.92 3.30
N MET A 108 7.94 2.14 2.49
CA MET A 108 6.94 2.72 1.61
C MET A 108 6.05 3.67 2.38
N MET A 109 5.53 3.23 3.50
CA MET A 109 4.67 4.07 4.31
C MET A 109 5.50 5.08 5.07
N GLN A 110 6.75 4.74 5.36
CA GLN A 110 7.63 5.63 6.10
C GLN A 110 7.81 6.95 5.35
N ALA A 111 8.00 6.85 4.04
CA ALA A 111 8.18 8.04 3.23
C ALA A 111 6.91 8.89 3.24
N LEU A 112 5.77 8.23 3.08
CA LEU A 112 4.48 8.93 3.05
C LEU A 112 4.23 9.63 4.38
N LEU A 113 4.53 8.94 5.47
CA LEU A 113 4.33 9.50 6.79
C LEU A 113 5.52 10.39 7.17
N GLY A 114 6.60 10.28 6.42
CA GLY A 114 7.78 11.09 6.70
C GLY A 114 8.30 10.82 8.12
N ALA A 115 8.10 9.59 8.59
CA ALA A 115 8.54 9.22 9.93
C ALA A 115 7.59 9.78 10.98
N ARG A 116 6.64 10.60 10.54
CA ARG A 116 5.67 11.20 11.44
C ARG A 116 6.27 11.36 12.84
N ALA A 117 7.56 11.68 12.90
CA ALA A 117 8.24 11.84 14.19
C ALA A 117 7.99 10.64 15.09
N LYS A 118 9.07 9.98 15.51
CA LYS A 118 8.94 8.81 16.36
C LYS A 118 8.23 9.17 17.65
N GLY A 119 7.16 8.43 17.97
CA GLY A 119 6.40 8.68 19.19
C GLY A 119 7.07 8.03 20.39
N HIS A 120 6.64 8.42 21.59
CA HIS A 120 7.20 7.86 22.81
C HIS A 120 6.96 8.80 23.99
N HIS A 121 7.62 9.96 23.96
CA HIS A 121 7.47 10.93 25.02
C HIS A 121 7.73 12.35 24.50
N HIS A 122 7.26 13.34 25.25
CA HIS A 122 7.45 14.74 24.87
C HIS A 122 7.27 15.66 26.07
N HIS A 123 7.76 16.88 25.94
CA HIS A 123 7.66 17.85 27.03
C HIS A 123 7.59 19.27 26.47
N HIS A 124 7.98 20.24 27.29
CA HIS A 124 7.95 21.63 26.87
C HIS A 124 8.83 21.85 25.65
N HIS A 125 9.61 20.83 25.30
CA HIS A 125 10.49 20.91 24.15
C HIS A 125 11.43 22.11 24.27
CA CA B . -11.07 0.94 -7.99
CL1 V8Y C . -2.19 -4.98 -5.13
C1 V8Y C . 2.56 -3.51 -7.06
N1 V8Y C . 5.15 -3.11 -7.99
O1 V8Y C . 4.22 -1.55 -6.18
S1 V8Y C . 3.82 -2.32 -7.45
C2 V8Y C . 2.83 -4.85 -7.38
O2 V8Y C . 3.26 -1.34 -8.48
C3 V8Y C . 1.91 -5.86 -7.13
O3 V8Y C . 11.58 -3.36 -13.93
C4 V8Y C . 0.68 -5.55 -6.51
O4 V8Y C . 10.93 -5.47 -14.24
C5 V8Y C . -0.90 -3.86 -5.54
C6 V8Y C . -1.17 -2.52 -5.22
C7 V8Y C . -0.23 -1.51 -5.49
C8 V8Y C . 0.99 -1.85 -6.09
C9 V8Y C . 1.32 -3.17 -6.44
C10 V8Y C . 0.35 -4.22 -6.16
C11 V8Y C . 6.25 -2.24 -8.44
C12 V8Y C . 7.44 -3.09 -8.81
C13 V8Y C . 7.33 -3.56 -10.27
C14 V8Y C . 8.47 -4.51 -10.68
C15 V8Y C . 9.05 -4.21 -12.07
C16 V8Y C . 10.56 -4.48 -12.11
C17 V8Y C . 11.07 -4.43 -13.55
H17 V8Y C . 5.49 -3.71 -7.27
H21 V8Y C . 3.78 -5.11 -7.86
H3 V8Y C . 2.14 -6.90 -7.38
H4 V8Y C . -0.04 -6.36 -6.31
H6 V8Y C . -2.12 -2.25 -4.74
H7 V8Y C . -0.45 -0.48 -5.23
H8 V8Y C . 1.72 -1.06 -6.30
H11 V8Y C . 6.51 -1.55 -7.64
H8L V8Y C . 5.92 -1.64 -9.29
H12 V8Y C . 7.50 -3.95 -8.15
H8M V8Y C . 8.35 -2.49 -8.69
H13 V8Y C . 7.35 -2.69 -10.92
H8O V8Y C . 6.39 -4.11 -10.36
H14 V8Y C . 8.09 -5.53 -10.67
H8N V8Y C . 9.27 -4.38 -9.95
H15 V8Y C . 8.87 -3.17 -12.31
H8P V8Y C . 8.56 -4.86 -12.78
H16 V8Y C . 10.76 -5.47 -11.68
H8Q V8Y C . 11.07 -3.73 -11.51
N MET A 1 -12.97 -7.76 -3.39
CA MET A 1 -11.49 -7.87 -3.39
C MET A 1 -11.04 -8.75 -2.23
N ASP A 2 -10.94 -10.06 -2.49
CA ASP A 2 -10.53 -10.99 -1.44
C ASP A 2 -11.19 -10.62 -0.11
N ASP A 3 -12.23 -11.36 0.24
CA ASP A 3 -12.94 -11.10 1.50
C ASP A 3 -11.99 -11.27 2.67
N ILE A 4 -11.11 -12.26 2.60
CA ILE A 4 -10.16 -12.49 3.67
C ILE A 4 -9.41 -11.20 3.98
N TYR A 5 -8.93 -10.54 2.93
CA TYR A 5 -8.22 -9.29 3.11
C TYR A 5 -9.19 -8.20 3.53
N LYS A 6 -10.44 -8.34 3.08
CA LYS A 6 -11.46 -7.38 3.42
C LYS A 6 -11.59 -7.31 4.94
N ALA A 7 -11.64 -8.49 5.54
CA ALA A 7 -11.71 -8.59 6.98
C ALA A 7 -10.46 -8.01 7.60
N ALA A 8 -9.33 -8.20 6.91
CA ALA A 8 -8.05 -7.68 7.38
C ALA A 8 -8.14 -6.18 7.57
N VAL A 9 -8.80 -5.50 6.63
CA VAL A 9 -8.94 -4.07 6.71
C VAL A 9 -9.73 -3.71 7.96
N GLU A 10 -10.83 -4.44 8.17
CA GLU A 10 -11.67 -4.23 9.34
C GLU A 10 -10.96 -4.68 10.61
N GLN A 11 -10.05 -5.64 10.45
CA GLN A 11 -9.30 -6.17 11.58
C GLN A 11 -8.32 -5.13 12.11
N LEU A 12 -7.72 -4.36 11.21
CA LEU A 12 -6.77 -3.34 11.63
C LEU A 12 -7.43 -2.38 12.63
N THR A 13 -6.77 -2.18 13.76
CA THR A 13 -7.28 -1.29 14.79
C THR A 13 -7.36 0.14 14.27
N GLU A 14 -7.83 1.05 15.11
CA GLU A 14 -7.94 2.44 14.71
C GLU A 14 -6.57 3.00 14.37
N GLU A 15 -5.57 2.66 15.15
CA GLU A 15 -4.22 3.15 14.91
C GLU A 15 -3.62 2.52 13.65
N GLN A 16 -3.85 1.21 13.48
CA GLN A 16 -3.32 0.51 12.32
C GLN A 16 -3.90 1.07 11.03
N LYS A 17 -5.20 1.32 11.03
CA LYS A 17 -5.85 1.88 9.86
C LYS A 17 -5.44 3.33 9.68
N ASN A 18 -5.16 4.01 10.79
CA ASN A 18 -4.76 5.40 10.74
C ASN A 18 -3.45 5.54 9.96
N GLU A 19 -2.46 4.72 10.31
CA GLU A 19 -1.18 4.76 9.62
C GLU A 19 -1.36 4.40 8.15
N PHE A 20 -2.12 3.34 7.91
CA PHE A 20 -2.38 2.90 6.56
C PHE A 20 -3.22 3.93 5.82
N LYS A 21 -4.15 4.54 6.56
CA LYS A 21 -5.01 5.55 5.99
C LYS A 21 -4.19 6.72 5.48
N ALA A 22 -3.17 7.08 6.25
CA ALA A 22 -2.29 8.18 5.88
C ALA A 22 -1.62 7.88 4.55
N ALA A 23 -1.17 6.64 4.39
CA ALA A 23 -0.53 6.22 3.16
C ALA A 23 -1.51 6.36 2.00
N PHE A 24 -2.76 6.01 2.25
CA PHE A 24 -3.79 6.10 1.22
C PHE A 24 -3.88 7.53 0.68
N ASP A 25 -3.95 8.50 1.60
CA ASP A 25 -4.03 9.91 1.21
C ASP A 25 -2.79 10.33 0.45
N ILE A 26 -1.62 9.87 0.90
CA ILE A 26 -0.38 10.21 0.24
C ILE A 26 -0.42 9.77 -1.23
N PHE A 27 -0.90 8.57 -1.48
CA PHE A 27 -0.98 8.09 -2.84
C PHE A 27 -1.90 8.97 -3.68
N VAL A 28 -3.01 9.38 -3.08
CA VAL A 28 -3.97 10.25 -3.76
C VAL A 28 -3.90 11.66 -3.21
N LEU A 29 -2.74 12.03 -2.67
CA LEU A 29 -2.56 13.35 -2.10
C LEU A 29 -2.92 14.42 -3.13
N GLY A 30 -4.02 15.13 -2.88
CA GLY A 30 -4.47 16.17 -3.80
C GLY A 30 -5.35 15.61 -4.90
N ALA A 31 -5.62 14.31 -4.83
CA ALA A 31 -6.46 13.65 -5.82
C ALA A 31 -7.87 14.24 -5.80
N GLU A 32 -8.42 14.49 -6.99
CA GLU A 32 -9.75 15.06 -7.09
C GLU A 32 -10.80 14.09 -6.53
N ASP A 33 -10.63 12.80 -6.82
CA ASP A 33 -11.57 11.80 -6.35
C ASP A 33 -11.06 11.14 -5.07
N GLY A 34 -9.75 11.20 -4.87
CA GLY A 34 -9.13 10.60 -3.69
C GLY A 34 -8.77 9.15 -3.95
N SER A 35 -9.21 8.60 -5.08
CA SER A 35 -8.90 7.22 -5.41
C SER A 35 -7.49 7.12 -5.97
N ILE A 36 -6.74 6.11 -5.55
CA ILE A 36 -5.36 5.95 -6.02
C ILE A 36 -5.35 5.44 -7.46
N SER A 37 -5.05 6.34 -8.39
CA SER A 37 -4.98 5.98 -9.80
C SER A 37 -3.54 5.71 -10.20
N THR A 38 -3.34 5.15 -11.38
CA THR A 38 -1.99 4.85 -11.84
C THR A 38 -1.09 6.06 -11.67
N LYS A 39 -1.63 7.24 -11.92
CA LYS A 39 -0.86 8.46 -11.78
C LYS A 39 -0.58 8.72 -10.30
N GLU A 40 -1.62 8.66 -9.48
CA GLU A 40 -1.48 8.87 -8.05
C GLU A 40 -0.60 7.79 -7.42
N LEU A 41 -0.87 6.55 -7.82
CA LEU A 41 -0.11 5.43 -7.30
C LEU A 41 1.34 5.52 -7.73
N GLY A 42 1.56 5.75 -9.02
CA GLY A 42 2.92 5.87 -9.52
C GLY A 42 3.60 7.06 -8.87
N LYS A 43 2.83 8.10 -8.54
CA LYS A 43 3.40 9.28 -7.91
C LYS A 43 4.17 8.87 -6.65
N VAL A 44 3.51 8.15 -5.76
CA VAL A 44 4.16 7.68 -4.54
C VAL A 44 5.25 6.67 -4.91
N MET A 45 5.02 5.93 -5.99
CA MET A 45 5.98 4.94 -6.43
C MET A 45 7.30 5.63 -6.74
N ARG A 46 7.21 6.78 -7.41
CA ARG A 46 8.40 7.55 -7.73
C ARG A 46 9.01 8.11 -6.46
N MET A 47 8.15 8.51 -5.52
CA MET A 47 8.61 9.04 -4.26
C MET A 47 9.55 8.05 -3.59
N LEU A 48 9.33 6.76 -3.87
CA LEU A 48 10.16 5.72 -3.29
C LEU A 48 11.30 5.34 -4.22
N GLY A 49 11.35 5.99 -5.38
CA GLY A 49 12.38 5.72 -6.37
C GLY A 49 11.84 4.83 -7.49
N GLN A 50 10.54 4.56 -7.44
CA GLN A 50 9.92 3.71 -8.46
C GLN A 50 9.45 4.53 -9.65
N ASN A 51 9.71 4.05 -10.85
CA ASN A 51 9.27 4.79 -12.02
C ASN A 51 8.50 3.90 -12.98
N PRO A 52 7.41 3.36 -12.52
CA PRO A 52 6.56 2.46 -13.35
C PRO A 52 5.69 3.25 -14.33
N THR A 53 5.47 2.67 -15.52
CA THR A 53 4.65 3.33 -16.53
C THR A 53 3.17 3.11 -16.23
N PRO A 54 2.34 4.01 -16.67
CA PRO A 54 0.87 3.91 -16.47
C PRO A 54 0.29 2.60 -17.00
N GLU A 55 0.85 2.13 -18.11
CA GLU A 55 0.39 0.88 -18.70
C GLU A 55 0.61 -0.29 -17.74
N GLU A 56 1.76 -0.27 -17.05
CA GLU A 56 2.08 -1.33 -16.11
C GLU A 56 1.39 -1.06 -14.77
N LEU A 57 1.28 0.23 -14.43
CA LEU A 57 0.61 0.63 -13.19
C LEU A 57 -0.86 0.26 -13.23
N GLN A 58 -1.49 0.44 -14.38
CA GLN A 58 -2.90 0.14 -14.52
C GLN A 58 -3.20 -1.28 -14.06
N GLU A 59 -2.43 -2.24 -14.56
CA GLU A 59 -2.63 -3.63 -14.17
C GLU A 59 -2.37 -3.80 -12.68
N MET A 60 -1.29 -3.18 -12.21
CA MET A 60 -0.93 -3.24 -10.80
C MET A 60 -2.06 -2.69 -9.95
N ILE A 61 -2.64 -1.58 -10.39
CA ILE A 61 -3.75 -0.96 -9.68
C ILE A 61 -4.93 -1.91 -9.56
N ASP A 62 -5.30 -2.52 -10.70
CA ASP A 62 -6.42 -3.44 -10.73
C ASP A 62 -6.22 -4.57 -9.74
N GLU A 63 -4.97 -4.80 -9.36
CA GLU A 63 -4.65 -5.85 -8.40
C GLU A 63 -5.55 -5.73 -7.17
N VAL A 64 -5.79 -4.51 -6.73
CA VAL A 64 -6.62 -4.26 -5.56
C VAL A 64 -7.90 -3.51 -5.95
N ASP A 65 -7.99 -3.12 -7.21
CA ASP A 65 -9.16 -2.38 -7.68
C ASP A 65 -10.38 -3.30 -7.76
N GLU A 66 -11.37 -3.03 -6.93
CA GLU A 66 -12.58 -3.85 -6.91
C GLU A 66 -13.34 -3.74 -8.23
N ASP A 67 -13.51 -2.52 -8.73
CA ASP A 67 -14.23 -2.31 -9.98
C ASP A 67 -13.26 -2.25 -11.16
N GLY A 68 -11.97 -2.26 -10.86
CA GLY A 68 -10.95 -2.21 -11.90
C GLY A 68 -10.96 -0.86 -12.61
N SER A 69 -11.47 0.16 -11.91
CA SER A 69 -11.52 1.51 -12.48
C SER A 69 -10.13 2.10 -12.60
N GLY A 70 -9.12 1.29 -12.31
CA GLY A 70 -7.75 1.75 -12.38
C GLY A 70 -7.42 2.66 -11.21
N THR A 71 -8.26 2.60 -10.19
CA THR A 71 -8.05 3.42 -9.00
C THR A 71 -8.32 2.63 -7.73
N VAL A 72 -7.30 2.56 -6.86
CA VAL A 72 -7.43 1.84 -5.59
C VAL A 72 -7.69 2.83 -4.45
N ASP A 73 -8.92 2.85 -3.96
CA ASP A 73 -9.28 3.75 -2.88
C ASP A 73 -8.70 3.26 -1.56
N PHE A 74 -9.17 3.83 -0.45
CA PHE A 74 -8.67 3.43 0.85
C PHE A 74 -8.87 1.93 1.09
N ASP A 75 -10.09 1.45 0.88
CA ASP A 75 -10.38 0.04 1.09
C ASP A 75 -9.57 -0.82 0.13
N GLU A 76 -9.51 -0.40 -1.13
CA GLU A 76 -8.76 -1.14 -2.14
C GLU A 76 -7.28 -1.15 -1.81
N PHE A 77 -6.78 -0.03 -1.32
CA PHE A 77 -5.37 0.08 -0.96
C PHE A 77 -5.07 -0.71 0.31
N LEU A 78 -6.01 -0.66 1.26
CA LEU A 78 -5.84 -1.37 2.51
C LEU A 78 -5.62 -2.85 2.23
N VAL A 79 -6.30 -3.37 1.21
CA VAL A 79 -6.14 -4.76 0.84
C VAL A 79 -4.68 -5.02 0.46
N MET A 80 -4.09 -4.08 -0.25
CA MET A 80 -2.70 -4.24 -0.64
C MET A 80 -1.83 -4.44 0.59
N MET A 81 -2.10 -3.66 1.63
CA MET A 81 -1.32 -3.77 2.86
C MET A 81 -1.45 -5.17 3.44
N VAL A 82 -2.69 -5.65 3.52
CA VAL A 82 -2.93 -6.98 4.05
C VAL A 82 -2.42 -8.04 3.09
N ARG A 83 -2.46 -7.73 1.81
CA ARG A 83 -1.99 -8.66 0.79
C ARG A 83 -0.53 -9.01 1.04
N SER A 84 0.26 -8.02 1.42
CA SER A 84 1.67 -8.24 1.71
C SER A 84 1.86 -8.71 3.14
N MET A 85 0.87 -8.44 3.98
CA MET A 85 0.93 -8.86 5.38
C MET A 85 0.89 -10.38 5.50
N LYS A 86 0.07 -11.01 4.68
CA LYS A 86 -0.05 -12.46 4.71
C LYS A 86 1.27 -13.11 4.34
N ASP A 87 1.94 -12.57 3.32
CA ASP A 87 3.21 -13.11 2.87
C ASP A 87 4.26 -13.05 3.97
N ASP A 88 4.35 -11.89 4.63
CA ASP A 88 5.32 -11.72 5.71
C ASP A 88 4.89 -12.49 6.95
N SER A 89 3.61 -12.80 7.02
CA SER A 89 3.08 -13.54 8.17
C SER A 89 3.47 -12.87 9.48
N LYS A 90 4.69 -13.14 9.93
CA LYS A 90 5.18 -12.56 11.18
C LYS A 90 5.74 -11.16 10.95
N GLY A 91 5.27 -10.50 9.88
CA GLY A 91 5.74 -9.16 9.57
C GLY A 91 4.71 -8.12 9.98
N LYS A 92 4.94 -7.48 11.13
CA LYS A 92 4.02 -6.47 11.63
C LYS A 92 4.47 -5.07 11.21
N PHE A 93 5.74 -4.76 11.47
CA PHE A 93 6.30 -3.46 11.11
C PHE A 93 7.61 -3.22 11.84
N LYS A 94 8.24 -4.29 12.29
CA LYS A 94 9.52 -4.19 13.01
C LYS A 94 10.58 -3.53 12.12
N ARG A 95 11.84 -3.75 12.46
CA ARG A 95 12.94 -3.17 11.69
C ARG A 95 12.94 -3.73 10.27
N PRO A 96 13.73 -3.15 9.42
CA PRO A 96 13.82 -3.56 7.99
C PRO A 96 14.36 -4.98 7.85
N THR A 97 13.48 -5.90 7.49
CA THR A 97 13.88 -7.31 7.33
C THR A 97 14.42 -7.54 5.93
N LEU A 98 13.95 -8.62 5.29
CA LEU A 98 14.40 -8.95 3.94
C LEU A 98 13.61 -8.14 2.91
N ARG A 99 14.31 -7.63 1.90
CA ARG A 99 13.66 -6.85 0.85
C ARG A 99 12.85 -7.76 -0.06
N ARG A 100 11.70 -7.26 -0.51
CA ARG A 100 10.83 -8.03 -1.40
C ARG A 100 10.63 -7.29 -2.72
N VAL A 101 10.28 -8.05 -3.76
CA VAL A 101 10.07 -7.46 -5.08
C VAL A 101 8.94 -6.45 -5.03
N ARG A 102 8.04 -6.61 -4.05
CA ARG A 102 6.91 -5.69 -3.91
C ARG A 102 7.36 -4.37 -3.31
N ILE A 103 6.68 -3.29 -3.67
CA ILE A 103 7.03 -1.97 -3.16
C ILE A 103 7.28 -2.02 -1.66
N SER A 104 8.55 -2.00 -1.28
CA SER A 104 8.92 -2.05 0.14
C SER A 104 7.93 -1.23 0.97
N ALA A 105 7.00 -1.92 1.63
CA ALA A 105 6.00 -1.25 2.45
C ALA A 105 6.67 -0.46 3.57
N ASP A 106 7.72 -1.03 4.16
CA ASP A 106 8.43 -0.36 5.24
C ASP A 106 8.69 1.09 4.89
N ALA A 107 9.71 1.33 4.08
CA ALA A 107 10.06 2.68 3.66
C ALA A 107 8.91 3.33 2.92
N MET A 108 8.19 2.54 2.14
CA MET A 108 7.08 3.07 1.36
C MET A 108 6.19 3.93 2.25
N MET A 109 5.78 3.38 3.39
CA MET A 109 4.94 4.12 4.30
C MET A 109 5.74 5.24 4.95
N GLN A 110 7.03 5.02 5.12
CA GLN A 110 7.89 6.02 5.75
C GLN A 110 7.87 7.30 4.94
N ALA A 111 7.95 7.16 3.63
CA ALA A 111 7.94 8.33 2.75
C ALA A 111 6.60 9.07 2.85
N LEU A 112 5.51 8.31 2.87
CA LEU A 112 4.18 8.90 2.96
C LEU A 112 3.98 9.57 4.30
N LEU A 113 4.42 8.90 5.36
CA LEU A 113 4.27 9.45 6.70
C LEU A 113 5.36 10.50 6.96
N GLY A 114 6.31 10.62 6.05
CA GLY A 114 7.38 11.60 6.21
C GLY A 114 8.20 11.31 7.47
N ALA A 115 8.30 10.03 7.82
CA ALA A 115 9.05 9.65 9.02
C ALA A 115 8.35 10.15 10.28
N ARG A 116 7.03 10.32 10.19
CA ARG A 116 6.26 10.80 11.33
C ARG A 116 6.36 9.81 12.49
N ALA A 117 6.92 10.26 13.60
CA ALA A 117 7.07 9.41 14.77
C ALA A 117 7.80 8.12 14.41
N LYS A 118 8.48 8.13 13.27
CA LYS A 118 9.22 6.95 12.82
C LYS A 118 10.56 7.38 12.23
N GLY A 119 11.64 7.02 12.92
CA GLY A 119 12.97 7.37 12.46
C GLY A 119 13.57 8.48 13.29
N HIS A 120 14.91 8.56 13.31
CA HIS A 120 15.58 9.59 14.08
C HIS A 120 17.07 9.26 14.22
N HIS A 121 17.38 7.96 14.21
CA HIS A 121 18.76 7.51 14.34
C HIS A 121 19.56 7.91 13.10
N HIS A 122 20.82 7.47 13.06
CA HIS A 122 21.69 7.81 11.94
C HIS A 122 20.86 8.04 10.67
N HIS A 123 21.35 8.92 9.81
CA HIS A 123 20.64 9.24 8.57
C HIS A 123 20.30 7.96 7.82
N HIS A 124 19.12 7.95 7.21
CA HIS A 124 18.66 6.78 6.45
C HIS A 124 19.33 6.73 5.09
N HIS A 125 20.23 7.67 4.83
CA HIS A 125 20.93 7.73 3.55
C HIS A 125 20.11 8.48 2.52
CA CA B . -11.45 1.49 -7.83
CL1 V8Y C . -2.14 -4.94 -4.59
C1 V8Y C . 2.68 -3.48 -6.31
N1 V8Y C . 5.42 -2.99 -6.59
O1 V8Y C . 3.89 -1.11 -5.72
S1 V8Y C . 3.94 -2.29 -6.71
C2 V8Y C . 3.02 -4.83 -6.50
O2 V8Y C . 3.66 -1.74 -8.12
C3 V8Y C . 2.11 -5.85 -6.21
O3 V8Y C . 14.25 -3.96 -7.41
C4 V8Y C . 0.82 -5.54 -5.71
O4 V8Y C . 13.33 -3.62 -5.40
C5 V8Y C . -0.87 -3.80 -5.01
C6 V8Y C . -1.20 -2.45 -4.82
C7 V8Y C . -0.27 -1.45 -5.12
C8 V8Y C . 0.99 -1.79 -5.61
C9 V8Y C . 1.38 -3.14 -5.81
C10 V8Y C . 0.43 -4.18 -5.51
C11 V8Y C . 6.46 -2.38 -7.44
C12 V8Y C . 7.45 -3.46 -7.83
C13 V8Y C . 8.75 -2.84 -8.35
C14 V8Y C . 9.88 -2.83 -7.31
C15 V8Y C . 11.22 -3.31 -7.87
C16 V8Y C . 12.39 -2.51 -7.27
C17 V8Y C . 13.41 -3.45 -6.64
H17 V8Y C . 5.71 -2.95 -5.63
H21 V8Y C . 4.01 -5.09 -6.88
H3 V8Y C . 2.39 -6.90 -6.37
H4 V8Y C . 0.12 -6.34 -5.49
H6 V8Y C . -2.19 -2.18 -4.44
H7 V8Y C . -0.53 -0.41 -4.97
H8 V8Y C . 1.71 -1.00 -5.83
H11 V8Y C . 6.96 -1.60 -6.88
H8L V8Y C . 6.00 -1.94 -8.32
H12 V8Y C . 7.01 -4.09 -8.61
H8M V8Y C . 7.67 -4.08 -6.96
H13 V8Y C . 8.54 -1.82 -8.66
H8O V8Y C . 9.07 -3.45 -9.20
H14 V8Y C . 9.59 -3.48 -6.48
H8N V8Y C . 10.00 -1.79 -7.00
H15 V8Y C . 11.23 -3.20 -8.95
H8P V8Y C . 11.35 -4.36 -7.60
H16 V8Y C . 12.00 -1.81 -6.52
H8Q V8Y C . 12.85 -1.93 -8.07
N MET A 1 -12.29 -8.88 -4.39
CA MET A 1 -11.57 -7.94 -3.48
C MET A 1 -10.90 -8.75 -2.37
N ASP A 2 -10.65 -10.03 -2.64
CA ASP A 2 -10.01 -10.89 -1.65
C ASP A 2 -10.64 -10.67 -0.27
N ASP A 3 -11.63 -11.48 0.07
CA ASP A 3 -12.29 -11.36 1.35
C ASP A 3 -11.28 -11.48 2.50
N ILE A 4 -10.34 -12.40 2.35
CA ILE A 4 -9.32 -12.58 3.37
C ILE A 4 -8.65 -11.24 3.69
N TYR A 5 -8.27 -10.51 2.64
CA TYR A 5 -7.64 -9.21 2.82
C TYR A 5 -8.67 -8.22 3.33
N LYS A 6 -9.93 -8.40 2.92
CA LYS A 6 -11.00 -7.52 3.37
C LYS A 6 -11.07 -7.54 4.89
N ALA A 7 -10.96 -8.75 5.46
CA ALA A 7 -10.97 -8.90 6.91
C ALA A 7 -9.71 -8.25 7.48
N ALA A 8 -8.61 -8.32 6.72
CA ALA A 8 -7.36 -7.72 7.15
C ALA A 8 -7.57 -6.22 7.41
N VAL A 9 -8.34 -5.58 6.54
CA VAL A 9 -8.61 -4.16 6.70
C VAL A 9 -9.37 -3.93 8.00
N GLU A 10 -10.38 -4.77 8.26
CA GLU A 10 -11.17 -4.67 9.48
C GLU A 10 -10.34 -5.11 10.68
N GLN A 11 -9.32 -5.92 10.43
CA GLN A 11 -8.46 -6.43 11.49
C GLN A 11 -7.58 -5.31 12.04
N LEU A 12 -7.16 -4.40 11.17
CA LEU A 12 -6.31 -3.31 11.60
C LEU A 12 -7.02 -2.44 12.62
N THR A 13 -6.40 -2.27 13.79
CA THR A 13 -6.98 -1.46 14.85
C THR A 13 -7.16 -0.02 14.38
N GLU A 14 -7.68 0.83 15.28
CA GLU A 14 -7.91 2.23 14.94
C GLU A 14 -6.60 2.91 14.54
N GLU A 15 -5.58 2.72 15.36
CA GLU A 15 -4.27 3.34 15.09
C GLU A 15 -3.66 2.76 13.82
N GLN A 16 -3.75 1.44 13.68
CA GLN A 16 -3.17 0.78 12.51
C GLN A 16 -3.79 1.33 11.23
N LYS A 17 -5.11 1.38 11.18
CA LYS A 17 -5.81 1.88 10.01
C LYS A 17 -5.50 3.37 9.82
N ASN A 18 -5.31 4.07 10.93
CA ASN A 18 -5.01 5.50 10.87
C ASN A 18 -3.70 5.73 10.10
N GLU A 19 -2.67 4.94 10.44
CA GLU A 19 -1.39 5.06 9.76
C GLU A 19 -1.53 4.68 8.30
N PHE A 20 -2.22 3.58 8.05
CA PHE A 20 -2.43 3.12 6.68
C PHE A 20 -3.24 4.16 5.92
N LYS A 21 -4.19 4.78 6.60
CA LYS A 21 -5.03 5.81 5.98
C LYS A 21 -4.15 6.93 5.44
N ALA A 22 -3.11 7.28 6.20
CA ALA A 22 -2.20 8.34 5.78
C ALA A 22 -1.55 7.97 4.45
N ALA A 23 -1.16 6.71 4.33
CA ALA A 23 -0.55 6.23 3.09
C ALA A 23 -1.53 6.38 1.93
N PHE A 24 -2.80 6.11 2.20
CA PHE A 24 -3.83 6.23 1.18
C PHE A 24 -3.88 7.64 0.62
N ASP A 25 -3.91 8.63 1.51
CA ASP A 25 -3.97 10.03 1.10
C ASP A 25 -2.72 10.39 0.30
N ILE A 26 -1.57 9.90 0.76
CA ILE A 26 -0.32 10.19 0.08
C ILE A 26 -0.37 9.74 -1.38
N PHE A 27 -0.88 8.53 -1.59
CA PHE A 27 -0.99 8.00 -2.94
C PHE A 27 -1.94 8.86 -3.79
N VAL A 28 -3.01 9.34 -3.16
CA VAL A 28 -3.98 10.17 -3.85
C VAL A 28 -3.83 11.63 -3.44
N LEU A 29 -2.65 11.97 -2.93
CA LEU A 29 -2.39 13.34 -2.50
C LEU A 29 -2.65 14.32 -3.65
N GLY A 30 -3.80 14.98 -3.60
CA GLY A 30 -4.15 15.94 -4.64
C GLY A 30 -5.14 15.32 -5.63
N ALA A 31 -5.58 14.11 -5.34
CA ALA A 31 -6.54 13.43 -6.21
C ALA A 31 -7.90 14.10 -6.15
N GLU A 32 -8.55 14.23 -7.30
CA GLU A 32 -9.85 14.87 -7.36
C GLU A 32 -10.90 14.03 -6.64
N ASP A 33 -10.85 12.72 -6.84
CA ASP A 33 -11.82 11.82 -6.20
C ASP A 33 -11.22 11.16 -4.98
N GLY A 34 -9.90 11.23 -4.86
CA GLY A 34 -9.20 10.65 -3.73
C GLY A 34 -8.83 9.19 -4.01
N SER A 35 -9.34 8.66 -5.12
CA SER A 35 -9.04 7.27 -5.48
C SER A 35 -7.63 7.17 -6.04
N ILE A 36 -6.90 6.16 -5.60
CA ILE A 36 -5.53 5.97 -6.07
C ILE A 36 -5.49 5.43 -7.49
N SER A 37 -5.13 6.31 -8.43
CA SER A 37 -5.04 5.93 -9.83
C SER A 37 -3.59 5.70 -10.22
N THR A 38 -3.36 4.93 -11.28
CA THR A 38 -2.00 4.63 -11.71
C THR A 38 -1.12 5.86 -11.58
N LYS A 39 -1.63 7.01 -11.98
CA LYS A 39 -0.88 8.25 -11.88
C LYS A 39 -0.65 8.61 -10.41
N GLU A 40 -1.68 8.43 -9.59
CA GLU A 40 -1.58 8.72 -8.17
C GLU A 40 -0.79 7.64 -7.45
N LEU A 41 -0.74 6.46 -8.06
CA LEU A 41 -0.01 5.34 -7.48
C LEU A 41 1.48 5.42 -7.81
N GLY A 42 1.78 5.65 -9.09
CA GLY A 42 3.17 5.74 -9.52
C GLY A 42 3.89 6.89 -8.81
N LYS A 43 3.19 8.01 -8.63
CA LYS A 43 3.79 9.16 -7.95
C LYS A 43 4.50 8.72 -6.67
N VAL A 44 3.76 8.07 -5.77
CA VAL A 44 4.32 7.55 -4.54
C VAL A 44 5.36 6.50 -4.85
N MET A 45 5.12 5.72 -5.92
CA MET A 45 6.06 4.67 -6.30
C MET A 45 7.45 5.28 -6.54
N ARG A 46 7.47 6.43 -7.21
CA ARG A 46 8.73 7.15 -7.44
C ARG A 46 9.31 7.61 -6.11
N MET A 47 8.43 7.99 -5.19
CA MET A 47 8.87 8.44 -3.89
C MET A 47 9.64 7.33 -3.17
N LEU A 48 9.31 6.09 -3.50
CA LEU A 48 9.98 4.95 -2.89
C LEU A 48 11.13 4.46 -3.77
N GLY A 49 11.39 5.19 -4.86
CA GLY A 49 12.44 4.82 -5.79
C GLY A 49 11.85 4.02 -6.96
N GLN A 50 10.54 3.78 -6.92
CA GLN A 50 9.89 3.03 -7.99
C GLN A 50 9.50 3.96 -9.14
N ASN A 51 9.75 3.51 -10.36
CA ASN A 51 9.42 4.32 -11.53
C ASN A 51 8.63 3.51 -12.55
N PRO A 52 7.50 3.00 -12.14
CA PRO A 52 6.62 2.19 -13.03
C PRO A 52 5.77 3.08 -13.95
N THR A 53 5.51 2.60 -15.16
CA THR A 53 4.70 3.35 -16.11
C THR A 53 3.22 3.19 -15.81
N PRO A 54 2.43 4.16 -16.17
CA PRO A 54 0.95 4.13 -15.92
C PRO A 54 0.29 2.91 -16.55
N GLU A 55 0.72 2.55 -17.75
CA GLU A 55 0.15 1.40 -18.44
C GLU A 55 0.43 0.13 -17.64
N GLU A 56 1.63 0.04 -17.07
CA GLU A 56 2.01 -1.13 -16.28
C GLU A 56 1.42 -1.03 -14.87
N LEU A 57 1.34 0.20 -14.36
CA LEU A 57 0.78 0.44 -13.04
C LEU A 57 -0.68 0.00 -12.98
N GLN A 58 -1.35 0.08 -14.11
CA GLN A 58 -2.77 -0.31 -14.17
C GLN A 58 -2.95 -1.74 -13.69
N GLU A 59 -1.98 -2.60 -14.01
CA GLU A 59 -2.05 -4.00 -13.59
C GLU A 59 -2.06 -4.12 -12.07
N MET A 60 -1.12 -3.42 -11.43
CA MET A 60 -1.03 -3.45 -9.97
C MET A 60 -2.29 -2.85 -9.35
N ILE A 61 -2.79 -1.78 -9.96
CA ILE A 61 -3.99 -1.11 -9.47
C ILE A 61 -5.17 -2.07 -9.51
N ASP A 62 -5.32 -2.78 -10.63
CA ASP A 62 -6.41 -3.74 -10.80
C ASP A 62 -6.36 -4.80 -9.70
N GLU A 63 -5.16 -5.19 -9.30
CA GLU A 63 -4.99 -6.20 -8.26
C GLU A 63 -5.82 -5.85 -7.04
N VAL A 64 -5.80 -4.57 -6.66
CA VAL A 64 -6.56 -4.12 -5.50
C VAL A 64 -7.79 -3.33 -5.92
N ASP A 65 -8.00 -3.23 -7.23
CA ASP A 65 -9.14 -2.51 -7.76
C ASP A 65 -10.19 -3.48 -8.31
N GLU A 66 -11.11 -3.89 -7.45
CA GLU A 66 -12.16 -4.82 -7.86
C GLU A 66 -13.28 -4.08 -8.61
N ASP A 67 -13.33 -2.76 -8.42
CA ASP A 67 -14.36 -1.96 -9.07
C ASP A 67 -14.05 -1.78 -10.55
N GLY A 68 -12.83 -2.13 -10.95
CA GLY A 68 -12.43 -2.01 -12.35
C GLY A 68 -12.36 -0.55 -12.77
N SER A 69 -12.28 0.34 -11.78
CA SER A 69 -12.20 1.77 -12.06
C SER A 69 -10.75 2.20 -12.30
N GLY A 70 -9.82 1.29 -12.07
CA GLY A 70 -8.42 1.60 -12.26
C GLY A 70 -7.90 2.49 -11.15
N THR A 71 -8.65 2.55 -10.05
CA THR A 71 -8.27 3.37 -8.91
C THR A 71 -8.49 2.62 -7.60
N VAL A 72 -7.46 2.59 -6.77
CA VAL A 72 -7.55 1.90 -5.48
C VAL A 72 -7.85 2.90 -4.37
N ASP A 73 -9.08 2.90 -3.89
CA ASP A 73 -9.46 3.81 -2.81
C ASP A 73 -8.88 3.36 -1.49
N PHE A 74 -9.46 3.85 -0.39
CA PHE A 74 -8.97 3.49 0.94
C PHE A 74 -9.06 1.98 1.15
N ASP A 75 -10.22 1.41 0.86
CA ASP A 75 -10.41 -0.02 1.02
C ASP A 75 -9.49 -0.80 0.09
N GLU A 76 -9.38 -0.34 -1.15
CA GLU A 76 -8.53 -1.01 -2.14
C GLU A 76 -7.06 -0.89 -1.73
N PHE A 77 -6.67 0.29 -1.26
CA PHE A 77 -5.29 0.49 -0.84
C PHE A 77 -5.00 -0.34 0.41
N LEU A 78 -5.98 -0.42 1.30
CA LEU A 78 -5.81 -1.20 2.52
C LEU A 78 -5.49 -2.66 2.17
N VAL A 79 -6.17 -3.18 1.16
CA VAL A 79 -5.93 -4.54 0.70
C VAL A 79 -4.49 -4.66 0.20
N MET A 80 -4.02 -3.63 -0.48
CA MET A 80 -2.65 -3.64 -0.98
C MET A 80 -1.67 -3.85 0.17
N MET A 81 -1.92 -3.16 1.29
CA MET A 81 -1.05 -3.28 2.46
C MET A 81 -1.02 -4.72 2.94
N VAL A 82 -2.20 -5.32 3.04
CA VAL A 82 -2.32 -6.71 3.46
C VAL A 82 -1.90 -7.65 2.35
N ARG A 83 -2.06 -7.20 1.12
CA ARG A 83 -1.70 -8.01 -0.03
C ARG A 83 -0.21 -8.27 -0.08
N SER A 84 0.57 -7.25 0.28
CA SER A 84 2.02 -7.37 0.27
C SER A 84 2.53 -7.94 1.60
N MET A 85 2.04 -7.37 2.70
CA MET A 85 2.47 -7.82 4.02
C MET A 85 2.08 -9.28 4.25
N LYS A 86 1.15 -9.76 3.44
CA LYS A 86 0.68 -11.13 3.56
C LYS A 86 1.86 -12.10 3.49
N ASP A 87 2.85 -11.75 2.68
CA ASP A 87 4.03 -12.60 2.53
C ASP A 87 4.73 -12.78 3.88
N ASP A 88 4.46 -11.87 4.80
CA ASP A 88 5.07 -11.94 6.12
C ASP A 88 4.64 -13.22 6.85
N SER A 89 3.36 -13.58 6.70
CA SER A 89 2.83 -14.77 7.35
C SER A 89 2.32 -15.76 6.31
N LYS A 90 2.69 -15.55 5.06
CA LYS A 90 2.26 -16.44 3.98
C LYS A 90 2.96 -17.79 4.09
N GLY A 91 2.63 -18.68 3.16
CA GLY A 91 3.25 -20.01 3.15
C GLY A 91 2.66 -20.89 4.25
N LYS A 92 3.31 -22.02 4.51
CA LYS A 92 2.85 -22.95 5.54
C LYS A 92 1.44 -23.42 5.23
N PHE A 93 1.34 -24.57 4.56
CA PHE A 93 0.03 -25.12 4.21
C PHE A 93 -0.68 -24.23 3.19
N LYS A 94 0.08 -23.30 2.60
CA LYS A 94 -0.49 -22.40 1.62
C LYS A 94 0.46 -22.25 0.42
N ARG A 95 -0.11 -22.10 -0.77
CA ARG A 95 0.69 -21.94 -1.98
C ARG A 95 1.28 -20.54 -2.05
N PRO A 96 2.16 -20.31 -2.98
CA PRO A 96 2.81 -18.99 -3.17
C PRO A 96 1.96 -18.03 -3.98
N THR A 97 0.96 -17.43 -3.32
CA THR A 97 0.07 -16.50 -4.00
C THR A 97 0.86 -15.32 -4.56
N LEU A 98 1.75 -14.77 -3.74
CA LEU A 98 2.57 -13.63 -4.17
C LEU A 98 3.98 -13.75 -3.60
N ARG A 99 4.75 -14.70 -4.13
CA ARG A 99 6.12 -14.90 -3.67
C ARG A 99 6.93 -13.62 -3.86
N ARG A 100 7.60 -13.19 -2.79
CA ARG A 100 8.41 -11.97 -2.86
C ARG A 100 7.54 -10.77 -3.20
N VAL A 101 8.00 -9.58 -2.83
CA VAL A 101 7.26 -8.36 -3.11
C VAL A 101 8.21 -7.23 -3.48
N ARG A 102 7.71 -6.28 -4.28
CA ARG A 102 8.54 -5.15 -4.71
C ARG A 102 8.31 -3.95 -3.79
N ILE A 103 7.05 -3.66 -3.51
CA ILE A 103 6.73 -2.53 -2.65
C ILE A 103 6.96 -2.89 -1.17
N SER A 104 7.86 -2.18 -0.52
CA SER A 104 8.14 -2.44 0.89
C SER A 104 7.20 -1.62 1.76
N ALA A 105 6.17 -2.28 2.30
CA ALA A 105 5.20 -1.60 3.14
C ALA A 105 5.90 -0.84 4.25
N ASP A 106 6.99 -1.39 4.76
CA ASP A 106 7.73 -0.74 5.83
C ASP A 106 8.15 0.67 5.40
N ALA A 107 9.22 0.75 4.63
CA ALA A 107 9.72 2.04 4.16
C ALA A 107 8.67 2.75 3.30
N MET A 108 7.91 1.97 2.56
CA MET A 108 6.88 2.53 1.69
C MET A 108 6.09 3.61 2.45
N MET A 109 5.43 3.18 3.52
CA MET A 109 4.66 4.12 4.32
C MET A 109 5.57 5.15 4.96
N GLN A 110 6.82 4.75 5.20
CA GLN A 110 7.79 5.66 5.79
C GLN A 110 7.99 6.88 4.89
N ALA A 111 8.05 6.64 3.58
CA ALA A 111 8.23 7.73 2.62
C ALA A 111 7.02 8.66 2.65
N LEU A 112 5.85 8.07 2.77
CA LEU A 112 4.61 8.86 2.79
C LEU A 112 4.46 9.57 4.13
N LEU A 113 4.68 8.84 5.21
CA LEU A 113 4.55 9.41 6.55
C LEU A 113 5.68 10.40 6.83
N GLY A 114 6.89 10.04 6.42
CA GLY A 114 8.04 10.91 6.62
C GLY A 114 8.90 10.42 7.78
N ALA A 115 8.26 10.12 8.91
CA ALA A 115 8.97 9.65 10.09
C ALA A 115 8.02 9.50 11.26
N ARG A 116 6.84 8.96 11.01
CA ARG A 116 5.85 8.77 12.06
C ARG A 116 6.22 7.57 12.93
N ALA A 117 5.78 7.61 14.19
CA ALA A 117 6.06 6.52 15.12
C ALA A 117 7.34 6.80 15.91
N LYS A 118 7.17 7.24 17.15
CA LYS A 118 8.31 7.53 18.01
C LYS A 118 9.11 6.27 18.29
N GLY A 119 8.40 5.16 18.48
CA GLY A 119 9.04 3.89 18.77
C GLY A 119 9.63 3.89 20.18
N HIS A 120 10.94 3.75 20.26
CA HIS A 120 11.62 3.73 21.56
C HIS A 120 11.36 2.42 22.29
N HIS A 121 12.06 1.37 21.86
CA HIS A 121 11.91 0.06 22.49
C HIS A 121 12.94 -0.13 23.60
N HIS A 122 12.50 -0.71 24.71
CA HIS A 122 13.40 -0.94 25.83
C HIS A 122 14.48 -1.94 25.45
N HIS A 123 15.65 -1.79 26.07
CA HIS A 123 16.78 -2.69 25.78
C HIS A 123 16.53 -4.05 26.42
N HIS A 124 17.25 -5.06 25.94
CA HIS A 124 17.10 -6.41 26.46
C HIS A 124 17.43 -6.43 27.95
N HIS A 125 18.53 -5.78 28.32
CA HIS A 125 18.95 -5.73 29.72
C HIS A 125 17.92 -4.95 30.55
CA CA B . -11.86 0.80 -7.22
CL1 V8Y C . -1.85 -4.82 -4.65
C1 V8Y C . 2.71 -3.11 -6.79
N1 V8Y C . 4.84 -2.48 -8.47
O1 V8Y C . 4.69 -1.36 -6.13
S1 V8Y C . 3.84 -1.85 -7.32
C2 V8Y C . 3.09 -4.44 -6.99
O2 V8Y C . 3.05 -0.65 -7.86
C3 V8Y C . 2.26 -5.51 -6.59
O3 V8Y C . 10.86 -7.44 -10.44
C4 V8Y C . 1.02 -5.24 -6.01
O4 V8Y C . 10.48 -7.21 -12.63
C5 V8Y C . -0.70 -3.62 -5.19
C6 V8Y C . -1.09 -2.29 -5.00
C7 V8Y C . -0.24 -1.23 -5.39
C8 V8Y C . 1.00 -1.50 -5.98
C9 V8Y C . 1.43 -2.82 -6.19
C10 V8Y C . 0.57 -3.91 -5.79
C11 V8Y C . 6.03 -3.18 -7.94
C12 V8Y C . 7.21 -2.84 -8.82
C13 V8Y C . 7.27 -3.77 -10.04
C14 V8Y C . 8.54 -3.59 -10.88
C15 V8Y C . 8.96 -4.87 -11.63
C16 V8Y C . 10.40 -5.26 -11.26
C17 V8Y C . 10.60 -6.77 -11.47
H17 V8Y C . 4.31 -3.13 -9.02
H21 V8Y C . 4.06 -4.66 -7.44
H3 V8Y C . 2.59 -6.54 -6.76
H4 V8Y C . 0.39 -6.07 -5.71
H6 V8Y C . -2.05 -2.07 -4.54
H7 V8Y C . -0.56 -0.19 -5.23
H8 V8Y C . 1.63 -0.67 -6.27
H11 V8Y C . 5.86 -4.25 -7.93
H8L V8Y C . 6.21 -2.85 -6.92
H12 V8Y C . 8.13 -2.95 -8.24
H8M V8Y C . 7.12 -1.82 -9.16
H13 V8Y C . 6.40 -3.57 -10.66
H8O V8Y C . 7.26 -4.80 -9.66
H14 V8Y C . 9.34 -3.28 -10.23
H8N V8Y C . 8.31 -2.83 -11.63
H15 V8Y C . 8.89 -4.70 -12.70
H8P V8Y C . 8.29 -5.67 -11.32
H16 V8Y C . 10.60 -5.00 -10.23
H8Q V8Y C . 11.08 -4.71 -11.92
N MET A 1 -13.28 -7.49 -4.08
CA MET A 1 -11.87 -7.94 -4.01
C MET A 1 -11.76 -9.13 -3.06
N ASP A 2 -10.56 -9.34 -2.52
CA ASP A 2 -10.34 -10.44 -1.58
C ASP A 2 -11.05 -10.17 -0.26
N ASP A 3 -12.08 -10.97 0.04
CA ASP A 3 -12.82 -10.79 1.28
C ASP A 3 -11.90 -10.98 2.48
N ILE A 4 -11.00 -11.96 2.40
CA ILE A 4 -10.06 -12.20 3.48
C ILE A 4 -9.32 -10.91 3.83
N TYR A 5 -8.81 -10.24 2.81
CA TYR A 5 -8.11 -8.98 3.02
C TYR A 5 -9.11 -7.90 3.40
N LYS A 6 -10.33 -8.02 2.88
CA LYS A 6 -11.36 -7.05 3.19
C LYS A 6 -11.57 -7.01 4.70
N ALA A 7 -11.65 -8.19 5.30
CA ALA A 7 -11.79 -8.30 6.75
C ALA A 7 -10.54 -7.74 7.41
N ALA A 8 -9.39 -7.96 6.77
CA ALA A 8 -8.13 -7.46 7.31
C ALA A 8 -8.21 -5.95 7.48
N VAL A 9 -8.83 -5.28 6.52
CA VAL A 9 -8.97 -3.84 6.59
C VAL A 9 -9.77 -3.48 7.83
N GLU A 10 -10.89 -4.17 8.03
CA GLU A 10 -11.75 -3.95 9.20
C GLU A 10 -11.04 -4.43 10.47
N GLN A 11 -10.20 -5.44 10.31
CA GLN A 11 -9.45 -6.00 11.44
C GLN A 11 -8.40 -5.02 11.93
N LEU A 12 -7.80 -4.29 11.00
CA LEU A 12 -6.76 -3.33 11.37
C LEU A 12 -7.27 -2.40 12.46
N THR A 13 -6.51 -2.33 13.56
CA THR A 13 -6.87 -1.47 14.67
C THR A 13 -6.93 -0.02 14.22
N GLU A 14 -7.49 0.84 15.07
CA GLU A 14 -7.60 2.26 14.74
C GLU A 14 -6.23 2.87 14.52
N GLU A 15 -5.27 2.51 15.36
CA GLU A 15 -3.92 3.05 15.24
C GLU A 15 -3.22 2.48 14.01
N GLN A 16 -3.23 1.16 13.87
CA GLN A 16 -2.57 0.50 12.75
C GLN A 16 -3.21 0.95 11.43
N LYS A 17 -4.54 0.98 11.42
CA LYS A 17 -5.27 1.38 10.23
C LYS A 17 -5.01 2.86 9.94
N ASN A 18 -4.85 3.64 11.01
CA ASN A 18 -4.60 5.07 10.87
C ASN A 18 -3.35 5.30 10.04
N GLU A 19 -2.31 4.52 10.30
CA GLU A 19 -1.07 4.64 9.54
C GLU A 19 -1.32 4.33 8.07
N PHE A 20 -2.05 3.24 7.82
CA PHE A 20 -2.36 2.85 6.45
C PHE A 20 -3.24 3.90 5.78
N LYS A 21 -4.17 4.46 6.55
CA LYS A 21 -5.07 5.47 6.02
C LYS A 21 -4.26 6.67 5.53
N ALA A 22 -3.23 7.04 6.30
CA ALA A 22 -2.39 8.17 5.92
C ALA A 22 -1.72 7.88 4.58
N ALA A 23 -1.25 6.65 4.41
CA ALA A 23 -0.61 6.25 3.16
C ALA A 23 -1.59 6.37 2.01
N PHE A 24 -2.85 6.02 2.26
CA PHE A 24 -3.87 6.10 1.23
C PHE A 24 -3.98 7.53 0.69
N ASP A 25 -4.07 8.49 1.60
CA ASP A 25 -4.17 9.89 1.21
C ASP A 25 -2.93 10.33 0.46
N ILE A 26 -1.77 9.84 0.90
CA ILE A 26 -0.51 10.19 0.26
C ILE A 26 -0.54 9.82 -1.21
N PHE A 27 -0.98 8.60 -1.51
CA PHE A 27 -1.04 8.15 -2.88
C PHE A 27 -2.00 9.02 -3.69
N VAL A 28 -3.13 9.35 -3.10
CA VAL A 28 -4.13 10.19 -3.76
C VAL A 28 -4.05 11.62 -3.27
N LEU A 29 -2.89 12.00 -2.73
CA LEU A 29 -2.70 13.35 -2.21
C LEU A 29 -2.96 14.37 -3.31
N GLY A 30 -4.15 14.98 -3.27
CA GLY A 30 -4.52 15.98 -4.27
C GLY A 30 -5.45 15.38 -5.32
N ALA A 31 -5.68 14.08 -5.24
CA ALA A 31 -6.56 13.41 -6.20
C ALA A 31 -7.97 13.99 -6.13
N GLU A 32 -8.57 14.19 -7.29
CA GLU A 32 -9.92 14.75 -7.36
C GLU A 32 -10.93 13.80 -6.73
N ASP A 33 -10.78 12.51 -7.01
CA ASP A 33 -11.70 11.51 -6.47
C ASP A 33 -11.18 10.96 -5.14
N GLY A 34 -9.87 11.08 -4.93
CA GLY A 34 -9.25 10.59 -3.71
C GLY A 34 -8.84 9.13 -3.85
N SER A 35 -9.27 8.50 -4.94
CA SER A 35 -8.93 7.10 -5.20
C SER A 35 -7.54 7.01 -5.82
N ILE A 36 -6.74 6.06 -5.35
CA ILE A 36 -5.39 5.89 -5.88
C ILE A 36 -5.43 5.37 -7.31
N SER A 37 -5.17 6.26 -8.26
CA SER A 37 -5.19 5.86 -9.66
C SER A 37 -3.76 5.60 -10.14
N THR A 38 -3.62 4.80 -11.18
CA THR A 38 -2.30 4.47 -11.71
C THR A 38 -1.40 5.70 -11.67
N LYS A 39 -1.97 6.87 -11.98
CA LYS A 39 -1.20 8.11 -11.96
C LYS A 39 -0.77 8.45 -10.54
N GLU A 40 -1.72 8.34 -9.61
CA GLU A 40 -1.45 8.62 -8.20
C GLU A 40 -0.52 7.54 -7.62
N LEU A 41 -0.77 6.30 -8.02
CA LEU A 41 0.03 5.19 -7.52
C LEU A 41 1.50 5.37 -7.89
N GLY A 42 1.75 5.67 -9.16
CA GLY A 42 3.12 5.89 -9.63
C GLY A 42 3.75 7.08 -8.90
N LYS A 43 2.94 8.10 -8.63
CA LYS A 43 3.45 9.28 -7.93
C LYS A 43 4.19 8.86 -6.66
N VAL A 44 3.46 8.25 -5.73
CA VAL A 44 4.06 7.78 -4.49
C VAL A 44 5.18 6.78 -4.79
N MET A 45 5.03 6.05 -5.89
CA MET A 45 6.04 5.08 -6.28
C MET A 45 7.38 5.79 -6.49
N ARG A 46 7.34 6.96 -7.13
CA ARG A 46 8.56 7.73 -7.35
C ARG A 46 9.10 8.25 -6.03
N MET A 47 8.20 8.51 -5.10
CA MET A 47 8.58 8.99 -3.78
C MET A 47 9.47 7.97 -3.09
N LEU A 48 9.17 6.68 -3.30
CA LEU A 48 9.93 5.60 -2.69
C LEU A 48 11.09 5.18 -3.60
N GLY A 49 11.25 5.88 -4.72
CA GLY A 49 12.31 5.57 -5.67
C GLY A 49 11.78 4.75 -6.84
N GLN A 50 10.49 4.43 -6.79
CA GLN A 50 9.87 3.65 -7.85
C GLN A 50 9.41 4.54 -9.00
N ASN A 51 9.70 4.12 -10.22
CA ASN A 51 9.31 4.90 -11.38
C ASN A 51 8.62 4.05 -12.42
N PRO A 52 7.53 3.43 -12.06
CA PRO A 52 6.74 2.56 -12.97
C PRO A 52 5.91 3.37 -13.97
N THR A 53 5.54 2.74 -15.07
CA THR A 53 4.72 3.41 -16.09
C THR A 53 3.24 3.23 -15.79
N PRO A 54 2.43 4.13 -16.25
CA PRO A 54 0.95 4.07 -16.03
C PRO A 54 0.35 2.77 -16.54
N GLU A 55 0.80 2.31 -17.70
CA GLU A 55 0.30 1.06 -18.26
C GLU A 55 0.62 -0.10 -17.34
N GLU A 56 1.86 -0.13 -16.85
CA GLU A 56 2.29 -1.19 -15.93
C GLU A 56 1.63 -1.01 -14.57
N LEU A 57 1.50 0.26 -14.15
CA LEU A 57 0.89 0.58 -12.86
C LEU A 57 -0.56 0.09 -12.83
N GLN A 58 -1.16 -0.05 -14.00
CA GLN A 58 -2.54 -0.50 -14.09
C GLN A 58 -2.67 -1.93 -13.57
N GLU A 59 -1.69 -2.78 -13.88
CA GLU A 59 -1.72 -4.17 -13.45
C GLU A 59 -1.73 -4.27 -11.93
N MET A 60 -0.89 -3.47 -11.31
CA MET A 60 -0.79 -3.45 -9.84
C MET A 60 -2.07 -2.89 -9.24
N ILE A 61 -2.62 -1.86 -9.88
CA ILE A 61 -3.85 -1.24 -9.40
C ILE A 61 -5.00 -2.25 -9.43
N ASP A 62 -5.11 -2.98 -10.55
CA ASP A 62 -6.17 -3.97 -10.70
C ASP A 62 -6.07 -5.03 -9.60
N GLU A 63 -4.85 -5.39 -9.24
CA GLU A 63 -4.64 -6.38 -8.19
C GLU A 63 -5.51 -6.07 -6.98
N VAL A 64 -5.71 -4.80 -6.70
CA VAL A 64 -6.52 -4.38 -5.57
C VAL A 64 -7.72 -3.56 -6.05
N ASP A 65 -7.90 -3.47 -7.36
CA ASP A 65 -9.01 -2.73 -7.92
C ASP A 65 -9.94 -3.65 -8.70
N GLU A 66 -10.84 -4.32 -7.99
CA GLU A 66 -11.78 -5.23 -8.62
C GLU A 66 -12.80 -4.45 -9.45
N ASP A 67 -12.91 -3.15 -9.19
CA ASP A 67 -13.88 -2.33 -9.90
C ASP A 67 -13.38 -2.03 -11.32
N GLY A 68 -12.11 -2.31 -11.57
CA GLY A 68 -11.52 -2.08 -12.88
C GLY A 68 -11.48 -0.59 -13.20
N SER A 69 -11.68 0.22 -12.19
CA SER A 69 -11.66 1.68 -12.36
C SER A 69 -10.22 2.18 -12.50
N GLY A 70 -9.26 1.33 -12.18
CA GLY A 70 -7.86 1.72 -12.25
C GLY A 70 -7.49 2.63 -11.10
N THR A 71 -8.35 2.64 -10.08
CA THR A 71 -8.10 3.47 -8.90
C THR A 71 -8.35 2.69 -7.61
N VAL A 72 -7.29 2.49 -6.84
CA VAL A 72 -7.39 1.77 -5.57
C VAL A 72 -7.68 2.76 -4.42
N ASP A 73 -8.91 2.75 -3.95
CA ASP A 73 -9.30 3.63 -2.86
C ASP A 73 -8.70 3.16 -1.54
N PHE A 74 -9.24 3.65 -0.44
CA PHE A 74 -8.73 3.28 0.88
C PHE A 74 -8.82 1.76 1.07
N ASP A 75 -9.99 1.20 0.83
CA ASP A 75 -10.18 -0.23 0.97
C ASP A 75 -9.33 -1.00 -0.04
N GLU A 76 -9.31 -0.50 -1.27
CA GLU A 76 -8.54 -1.15 -2.32
C GLU A 76 -7.05 -1.15 -1.96
N PHE A 77 -6.57 -0.03 -1.44
CA PHE A 77 -5.16 0.08 -1.08
C PHE A 77 -4.90 -0.71 0.20
N LEU A 78 -5.80 -0.58 1.17
CA LEU A 78 -5.65 -1.28 2.43
C LEU A 78 -5.42 -2.76 2.17
N VAL A 79 -6.04 -3.28 1.13
CA VAL A 79 -5.88 -4.68 0.76
C VAL A 79 -4.42 -4.96 0.45
N MET A 80 -3.79 -4.08 -0.30
CA MET A 80 -2.39 -4.26 -0.67
C MET A 80 -1.54 -4.40 0.59
N MET A 81 -1.87 -3.59 1.60
CA MET A 81 -1.12 -3.64 2.86
C MET A 81 -1.25 -5.01 3.49
N VAL A 82 -2.48 -5.53 3.52
CA VAL A 82 -2.74 -6.86 4.08
C VAL A 82 -2.28 -7.94 3.12
N ARG A 83 -2.24 -7.59 1.84
CA ARG A 83 -1.82 -8.54 0.83
C ARG A 83 -0.39 -9.01 1.08
N SER A 84 0.48 -8.08 1.46
CA SER A 84 1.86 -8.41 1.74
C SER A 84 2.03 -8.87 3.19
N MET A 85 1.18 -8.33 4.07
CA MET A 85 1.22 -8.70 5.48
C MET A 85 1.00 -10.19 5.66
N LYS A 86 0.17 -10.76 4.80
CA LYS A 86 -0.12 -12.18 4.89
C LYS A 86 1.15 -12.98 5.18
N ASP A 87 2.23 -12.64 4.48
CA ASP A 87 3.51 -13.32 4.69
C ASP A 87 3.37 -14.82 4.40
N ASP A 88 2.17 -15.24 3.99
CA ASP A 88 1.91 -16.64 3.69
C ASP A 88 2.27 -16.94 2.23
N SER A 89 1.95 -16.00 1.35
CA SER A 89 2.23 -16.16 -0.06
C SER A 89 3.16 -15.06 -0.57
N LYS A 90 3.13 -13.92 0.12
CA LYS A 90 3.97 -12.79 -0.25
C LYS A 90 4.21 -11.87 0.94
N GLY A 91 5.26 -11.06 0.85
CA GLY A 91 5.59 -10.13 1.93
C GLY A 91 6.63 -10.74 2.87
N LYS A 92 6.79 -12.05 2.79
CA LYS A 92 7.77 -12.75 3.63
C LYS A 92 9.19 -12.34 3.26
N PHE A 93 9.44 -12.21 1.96
CA PHE A 93 10.77 -11.84 1.49
C PHE A 93 11.23 -10.55 2.15
N LYS A 94 12.48 -10.53 2.60
CA LYS A 94 13.04 -9.36 3.24
C LYS A 94 14.57 -9.40 3.21
N ARG A 95 15.18 -8.22 3.01
CA ARG A 95 16.64 -8.13 2.98
C ARG A 95 17.08 -6.77 2.42
N PRO A 96 18.26 -6.35 2.76
CA PRO A 96 18.82 -5.06 2.32
C PRO A 96 19.52 -5.18 0.97
N THR A 97 19.66 -6.41 0.50
CA THR A 97 20.31 -6.65 -0.77
C THR A 97 19.79 -5.68 -1.84
N LEU A 98 18.57 -5.93 -2.31
CA LEU A 98 17.96 -5.08 -3.32
C LEU A 98 16.44 -5.09 -3.17
N ARG A 99 15.80 -4.00 -3.57
CA ARG A 99 14.35 -3.89 -3.47
C ARG A 99 13.76 -3.36 -4.78
N ARG A 100 13.67 -4.22 -5.79
CA ARG A 100 13.11 -3.83 -7.08
C ARG A 100 11.83 -4.59 -7.36
N VAL A 101 11.23 -5.15 -6.32
CA VAL A 101 9.99 -5.91 -6.46
C VAL A 101 8.87 -5.25 -5.68
N ARG A 102 7.77 -6.00 -5.49
CA ARG A 102 6.62 -5.48 -4.75
C ARG A 102 7.03 -4.29 -3.89
N ILE A 103 6.30 -3.19 -4.03
CA ILE A 103 6.60 -1.98 -3.26
C ILE A 103 7.02 -2.35 -1.84
N SER A 104 8.02 -1.63 -1.33
CA SER A 104 8.51 -1.89 0.02
C SER A 104 7.53 -1.30 1.03
N ALA A 105 6.49 -2.06 1.35
CA ALA A 105 5.49 -1.59 2.30
C ALA A 105 6.14 -0.94 3.51
N ASP A 106 7.27 -1.50 3.94
CA ASP A 106 7.98 -0.94 5.09
C ASP A 106 8.34 0.53 4.86
N ALA A 107 9.49 0.76 4.25
CA ALA A 107 9.95 2.12 3.99
C ALA A 107 8.93 2.87 3.14
N MET A 108 8.15 2.13 2.37
CA MET A 108 7.14 2.75 1.52
C MET A 108 6.26 3.68 2.34
N MET A 109 5.75 3.17 3.46
CA MET A 109 4.89 3.97 4.32
C MET A 109 5.69 5.06 5.01
N GLN A 110 6.97 4.77 5.27
CA GLN A 110 7.82 5.74 5.94
C GLN A 110 7.93 7.02 5.11
N ALA A 111 8.06 6.86 3.79
CA ALA A 111 8.17 8.01 2.90
C ALA A 111 6.88 8.81 2.89
N LEU A 112 5.76 8.11 2.82
CA LEU A 112 4.45 8.76 2.79
C LEU A 112 4.21 9.54 4.07
N LEU A 113 4.52 8.91 5.21
CA LEU A 113 4.33 9.55 6.50
C LEU A 113 5.51 10.46 6.81
N GLY A 114 6.55 10.42 5.97
CA GLY A 114 7.72 11.25 6.19
C GLY A 114 8.49 10.80 7.41
N ALA A 115 8.40 9.51 7.73
CA ALA A 115 9.09 8.96 8.89
C ALA A 115 8.38 9.39 10.17
N ARG A 116 7.05 9.39 10.14
CA ARG A 116 6.27 9.77 11.30
C ARG A 116 6.16 8.62 12.29
N ALA A 117 6.35 8.91 13.57
CA ALA A 117 6.26 7.88 14.60
C ALA A 117 5.26 8.30 15.68
N LYS A 118 4.35 7.38 16.02
CA LYS A 118 3.34 7.66 17.02
C LYS A 118 3.13 6.45 17.92
N GLY A 119 3.20 6.68 19.24
CA GLY A 119 3.02 5.60 20.20
C GLY A 119 4.35 5.12 20.75
N HIS A 120 4.89 5.88 21.71
CA HIS A 120 6.17 5.52 22.32
C HIS A 120 7.26 5.39 21.25
N HIS A 121 7.24 6.29 20.28
CA HIS A 121 8.24 6.26 19.22
C HIS A 121 7.90 5.17 18.19
N HIS A 122 8.92 4.69 17.50
CA HIS A 122 8.73 3.64 16.51
C HIS A 122 8.35 2.32 17.17
N HIS A 123 7.97 1.35 16.36
CA HIS A 123 7.57 0.04 16.88
C HIS A 123 8.48 -1.05 16.32
N HIS A 124 9.78 -0.82 16.41
CA HIS A 124 10.75 -1.79 15.91
C HIS A 124 10.59 -3.13 16.62
N HIS A 125 10.45 -3.09 17.93
CA HIS A 125 10.28 -4.30 18.72
C HIS A 125 9.66 -5.41 17.86
CA CA B . -11.55 0.92 -7.89
CL1 V8Y C . -1.89 -4.69 -4.42
C1 V8Y C . 2.57 -3.21 -6.86
N1 V8Y C . 4.73 -2.72 -8.57
O1 V8Y C . 4.62 -1.53 -6.28
S1 V8Y C . 3.75 -2.01 -7.45
C2 V8Y C . 2.87 -4.56 -7.12
O2 V8Y C . 2.99 -0.81 -8.02
C3 V8Y C . 2.01 -5.57 -6.70
O3 V8Y C . 10.34 -5.72 -14.43
C4 V8Y C . 0.83 -5.26 -6.01
O4 V8Y C . 8.45 -5.02 -15.40
C5 V8Y C . -0.72 -3.55 -5.01
C6 V8Y C . -1.00 -2.20 -4.75
C7 V8Y C . -0.13 -1.19 -5.18
C8 V8Y C . 1.05 -1.52 -5.87
C9 V8Y C . 1.38 -2.87 -6.15
C10 V8Y C . 0.48 -3.90 -5.72
C11 V8Y C . 6.00 -2.02 -8.81
C12 V8Y C . 6.56 -2.45 -10.15
C13 V8Y C . 7.00 -3.92 -10.11
C14 V8Y C . 6.86 -4.63 -11.46
C15 V8Y C . 8.11 -4.52 -12.33
C16 V8Y C . 8.33 -5.80 -13.15
C17 V8Y C . 9.10 -5.49 -14.44
H17 V8Y C . 4.93 -3.65 -8.27
H21 V8Y C . 3.78 -4.82 -7.66
H3 V8Y C . 2.25 -6.62 -6.91
H4 V8Y C . 0.16 -6.06 -5.69
H6 V8Y C . -1.92 -1.94 -4.21
H7 V8Y C . -0.37 -0.15 -4.97
H8 V8Y C . 1.71 -0.72 -6.20
H11 V8Y C . 6.71 -2.26 -8.01
H8L V8Y C . 5.83 -0.94 -8.79
H12 V8Y C . 7.41 -1.83 -10.40
H8M V8Y C . 5.78 -2.33 -10.90
H13 V8Y C . 6.39 -4.44 -9.38
H8O V8Y C . 8.05 -3.93 -9.82
H14 V8Y C . 6.02 -4.19 -12.01
H8N V8Y C . 6.69 -5.68 -11.25
H15 V8Y C . 8.98 -4.34 -11.70
H8P V8Y C . 7.98 -3.68 -13.03
H16 V8Y C . 7.37 -6.24 -13.40
H8Q V8Y C . 8.91 -6.50 -12.54
N MET A 1 -14.42 -8.85 -3.95
CA MET A 1 -13.19 -8.47 -3.21
C MET A 1 -12.86 -9.55 -2.18
N ASP A 2 -11.57 -9.79 -1.97
CA ASP A 2 -11.14 -10.79 -1.00
C ASP A 2 -11.70 -10.48 0.38
N ASP A 3 -12.69 -11.26 0.80
CA ASP A 3 -13.30 -11.05 2.11
C ASP A 3 -12.26 -11.22 3.21
N ILE A 4 -11.37 -12.19 3.02
CA ILE A 4 -10.32 -12.42 4.01
C ILE A 4 -9.54 -11.13 4.24
N TYR A 5 -9.18 -10.47 3.15
CA TYR A 5 -8.46 -9.22 3.26
C TYR A 5 -9.39 -8.14 3.76
N LYS A 6 -10.67 -8.27 3.43
CA LYS A 6 -11.65 -7.31 3.86
C LYS A 6 -11.65 -7.22 5.37
N ALA A 7 -11.63 -8.38 6.00
CA ALA A 7 -11.57 -8.46 7.45
C ALA A 7 -10.26 -7.87 7.92
N ALA A 8 -9.22 -8.09 7.13
CA ALA A 8 -7.90 -7.57 7.45
C ALA A 8 -7.96 -6.07 7.63
N VAL A 9 -8.71 -5.42 6.75
CA VAL A 9 -8.85 -3.97 6.82
C VAL A 9 -9.52 -3.60 8.13
N GLU A 10 -10.60 -4.30 8.45
CA GLU A 10 -11.33 -4.06 9.68
C GLU A 10 -10.55 -4.58 10.89
N GLN A 11 -9.62 -5.49 10.63
CA GLN A 11 -8.81 -6.06 11.69
C GLN A 11 -7.81 -5.05 12.22
N LEU A 12 -7.29 -4.22 11.33
CA LEU A 12 -6.32 -3.22 11.73
C LEU A 12 -6.91 -2.33 12.83
N THR A 13 -6.17 -2.19 13.93
CA THR A 13 -6.63 -1.36 15.04
C THR A 13 -6.81 0.07 14.59
N GLU A 14 -7.46 0.88 15.42
CA GLU A 14 -7.70 2.27 15.09
C GLU A 14 -6.40 2.99 14.75
N GLU A 15 -5.35 2.67 15.51
CA GLU A 15 -4.05 3.31 15.27
C GLU A 15 -3.37 2.75 14.02
N GLN A 16 -3.36 1.43 13.90
CA GLN A 16 -2.71 0.78 12.75
C GLN A 16 -3.41 1.18 11.45
N LYS A 17 -4.74 1.18 11.48
CA LYS A 17 -5.50 1.54 10.30
C LYS A 17 -5.26 3.00 9.97
N ASN A 18 -5.10 3.82 11.00
CA ASN A 18 -4.88 5.24 10.80
C ASN A 18 -3.60 5.46 10.00
N GLU A 19 -2.56 4.72 10.37
CA GLU A 19 -1.27 4.85 9.68
C GLU A 19 -1.45 4.45 8.22
N PHE A 20 -2.12 3.32 8.00
CA PHE A 20 -2.36 2.85 6.65
C PHE A 20 -3.27 3.83 5.91
N LYS A 21 -4.25 4.36 6.62
CA LYS A 21 -5.17 5.32 6.04
C LYS A 21 -4.40 6.53 5.53
N ALA A 22 -3.42 6.95 6.31
CA ALA A 22 -2.60 8.09 5.93
C ALA A 22 -1.91 7.82 4.60
N ALA A 23 -1.42 6.59 4.44
CA ALA A 23 -0.75 6.20 3.21
C ALA A 23 -1.72 6.33 2.03
N PHE A 24 -2.96 5.94 2.27
CA PHE A 24 -3.96 6.03 1.21
C PHE A 24 -4.11 7.45 0.70
N ASP A 25 -4.23 8.39 1.63
CA ASP A 25 -4.37 9.80 1.26
C ASP A 25 -3.11 10.29 0.54
N ILE A 26 -1.96 9.84 1.02
CA ILE A 26 -0.69 10.23 0.40
C ILE A 26 -0.67 9.86 -1.08
N PHE A 27 -1.12 8.66 -1.39
CA PHE A 27 -1.14 8.23 -2.79
C PHE A 27 -2.03 9.13 -3.61
N VAL A 28 -3.19 9.48 -3.05
CA VAL A 28 -4.13 10.36 -3.73
C VAL A 28 -4.04 11.77 -3.19
N LEU A 29 -2.88 12.12 -2.64
CA LEU A 29 -2.68 13.45 -2.08
C LEU A 29 -2.96 14.51 -3.14
N GLY A 30 -4.08 15.22 -2.98
CA GLY A 30 -4.46 16.26 -3.93
C GLY A 30 -5.25 15.68 -5.11
N ALA A 31 -5.57 14.39 -5.03
CA ALA A 31 -6.31 13.72 -6.10
C ALA A 31 -7.71 14.32 -6.21
N GLU A 32 -8.17 14.51 -7.45
CA GLU A 32 -9.49 15.07 -7.68
C GLU A 32 -10.58 14.15 -7.15
N ASP A 33 -10.42 12.84 -7.37
CA ASP A 33 -11.40 11.87 -6.92
C ASP A 33 -10.97 11.27 -5.57
N GLY A 34 -9.67 11.33 -5.29
CA GLY A 34 -9.13 10.80 -4.05
C GLY A 34 -8.77 9.32 -4.20
N SER A 35 -9.15 8.75 -5.33
CA SER A 35 -8.86 7.34 -5.59
C SER A 35 -7.45 7.19 -6.15
N ILE A 36 -6.73 6.20 -5.66
CA ILE A 36 -5.35 5.98 -6.12
C ILE A 36 -5.32 5.40 -7.53
N SER A 37 -4.96 6.23 -8.49
CA SER A 37 -4.86 5.80 -9.89
C SER A 37 -3.42 5.56 -10.26
N THR A 38 -3.18 5.25 -11.54
CA THR A 38 -1.82 5.02 -12.00
C THR A 38 -0.99 6.29 -11.86
N LYS A 39 -1.64 7.43 -11.98
CA LYS A 39 -0.93 8.71 -11.84
C LYS A 39 -0.58 8.95 -10.37
N GLU A 40 -1.57 8.81 -9.50
CA GLU A 40 -1.36 8.97 -8.06
C GLU A 40 -0.53 7.83 -7.50
N LEU A 41 -0.81 6.62 -7.96
CA LEU A 41 -0.09 5.45 -7.49
C LEU A 41 1.39 5.56 -7.84
N GLY A 42 1.69 5.84 -9.10
CA GLY A 42 3.08 5.98 -9.52
C GLY A 42 3.72 7.17 -8.83
N LYS A 43 2.92 8.20 -8.54
CA LYS A 43 3.45 9.40 -7.88
C LYS A 43 4.17 9.02 -6.59
N VAL A 44 3.51 8.22 -5.76
CA VAL A 44 4.13 7.76 -4.52
C VAL A 44 5.20 6.72 -4.85
N MET A 45 5.00 5.98 -5.92
CA MET A 45 5.96 4.97 -6.31
C MET A 45 7.32 5.62 -6.57
N ARG A 46 7.31 6.74 -7.28
CA ARG A 46 8.53 7.47 -7.55
C ARG A 46 9.09 8.06 -6.27
N MET A 47 8.19 8.51 -5.41
CA MET A 47 8.59 9.10 -4.14
C MET A 47 9.51 8.13 -3.40
N LEU A 48 9.30 6.84 -3.63
CA LEU A 48 10.11 5.83 -2.98
C LEU A 48 11.30 5.43 -3.84
N GLY A 49 11.33 5.97 -5.06
CA GLY A 49 12.42 5.67 -6.00
C GLY A 49 11.93 4.73 -7.10
N GLN A 50 10.64 4.47 -7.13
CA GLN A 50 10.06 3.58 -8.14
C GLN A 50 9.74 4.32 -9.42
N ASN A 51 10.02 3.71 -10.56
CA ASN A 51 9.73 4.38 -11.82
C ASN A 51 8.89 3.48 -12.70
N PRO A 52 7.74 3.10 -12.22
CA PRO A 52 6.80 2.23 -12.98
C PRO A 52 5.98 3.00 -14.01
N THR A 53 5.75 2.37 -15.16
CA THR A 53 4.97 2.98 -16.23
C THR A 53 3.49 2.82 -15.95
N PRO A 54 2.69 3.63 -16.57
CA PRO A 54 1.21 3.60 -16.40
C PRO A 54 0.63 2.22 -16.73
N GLU A 55 1.21 1.57 -17.74
CA GLU A 55 0.73 0.25 -18.15
C GLU A 55 0.90 -0.76 -17.00
N GLU A 56 2.10 -0.79 -16.43
CA GLU A 56 2.37 -1.71 -15.33
C GLU A 56 1.66 -1.24 -14.07
N LEU A 57 1.59 0.09 -13.91
CA LEU A 57 0.90 0.67 -12.76
C LEU A 57 -0.59 0.35 -12.82
N GLN A 58 -1.15 0.45 -14.00
CA GLN A 58 -2.58 0.18 -14.16
C GLN A 58 -2.88 -1.27 -13.77
N GLU A 59 -2.03 -2.19 -14.19
CA GLU A 59 -2.24 -3.60 -13.85
C GLU A 59 -2.17 -3.83 -12.34
N MET A 60 -1.10 -3.34 -11.74
CA MET A 60 -0.94 -3.49 -10.29
C MET A 60 -2.11 -2.85 -9.56
N ILE A 61 -2.62 -1.77 -10.12
CA ILE A 61 -3.77 -1.09 -9.53
C ILE A 61 -4.97 -2.02 -9.50
N ASP A 62 -5.19 -2.72 -10.61
CA ASP A 62 -6.32 -3.64 -10.71
C ASP A 62 -6.21 -4.74 -9.67
N GLU A 63 -4.98 -5.04 -9.28
CA GLU A 63 -4.75 -6.08 -8.28
C GLU A 63 -5.66 -5.89 -7.07
N VAL A 64 -5.86 -4.64 -6.67
CA VAL A 64 -6.72 -4.33 -5.53
C VAL A 64 -7.98 -3.61 -5.97
N ASP A 65 -8.08 -3.32 -7.26
CA ASP A 65 -9.26 -2.64 -7.78
C ASP A 65 -10.40 -3.62 -7.96
N GLU A 66 -11.38 -3.58 -7.06
CA GLU A 66 -12.52 -4.48 -7.13
C GLU A 66 -13.34 -4.25 -8.40
N ASP A 67 -13.61 -2.99 -8.71
CA ASP A 67 -14.39 -2.65 -9.90
C ASP A 67 -13.48 -2.42 -11.10
N GLY A 68 -12.18 -2.56 -10.89
CA GLY A 68 -11.22 -2.37 -11.98
C GLY A 68 -11.32 -0.96 -12.55
N SER A 69 -11.70 -0.02 -11.70
CA SER A 69 -11.83 1.38 -12.12
C SER A 69 -10.46 1.99 -12.41
N GLY A 70 -9.41 1.19 -12.22
CA GLY A 70 -8.06 1.66 -12.46
C GLY A 70 -7.60 2.53 -11.30
N THR A 71 -8.34 2.47 -10.20
CA THR A 71 -8.00 3.25 -9.02
C THR A 71 -8.22 2.44 -7.74
N VAL A 72 -7.22 2.47 -6.86
CA VAL A 72 -7.30 1.75 -5.59
C VAL A 72 -7.64 2.73 -4.45
N ASP A 73 -8.85 2.62 -3.93
CA ASP A 73 -9.28 3.49 -2.84
C ASP A 73 -8.70 2.99 -1.52
N PHE A 74 -9.18 3.56 -0.42
CA PHE A 74 -8.69 3.17 0.89
C PHE A 74 -8.82 1.66 1.09
N ASP A 75 -10.01 1.14 0.82
CA ASP A 75 -10.24 -0.29 0.97
C ASP A 75 -9.35 -1.09 0.03
N GLU A 76 -9.24 -0.63 -1.21
CA GLU A 76 -8.42 -1.32 -2.21
C GLU A 76 -6.95 -1.28 -1.80
N PHE A 77 -6.52 -0.13 -1.31
CA PHE A 77 -5.13 0.03 -0.88
C PHE A 77 -4.89 -0.79 0.38
N LEU A 78 -5.82 -0.70 1.32
CA LEU A 78 -5.70 -1.42 2.58
C LEU A 78 -5.55 -2.91 2.27
N VAL A 79 -6.28 -3.37 1.25
CA VAL A 79 -6.20 -4.75 0.84
C VAL A 79 -4.79 -5.10 0.41
N MET A 80 -4.18 -4.20 -0.34
CA MET A 80 -2.82 -4.42 -0.80
C MET A 80 -1.90 -4.70 0.36
N MET A 81 -2.05 -3.94 1.44
CA MET A 81 -1.22 -4.13 2.62
C MET A 81 -1.38 -5.55 3.16
N VAL A 82 -2.63 -5.98 3.25
CA VAL A 82 -2.93 -7.33 3.73
C VAL A 82 -2.54 -8.36 2.68
N ARG A 83 -2.65 -7.99 1.43
CA ARG A 83 -2.31 -8.89 0.34
C ARG A 83 -0.84 -9.29 0.43
N SER A 84 0.03 -8.31 0.69
CA SER A 84 1.46 -8.58 0.82
C SER A 84 1.74 -9.36 2.10
N MET A 85 0.97 -9.06 3.15
CA MET A 85 1.15 -9.74 4.42
C MET A 85 0.88 -11.23 4.29
N LYS A 86 -0.14 -11.58 3.52
CA LYS A 86 -0.49 -12.98 3.33
C LYS A 86 0.58 -13.69 2.50
N ASP A 87 1.05 -13.01 1.46
CA ASP A 87 2.07 -13.57 0.57
C ASP A 87 3.44 -13.02 0.92
N ASP A 88 3.55 -12.38 2.10
CA ASP A 88 4.80 -11.82 2.54
C ASP A 88 5.90 -12.89 2.59
N SER A 89 5.59 -14.01 3.21
CA SER A 89 6.56 -15.10 3.32
C SER A 89 5.88 -16.45 3.15
N LYS A 90 6.45 -17.30 2.31
CA LYS A 90 5.89 -18.63 2.09
C LYS A 90 5.87 -19.43 3.38
N GLY A 91 6.99 -19.38 4.10
CA GLY A 91 7.10 -20.11 5.36
C GLY A 91 7.47 -19.15 6.50
N LYS A 92 8.74 -19.18 6.90
CA LYS A 92 9.20 -18.32 7.98
C LYS A 92 10.31 -17.39 7.49
N PHE A 93 11.42 -17.99 7.06
CA PHE A 93 12.55 -17.21 6.56
C PHE A 93 13.32 -17.99 5.50
N LYS A 94 14.34 -18.71 5.94
CA LYS A 94 15.16 -19.49 5.03
C LYS A 94 15.22 -18.84 3.65
N ARG A 95 14.27 -19.19 2.79
CA ARG A 95 14.21 -18.64 1.43
C ARG A 95 12.89 -17.89 1.23
N PRO A 96 12.84 -17.12 0.19
CA PRO A 96 11.66 -16.29 -0.15
C PRO A 96 10.59 -17.08 -0.90
N THR A 97 9.38 -16.52 -0.98
CA THR A 97 8.29 -17.19 -1.66
C THR A 97 8.59 -17.34 -3.14
N LEU A 98 8.06 -16.43 -3.94
CA LEU A 98 8.28 -16.49 -5.38
C LEU A 98 8.84 -15.16 -5.90
N ARG A 99 7.95 -14.19 -6.11
CA ARG A 99 8.36 -12.89 -6.60
C ARG A 99 8.20 -11.84 -5.51
N ARG A 100 9.26 -11.07 -5.27
CA ARG A 100 9.23 -10.04 -4.24
C ARG A 100 9.35 -8.67 -4.86
N VAL A 101 9.80 -7.69 -4.07
CA VAL A 101 9.95 -6.33 -4.56
C VAL A 101 8.59 -5.63 -4.63
N ARG A 102 7.80 -5.79 -3.58
CA ARG A 102 6.47 -5.17 -3.54
C ARG A 102 6.52 -3.86 -2.77
N ILE A 103 6.85 -2.78 -3.48
CA ILE A 103 6.93 -1.46 -2.86
C ILE A 103 7.01 -1.58 -1.34
N SER A 104 8.16 -2.00 -0.84
CA SER A 104 8.34 -2.16 0.60
C SER A 104 7.42 -1.22 1.37
N ALA A 105 6.44 -1.79 2.05
CA ALA A 105 5.49 -1.00 2.83
C ALA A 105 6.21 -0.20 3.90
N ASP A 106 7.20 -0.82 4.54
CA ASP A 106 7.97 -0.16 5.58
C ASP A 106 8.33 1.25 5.17
N ALA A 107 9.37 1.37 4.37
CA ALA A 107 9.82 2.67 3.90
C ALA A 107 8.73 3.36 3.08
N MET A 108 7.97 2.57 2.33
CA MET A 108 6.90 3.13 1.52
C MET A 108 6.02 4.05 2.36
N MET A 109 5.56 3.54 3.50
CA MET A 109 4.73 4.34 4.37
C MET A 109 5.56 5.44 5.02
N GLN A 110 6.84 5.16 5.25
CA GLN A 110 7.71 6.15 5.88
C GLN A 110 7.77 7.40 5.03
N ALA A 111 7.87 7.23 3.72
CA ALA A 111 7.93 8.36 2.80
C ALA A 111 6.63 9.16 2.88
N LEU A 112 5.51 8.45 2.91
CA LEU A 112 4.19 9.10 2.97
C LEU A 112 4.03 9.83 4.29
N LEU A 113 4.52 9.22 5.36
CA LEU A 113 4.41 9.81 6.68
C LEU A 113 5.51 10.83 6.91
N GLY A 114 6.46 10.90 5.97
CA GLY A 114 7.57 11.85 6.08
C GLY A 114 8.48 11.49 7.26
N ALA A 115 8.55 10.21 7.57
CA ALA A 115 9.39 9.76 8.69
C ALA A 115 8.83 10.28 10.02
N ARG A 116 7.51 10.34 10.11
CA ARG A 116 6.87 10.82 11.33
C ARG A 116 7.13 9.85 12.48
N ALA A 117 8.12 10.20 13.31
CA ALA A 117 8.48 9.35 14.44
C ALA A 117 8.71 10.21 15.69
N LYS A 118 8.98 9.53 16.80
CA LYS A 118 9.21 10.24 18.06
C LYS A 118 10.65 10.03 18.55
N GLY A 119 11.45 11.08 18.44
CA GLY A 119 12.86 11.00 18.86
C GLY A 119 13.00 11.43 20.33
N HIS A 120 14.24 11.59 20.77
CA HIS A 120 14.51 12.00 22.14
C HIS A 120 13.87 11.01 23.11
N HIS A 121 14.71 10.15 23.69
CA HIS A 121 14.23 9.16 24.64
C HIS A 121 13.24 8.21 23.97
N HIS A 122 13.47 7.94 22.69
CA HIS A 122 12.60 7.04 21.93
C HIS A 122 12.87 5.59 22.30
N HIS A 123 12.00 4.69 21.85
CA HIS A 123 12.17 3.27 22.13
C HIS A 123 11.45 2.43 21.08
N HIS A 124 11.83 1.16 20.98
CA HIS A 124 11.23 0.26 20.02
C HIS A 124 11.45 -1.20 20.41
N HIS A 125 10.74 -2.10 19.76
CA HIS A 125 10.87 -3.52 20.04
C HIS A 125 10.08 -4.36 19.05
CA CA B . -11.52 0.84 -7.53
CL1 V8Y C . -1.60 -5.41 -5.00
C1 V8Y C . 3.08 -3.47 -6.62
N1 V8Y C . 5.78 -2.78 -6.84
O1 V8Y C . 4.13 -1.08 -5.85
S1 V8Y C . 4.26 -2.17 -6.93
C2 V8Y C . 3.50 -4.77 -6.95
O2 V8Y C . 3.95 -1.54 -8.28
C3 V8Y C . 2.67 -5.88 -6.74
O3 V8Y C . 8.60 -3.93 -14.90
C4 V8Y C . 1.38 -5.69 -6.22
O4 V8Y C . 7.21 -2.24 -14.45
C5 V8Y C . -0.41 -4.16 -5.31
C6 V8Y C . -0.82 -2.86 -5.00
C7 V8Y C . 0.03 -1.77 -5.20
C8 V8Y C . 1.32 -1.97 -5.73
C9 V8Y C . 1.77 -3.26 -6.08
C10 V8Y C . 0.90 -4.39 -5.87
C11 V8Y C . 6.29 -3.33 -8.10
C12 V8Y C . 7.76 -2.93 -8.24
C13 V8Y C . 8.40 -3.64 -9.44
C14 V8Y C . 8.64 -2.70 -10.64
C15 V8Y C . 9.03 -3.45 -11.92
C16 V8Y C . 9.15 -2.49 -13.11
C17 V8Y C . 8.25 -2.93 -14.25
H17 V8Y C . 6.39 -2.06 -6.52
H21 V8Y C . 4.50 -4.93 -7.36
H3 V8Y C . 3.02 -6.88 -7.01
H4 V8Y C . 0.73 -6.56 -6.06
H6 V8Y C . -1.82 -2.69 -4.58
H7 V8Y C . -0.30 -0.76 -4.95
H8 V8Y C . 1.97 -1.12 -5.89
H11 V8Y C . 5.72 -2.93 -8.93
H8L V8Y C . 6.19 -4.41 -8.09
H12 V8Y C . 8.30 -3.19 -7.34
H8M V8Y C . 7.81 -1.85 -8.40
H13 V8Y C . 7.75 -4.45 -9.76
H8O V8Y C . 9.37 -4.01 -9.11
H14 V8Y C . 9.43 -2.01 -10.39
H8N V8Y C . 7.70 -2.19 -10.83
H15 V8Y C . 8.27 -4.19 -12.15
H8P V8Y C . 9.99 -3.94 -11.75
H16 V8Y C . 10.19 -2.47 -13.44
H8Q V8Y C . 8.86 -1.48 -12.77
N MET A 1 -14.02 -10.41 -3.87
CA MET A 1 -12.96 -9.66 -3.15
C MET A 1 -12.47 -10.49 -1.97
N ASP A 2 -11.15 -10.67 -1.86
CA ASP A 2 -10.58 -11.45 -0.78
C ASP A 2 -11.26 -11.09 0.55
N ASP A 3 -12.20 -11.94 0.97
CA ASP A 3 -12.91 -11.69 2.22
C ASP A 3 -11.94 -11.69 3.40
N ILE A 4 -10.99 -12.61 3.37
CA ILE A 4 -9.99 -12.69 4.43
C ILE A 4 -9.28 -11.34 4.58
N TYR A 5 -8.86 -10.77 3.46
CA TYR A 5 -8.19 -9.48 3.47
C TYR A 5 -9.18 -8.39 3.86
N LYS A 6 -10.43 -8.57 3.46
CA LYS A 6 -11.46 -7.60 3.79
C LYS A 6 -11.51 -7.44 5.32
N ALA A 7 -11.53 -8.56 6.01
CA ALA A 7 -11.55 -8.56 7.47
C ALA A 7 -10.27 -7.88 7.97
N ALA A 8 -9.17 -8.11 7.25
CA ALA A 8 -7.88 -7.54 7.62
C ALA A 8 -8.02 -6.03 7.73
N VAL A 9 -8.76 -5.44 6.78
CA VAL A 9 -8.97 -4.00 6.79
C VAL A 9 -9.73 -3.59 8.05
N GLU A 10 -10.80 -4.33 8.35
CA GLU A 10 -11.61 -4.07 9.53
C GLU A 10 -10.86 -4.47 10.80
N GLN A 11 -9.91 -5.39 10.64
CA GLN A 11 -9.11 -5.86 11.76
C GLN A 11 -8.16 -4.78 12.25
N LEU A 12 -7.64 -3.99 11.31
CA LEU A 12 -6.72 -2.92 11.66
C LEU A 12 -7.37 -1.97 12.66
N THR A 13 -6.69 -1.75 13.78
CA THR A 13 -7.19 -0.84 14.81
C THR A 13 -7.27 0.58 14.28
N GLU A 14 -7.82 1.48 15.09
CA GLU A 14 -7.94 2.87 14.68
C GLU A 14 -6.58 3.47 14.39
N GLU A 15 -5.61 3.19 15.26
CA GLU A 15 -4.27 3.72 15.07
C GLU A 15 -3.56 3.04 13.90
N GLN A 16 -3.62 1.71 13.87
CA GLN A 16 -2.97 0.96 12.80
C GLN A 16 -3.57 1.33 11.45
N LYS A 17 -4.89 1.43 11.40
CA LYS A 17 -5.58 1.79 10.17
C LYS A 17 -5.27 3.24 9.82
N ASN A 18 -5.08 4.07 10.84
CA ASN A 18 -4.78 5.47 10.62
C ASN A 18 -3.47 5.61 9.84
N GLU A 19 -2.47 4.85 10.23
CA GLU A 19 -1.18 4.89 9.54
C GLU A 19 -1.36 4.50 8.08
N PHE A 20 -2.14 3.45 7.84
CA PHE A 20 -2.40 3.00 6.49
C PHE A 20 -3.22 4.04 5.75
N LYS A 21 -4.16 4.65 6.46
CA LYS A 21 -5.02 5.67 5.87
C LYS A 21 -4.18 6.83 5.36
N ALA A 22 -3.16 7.19 6.13
CA ALA A 22 -2.28 8.29 5.75
C ALA A 22 -1.62 7.98 4.41
N ALA A 23 -1.18 6.73 4.26
CA ALA A 23 -0.55 6.31 3.01
C ALA A 23 -1.53 6.44 1.86
N PHE A 24 -2.78 6.08 2.11
CA PHE A 24 -3.81 6.15 1.08
C PHE A 24 -3.93 7.58 0.54
N ASP A 25 -4.04 8.54 1.46
CA ASP A 25 -4.16 9.94 1.09
C ASP A 25 -2.92 10.41 0.35
N ILE A 26 -1.75 9.97 0.83
CA ILE A 26 -0.50 10.36 0.20
C ILE A 26 -0.48 9.95 -1.26
N PHE A 27 -0.93 8.74 -1.54
CA PHE A 27 -0.95 8.26 -2.91
C PHE A 27 -1.85 9.13 -3.78
N VAL A 28 -3.02 9.48 -3.25
CA VAL A 28 -3.96 10.32 -3.97
C VAL A 28 -3.92 11.76 -3.46
N LEU A 29 -2.77 12.16 -2.93
CA LEU A 29 -2.62 13.50 -2.40
C LEU A 29 -2.91 14.54 -3.49
N GLY A 30 -4.07 15.17 -3.39
CA GLY A 30 -4.48 16.17 -4.36
C GLY A 30 -5.29 15.55 -5.49
N ALA A 31 -5.56 14.26 -5.37
CA ALA A 31 -6.35 13.56 -6.39
C ALA A 31 -7.76 14.13 -6.45
N GLU A 32 -8.25 14.32 -7.68
CA GLU A 32 -9.59 14.88 -7.87
C GLU A 32 -10.65 13.95 -7.26
N ASP A 33 -10.51 12.66 -7.52
CA ASP A 33 -11.45 11.68 -7.00
C ASP A 33 -10.98 11.12 -5.66
N GLY A 34 -9.68 11.21 -5.42
CA GLY A 34 -9.11 10.71 -4.17
C GLY A 34 -8.73 9.24 -4.30
N SER A 35 -9.12 8.64 -5.42
CA SER A 35 -8.81 7.23 -5.66
C SER A 35 -7.39 7.07 -6.18
N ILE A 36 -6.68 6.07 -5.66
CA ILE A 36 -5.30 5.83 -6.09
C ILE A 36 -5.25 5.22 -7.49
N SER A 37 -4.87 6.05 -8.46
CA SER A 37 -4.78 5.59 -9.84
C SER A 37 -3.32 5.33 -10.19
N THR A 38 -3.06 5.06 -11.46
CA THR A 38 -1.69 4.82 -11.91
C THR A 38 -0.83 6.05 -11.66
N LYS A 39 -1.41 7.23 -11.85
CA LYS A 39 -0.68 8.47 -11.62
C LYS A 39 -0.42 8.67 -10.14
N GLU A 40 -1.46 8.53 -9.33
CA GLU A 40 -1.33 8.67 -7.88
C GLU A 40 -0.42 7.58 -7.33
N LEU A 41 -0.62 6.35 -7.82
CA LEU A 41 0.17 5.22 -7.37
C LEU A 41 1.63 5.42 -7.77
N GLY A 42 1.84 5.79 -9.02
CA GLY A 42 3.20 6.03 -9.51
C GLY A 42 3.84 7.19 -8.75
N LYS A 43 3.03 8.21 -8.44
CA LYS A 43 3.55 9.38 -7.73
C LYS A 43 4.31 8.91 -6.48
N VAL A 44 3.61 8.27 -5.56
CA VAL A 44 4.24 7.75 -4.34
C VAL A 44 5.33 6.76 -4.72
N MET A 45 5.08 5.99 -5.76
CA MET A 45 6.07 5.00 -6.21
C MET A 45 7.40 5.71 -6.46
N ARG A 46 7.35 6.90 -7.03
CA ARG A 46 8.56 7.69 -7.29
C ARG A 46 9.18 8.10 -5.98
N MET A 47 8.33 8.34 -4.98
CA MET A 47 8.80 8.75 -3.66
C MET A 47 9.75 7.68 -3.09
N LEU A 48 9.42 6.43 -3.35
CA LEU A 48 10.24 5.32 -2.86
C LEU A 48 11.40 5.05 -3.83
N GLY A 49 11.40 5.77 -4.94
CA GLY A 49 12.47 5.60 -5.94
C GLY A 49 11.98 4.79 -7.12
N GLN A 50 10.67 4.57 -7.19
CA GLN A 50 10.08 3.81 -8.28
C GLN A 50 9.67 4.71 -9.43
N ASN A 51 9.93 4.26 -10.66
CA ASN A 51 9.57 5.05 -11.82
C ASN A 51 8.74 4.24 -12.80
N PRO A 52 7.63 3.74 -12.35
CA PRO A 52 6.71 2.92 -13.19
C PRO A 52 5.85 3.77 -14.11
N THR A 53 5.49 3.21 -15.26
CA THR A 53 4.65 3.92 -16.22
C THR A 53 3.17 3.67 -15.94
N PRO A 54 2.33 4.56 -16.38
CA PRO A 54 0.85 4.44 -16.17
C PRO A 54 0.31 3.12 -16.73
N GLU A 55 0.82 2.71 -17.89
CA GLU A 55 0.37 1.46 -18.51
C GLU A 55 0.68 0.27 -17.60
N GLU A 56 1.92 0.20 -17.13
CA GLU A 56 2.32 -0.88 -16.23
C GLU A 56 1.64 -0.72 -14.88
N LEU A 57 1.54 0.52 -14.42
CA LEU A 57 0.89 0.82 -13.14
C LEU A 57 -0.55 0.35 -13.14
N GLN A 58 -1.16 0.33 -14.32
CA GLN A 58 -2.55 -0.08 -14.44
C GLN A 58 -2.72 -1.51 -13.91
N GLU A 59 -1.76 -2.38 -14.22
CA GLU A 59 -1.83 -3.77 -13.75
C GLU A 59 -1.79 -3.83 -12.23
N MET A 60 -0.84 -3.10 -11.65
CA MET A 60 -0.68 -3.07 -10.20
C MET A 60 -1.93 -2.48 -9.56
N ILE A 61 -2.49 -1.46 -10.21
CA ILE A 61 -3.70 -0.81 -9.69
C ILE A 61 -4.86 -1.80 -9.65
N ASP A 62 -5.01 -2.56 -10.72
CA ASP A 62 -6.08 -3.57 -10.80
C ASP A 62 -5.88 -4.65 -9.76
N GLU A 63 -4.65 -4.82 -9.32
CA GLU A 63 -4.33 -5.85 -8.33
C GLU A 63 -5.23 -5.72 -7.10
N VAL A 64 -5.46 -4.47 -6.68
CA VAL A 64 -6.32 -4.22 -5.52
C VAL A 64 -7.57 -3.46 -5.93
N ASP A 65 -7.66 -3.11 -7.21
CA ASP A 65 -8.81 -2.38 -7.72
C ASP A 65 -9.90 -3.35 -8.17
N GLU A 66 -10.77 -3.72 -7.23
CA GLU A 66 -11.85 -4.66 -7.54
C GLU A 66 -12.92 -3.98 -8.40
N ASP A 67 -13.02 -2.65 -8.27
CA ASP A 67 -14.03 -1.90 -9.02
C ASP A 67 -13.63 -1.78 -10.49
N GLY A 68 -12.39 -2.14 -10.79
CA GLY A 68 -11.91 -2.08 -12.17
C GLY A 68 -11.91 -0.65 -12.68
N SER A 69 -11.90 0.31 -11.76
CA SER A 69 -11.91 1.72 -12.13
C SER A 69 -10.49 2.21 -12.40
N GLY A 70 -9.52 1.31 -12.26
CA GLY A 70 -8.13 1.67 -12.48
C GLY A 70 -7.60 2.52 -11.34
N THR A 71 -8.35 2.53 -10.23
CA THR A 71 -7.96 3.31 -9.06
C THR A 71 -8.21 2.52 -7.78
N VAL A 72 -7.18 2.40 -6.95
CA VAL A 72 -7.29 1.69 -5.69
C VAL A 72 -7.69 2.64 -4.56
N ASP A 73 -8.93 2.53 -4.11
CA ASP A 73 -9.41 3.39 -3.03
C ASP A 73 -8.83 2.95 -1.69
N PHE A 74 -9.35 3.50 -0.62
CA PHE A 74 -8.86 3.17 0.71
C PHE A 74 -8.94 1.67 0.97
N ASP A 75 -10.11 1.09 0.73
CA ASP A 75 -10.30 -0.33 0.95
C ASP A 75 -9.39 -1.14 0.02
N GLU A 76 -9.30 -0.71 -1.23
CA GLU A 76 -8.46 -1.40 -2.21
C GLU A 76 -6.99 -1.32 -1.80
N PHE A 77 -6.58 -0.13 -1.38
CA PHE A 77 -5.20 0.06 -0.96
C PHE A 77 -4.94 -0.71 0.34
N LEU A 78 -5.92 -0.68 1.23
CA LEU A 78 -5.79 -1.37 2.51
C LEU A 78 -5.58 -2.86 2.26
N VAL A 79 -6.27 -3.38 1.24
CA VAL A 79 -6.13 -4.78 0.88
C VAL A 79 -4.70 -5.08 0.46
N MET A 80 -4.11 -4.18 -0.30
CA MET A 80 -2.74 -4.39 -0.75
C MET A 80 -1.82 -4.59 0.45
N MET A 81 -2.09 -3.83 1.52
CA MET A 81 -1.28 -3.94 2.74
C MET A 81 -1.39 -5.33 3.34
N VAL A 82 -2.61 -5.81 3.46
CA VAL A 82 -2.86 -7.15 4.00
C VAL A 82 -2.44 -8.21 3.00
N ARG A 83 -2.59 -7.90 1.71
CA ARG A 83 -2.22 -8.84 0.68
C ARG A 83 -0.74 -9.17 0.76
N SER A 84 0.08 -8.14 0.96
CA SER A 84 1.52 -8.32 1.08
C SER A 84 1.85 -9.03 2.39
N MET A 85 1.12 -8.68 3.44
CA MET A 85 1.35 -9.28 4.76
C MET A 85 1.11 -10.78 4.71
N LYS A 86 0.07 -11.19 4.00
CA LYS A 86 -0.25 -12.61 3.87
C LYS A 86 0.66 -13.27 2.84
N ASP A 87 1.11 -12.49 1.87
CA ASP A 87 1.97 -13.02 0.82
C ASP A 87 1.29 -14.14 0.07
N ASP A 88 2.05 -14.83 -0.78
CA ASP A 88 1.50 -15.93 -1.56
C ASP A 88 1.48 -17.21 -0.74
N SER A 89 2.00 -17.14 0.49
CA SER A 89 2.04 -18.30 1.36
C SER A 89 0.77 -19.14 1.19
N LYS A 90 0.96 -20.45 1.00
CA LYS A 90 -0.17 -21.35 0.82
C LYS A 90 0.21 -22.76 1.24
N GLY A 91 -0.06 -23.10 2.50
CA GLY A 91 0.26 -24.42 3.01
C GLY A 91 1.62 -24.42 3.70
N LYS A 92 2.44 -25.41 3.37
CA LYS A 92 3.78 -25.52 3.96
C LYS A 92 4.83 -24.93 3.03
N PHE A 93 5.37 -25.76 2.15
CA PHE A 93 6.38 -25.31 1.20
C PHE A 93 5.84 -25.32 -0.23
N LYS A 94 5.89 -24.17 -0.88
CA LYS A 94 5.40 -24.07 -2.25
C LYS A 94 6.56 -23.97 -3.24
N ARG A 95 6.24 -23.81 -4.51
CA ARG A 95 7.26 -23.70 -5.54
C ARG A 95 7.29 -22.29 -6.12
N PRO A 96 8.17 -22.05 -7.06
CA PRO A 96 8.32 -20.71 -7.72
C PRO A 96 7.03 -20.27 -8.41
N THR A 97 6.29 -19.37 -7.77
CA THR A 97 5.05 -18.88 -8.34
C THR A 97 4.52 -17.69 -7.56
N LEU A 98 4.26 -16.58 -8.24
CA LEU A 98 3.75 -15.39 -7.58
C LEU A 98 4.80 -14.80 -6.65
N ARG A 99 5.88 -14.29 -7.23
CA ARG A 99 6.96 -13.69 -6.44
C ARG A 99 6.47 -12.41 -5.76
N ARG A 100 7.02 -12.13 -4.59
CA ARG A 100 6.64 -10.94 -3.84
C ARG A 100 7.10 -9.68 -4.57
N VAL A 101 8.27 -9.18 -4.18
CA VAL A 101 8.82 -7.98 -4.81
C VAL A 101 7.73 -6.92 -4.98
N ARG A 102 6.79 -6.91 -4.05
CA ARG A 102 5.70 -5.94 -4.10
C ARG A 102 6.09 -4.65 -3.41
N ILE A 103 5.27 -3.61 -3.57
CA ILE A 103 5.56 -2.32 -2.95
C ILE A 103 6.23 -2.51 -1.59
N SER A 104 7.38 -1.89 -1.41
CA SER A 104 8.12 -2.00 -0.16
C SER A 104 7.40 -1.21 0.92
N ALA A 105 6.48 -1.87 1.61
CA ALA A 105 5.72 -1.22 2.68
C ALA A 105 6.65 -0.70 3.77
N ASP A 106 7.75 -1.41 3.99
CA ASP A 106 8.69 -1.03 5.02
C ASP A 106 9.12 0.43 4.87
N ALA A 107 9.50 0.81 3.66
CA ALA A 107 9.92 2.17 3.41
C ALA A 107 8.87 2.94 2.62
N MET A 108 7.98 2.20 1.96
CA MET A 108 6.92 2.81 1.16
C MET A 108 6.08 3.75 2.03
N MET A 109 5.71 3.27 3.20
CA MET A 109 4.92 4.09 4.11
C MET A 109 5.75 5.24 4.67
N GLN A 110 7.06 5.01 4.79
CA GLN A 110 7.96 6.03 5.32
C GLN A 110 7.96 7.26 4.43
N ALA A 111 7.93 7.04 3.12
CA ALA A 111 7.91 8.13 2.17
C ALA A 111 6.66 9.00 2.34
N LEU A 112 5.62 8.40 2.88
CA LEU A 112 4.35 9.11 3.08
C LEU A 112 4.25 9.61 4.52
N LEU A 113 4.45 8.72 5.47
CA LEU A 113 4.38 9.08 6.88
C LEU A 113 5.55 9.98 7.26
N GLY A 114 6.72 9.69 6.71
CA GLY A 114 7.91 10.49 7.00
C GLY A 114 8.66 9.92 8.20
N ALA A 115 8.79 8.60 8.24
CA ALA A 115 9.50 7.94 9.34
C ALA A 115 8.71 8.06 10.64
N ARG A 116 7.38 7.92 10.53
CA ARG A 116 6.53 8.01 11.71
C ARG A 116 6.04 6.63 12.12
N ALA A 117 6.27 5.64 11.26
CA ALA A 117 5.85 4.26 11.55
C ALA A 117 6.98 3.29 11.25
N LYS A 118 8.19 3.64 11.69
CA LYS A 118 9.34 2.78 11.46
C LYS A 118 9.01 1.34 11.81
N GLY A 119 9.29 0.43 10.87
CA GLY A 119 9.01 -0.98 11.10
C GLY A 119 10.25 -1.71 11.58
N HIS A 120 10.27 -2.06 12.86
CA HIS A 120 11.41 -2.76 13.44
C HIS A 120 11.56 -4.15 12.81
N HIS A 121 10.42 -4.81 12.59
CA HIS A 121 10.43 -6.15 11.99
C HIS A 121 10.80 -6.07 10.51
N HIS A 122 11.82 -6.82 10.12
CA HIS A 122 12.26 -6.84 8.73
C HIS A 122 12.80 -8.21 8.36
N HIS A 123 11.90 -9.18 8.24
CA HIS A 123 12.30 -10.54 7.87
C HIS A 123 13.25 -11.10 8.92
N HIS A 124 12.99 -10.80 10.19
CA HIS A 124 13.83 -11.29 11.27
C HIS A 124 13.04 -12.21 12.19
N HIS A 125 13.58 -13.40 12.44
CA HIS A 125 12.92 -14.37 13.30
C HIS A 125 13.79 -14.68 14.52
CA CA B . -11.80 0.90 -7.37
CL1 V8Y C . -1.70 -4.95 -4.58
C1 V8Y C . 2.75 -3.05 -6.80
N1 V8Y C . 5.33 -2.42 -7.65
O1 V8Y C . 4.12 -0.83 -6.02
S1 V8Y C . 3.88 -1.75 -7.23
C2 V8Y C . 3.09 -4.35 -7.20
O2 V8Y C . 3.28 -0.93 -8.37
C3 V8Y C . 2.25 -5.44 -6.91
O3 V8Y C . 8.93 -3.60 -12.93
C4 V8Y C . 1.06 -5.24 -6.20
O4 V8Y C . 8.38 -1.48 -13.40
C5 V8Y C . -0.54 -3.71 -5.03
C6 V8Y C . -0.88 -2.41 -4.63
C7 V8Y C . -0.04 -1.33 -4.93
C8 V8Y C . 1.16 -1.54 -5.64
C9 V8Y C . 1.54 -2.83 -6.07
C10 V8Y C . 0.67 -3.94 -5.76
C11 V8Y C . 6.11 -2.94 -6.51
C12 V8Y C . 7.55 -2.46 -6.65
C13 V8Y C . 8.30 -3.28 -7.71
C14 V8Y C . 8.98 -2.42 -8.78
C15 V8Y C . 8.39 -2.60 -10.18
C16 V8Y C . 9.28 -1.97 -11.25
C17 V8Y C . 8.83 -2.39 -12.64
H17 V8Y C . 5.16 -3.18 -8.28
H21 V8Y C . 4.01 -4.52 -7.76
H3 V8Y C . 2.54 -6.44 -7.24
H4 V8Y C . 0.43 -6.09 -5.98
H6 V8Y C . -1.80 -2.24 -4.07
H7 V8Y C . -0.31 -0.32 -4.62
H8 V8Y C . 1.80 -0.69 -5.87
H11 V8Y C . 6.08 -4.03 -6.50
H8L V8Y C . 5.69 -2.57 -5.57
H12 V8Y C . 8.06 -2.54 -5.69
H8M V8Y C . 7.54 -1.41 -6.97
H13 V8Y C . 7.59 -3.96 -8.19
H8O V8Y C . 9.08 -3.85 -7.18
H14 V8Y C . 10.03 -2.69 -8.81
H8N V8Y C . 8.84 -1.38 -8.48
H15 V8Y C . 7.40 -2.13 -10.21
H8P V8Y C . 8.30 -3.67 -10.38
H16 V8Y C . 10.31 -2.28 -11.09
H8Q V8Y C . 9.22 -0.88 -11.15
N MET A 1 -14.48 -8.12 -3.98
CA MET A 1 -13.23 -7.98 -3.20
C MET A 1 -13.07 -9.16 -2.25
N ASP A 2 -11.83 -9.57 -2.02
CA ASP A 2 -11.56 -10.70 -1.13
C ASP A 2 -12.07 -10.40 0.28
N ASP A 3 -12.89 -11.29 0.82
CA ASP A 3 -13.43 -11.10 2.16
C ASP A 3 -12.33 -11.24 3.21
N ILE A 4 -11.43 -12.19 2.99
CA ILE A 4 -10.33 -12.40 3.93
C ILE A 4 -9.56 -11.09 4.11
N TYR A 5 -9.23 -10.43 3.01
CA TYR A 5 -8.51 -9.17 3.09
C TYR A 5 -9.44 -8.10 3.66
N LYS A 6 -10.73 -8.24 3.38
CA LYS A 6 -11.71 -7.29 3.90
C LYS A 6 -11.64 -7.28 5.43
N ALA A 7 -11.59 -8.46 6.01
CA ALA A 7 -11.48 -8.61 7.45
C ALA A 7 -10.17 -8.00 7.92
N ALA A 8 -9.14 -8.11 7.08
CA ALA A 8 -7.83 -7.56 7.42
C ALA A 8 -7.95 -6.07 7.66
N VAL A 9 -8.71 -5.39 6.81
CA VAL A 9 -8.91 -3.95 6.95
C VAL A 9 -9.61 -3.66 8.27
N GLU A 10 -10.63 -4.45 8.58
CA GLU A 10 -11.38 -4.30 9.82
C GLU A 10 -10.52 -4.70 11.02
N GLN A 11 -9.53 -5.53 10.76
CA GLN A 11 -8.63 -5.99 11.82
C GLN A 11 -7.73 -4.86 12.28
N LEU A 12 -7.31 -4.01 11.34
CA LEU A 12 -6.45 -2.89 11.68
C LEU A 12 -7.17 -1.93 12.62
N THR A 13 -6.75 -1.91 13.89
CA THR A 13 -7.36 -1.03 14.88
C THR A 13 -7.40 0.40 14.37
N GLU A 14 -7.93 1.30 15.19
CA GLU A 14 -8.01 2.70 14.80
C GLU A 14 -6.63 3.28 14.53
N GLU A 15 -5.69 3.00 15.42
CA GLU A 15 -4.33 3.51 15.25
C GLU A 15 -3.63 2.82 14.09
N GLN A 16 -3.74 1.50 14.03
CA GLN A 16 -3.10 0.73 12.97
C GLN A 16 -3.69 1.12 11.61
N LYS A 17 -5.00 1.23 11.56
CA LYS A 17 -5.68 1.60 10.32
C LYS A 17 -5.40 3.07 10.00
N ASN A 18 -5.21 3.87 11.06
CA ASN A 18 -4.94 5.29 10.89
C ASN A 18 -3.66 5.48 10.09
N GLU A 19 -2.63 4.71 10.43
CA GLU A 19 -1.35 4.79 9.73
C GLU A 19 -1.54 4.42 8.27
N PHE A 20 -2.26 3.32 8.04
CA PHE A 20 -2.50 2.87 6.68
C PHE A 20 -3.35 3.89 5.93
N LYS A 21 -4.32 4.47 6.62
CA LYS A 21 -5.20 5.46 6.01
C LYS A 21 -4.37 6.65 5.53
N ALA A 22 -3.38 7.04 6.33
CA ALA A 22 -2.52 8.16 5.97
C ALA A 22 -1.81 7.86 4.65
N ALA A 23 -1.33 6.62 4.51
CA ALA A 23 -0.65 6.21 3.29
C ALA A 23 -1.59 6.31 2.10
N PHE A 24 -2.85 5.95 2.32
CA PHE A 24 -3.85 5.99 1.26
C PHE A 24 -3.96 7.41 0.70
N ASP A 25 -4.08 8.38 1.60
CA ASP A 25 -4.20 9.78 1.20
C ASP A 25 -2.95 10.23 0.47
N ILE A 26 -1.79 9.79 0.94
CA ILE A 26 -0.52 10.16 0.33
C ILE A 26 -0.52 9.77 -1.15
N PHE A 27 -0.96 8.55 -1.44
CA PHE A 27 -1.00 8.08 -2.83
C PHE A 27 -1.93 8.95 -3.65
N VAL A 28 -3.08 9.29 -3.08
CA VAL A 28 -4.06 10.13 -3.76
C VAL A 28 -3.98 11.57 -3.26
N LEU A 29 -2.84 11.91 -2.67
CA LEU A 29 -2.65 13.27 -2.15
C LEU A 29 -2.97 14.31 -3.22
N GLY A 30 -4.04 15.05 -3.02
CA GLY A 30 -4.44 16.08 -3.97
C GLY A 30 -5.41 15.51 -5.00
N ALA A 31 -5.59 14.20 -4.99
CA ALA A 31 -6.50 13.54 -5.92
C ALA A 31 -7.92 14.01 -5.69
N GLU A 32 -8.57 14.47 -6.75
CA GLU A 32 -9.94 14.96 -6.64
C GLU A 32 -10.88 13.84 -6.25
N ASP A 33 -10.68 12.66 -6.84
CA ASP A 33 -11.52 11.51 -6.54
C ASP A 33 -11.07 10.83 -5.25
N GLY A 34 -9.81 11.05 -4.88
CA GLY A 34 -9.26 10.45 -3.66
C GLY A 34 -8.90 8.99 -3.91
N SER A 35 -9.18 8.51 -5.11
CA SER A 35 -8.87 7.12 -5.46
C SER A 35 -7.47 7.02 -6.05
N ILE A 36 -6.72 6.01 -5.63
CA ILE A 36 -5.36 5.84 -6.12
C ILE A 36 -5.36 5.33 -7.56
N SER A 37 -5.02 6.23 -8.50
CA SER A 37 -4.97 5.86 -9.90
C SER A 37 -3.52 5.66 -10.33
N THR A 38 -3.32 4.98 -11.45
CA THR A 38 -1.96 4.73 -11.93
C THR A 38 -1.09 5.97 -11.76
N LYS A 39 -1.69 7.13 -11.96
CA LYS A 39 -0.95 8.38 -11.79
C LYS A 39 -0.60 8.60 -10.33
N GLU A 40 -1.61 8.46 -9.47
CA GLU A 40 -1.39 8.62 -8.03
C GLU A 40 -0.50 7.50 -7.48
N LEU A 41 -0.74 6.29 -7.97
CA LEU A 41 0.03 5.13 -7.53
C LEU A 41 1.52 5.34 -7.81
N GLY A 42 1.82 5.70 -9.05
CA GLY A 42 3.21 5.93 -9.44
C GLY A 42 3.78 7.13 -8.68
N LYS A 43 2.94 8.15 -8.44
CA LYS A 43 3.39 9.35 -7.72
C LYS A 43 4.16 8.96 -6.47
N VAL A 44 3.50 8.25 -5.57
CA VAL A 44 4.15 7.77 -4.35
C VAL A 44 5.30 6.85 -4.71
N MET A 45 5.09 6.02 -5.72
CA MET A 45 6.14 5.09 -6.14
C MET A 45 7.43 5.86 -6.42
N ARG A 46 7.30 7.01 -7.07
CA ARG A 46 8.45 7.85 -7.36
C ARG A 46 9.06 8.37 -6.06
N MET A 47 8.19 8.59 -5.07
CA MET A 47 8.64 9.08 -3.78
C MET A 47 9.65 8.11 -3.18
N LEU A 48 9.41 6.82 -3.38
CA LEU A 48 10.33 5.79 -2.87
C LEU A 48 11.47 5.55 -3.85
N GLY A 49 11.46 6.28 -4.96
CA GLY A 49 12.49 6.13 -5.98
C GLY A 49 12.02 5.24 -7.12
N GLN A 50 10.75 4.84 -7.06
CA GLN A 50 10.19 3.97 -8.10
C GLN A 50 9.80 4.78 -9.33
N ASN A 51 10.08 4.24 -10.50
CA ASN A 51 9.74 4.94 -11.73
C ASN A 51 8.97 4.02 -12.66
N PRO A 52 7.88 3.48 -12.19
CA PRO A 52 7.03 2.56 -12.98
C PRO A 52 6.15 3.27 -14.01
N THR A 53 6.04 2.68 -15.19
CA THR A 53 5.21 3.26 -16.25
C THR A 53 3.75 2.96 -15.99
N PRO A 54 2.88 3.75 -16.56
CA PRO A 54 1.42 3.58 -16.39
C PRO A 54 0.96 2.17 -16.76
N GLU A 55 1.59 1.58 -17.77
CA GLU A 55 1.21 0.24 -18.20
C GLU A 55 1.40 -0.76 -17.05
N GLU A 56 2.59 -0.76 -16.46
CA GLU A 56 2.87 -1.65 -15.34
C GLU A 56 2.07 -1.23 -14.11
N LEU A 57 1.98 0.07 -13.90
CA LEU A 57 1.23 0.61 -12.76
C LEU A 57 -0.23 0.21 -12.85
N GLN A 58 -0.76 0.21 -14.07
CA GLN A 58 -2.16 -0.15 -14.28
C GLN A 58 -2.40 -1.57 -13.78
N GLU A 59 -1.46 -2.46 -14.07
CA GLU A 59 -1.58 -3.86 -13.62
C GLU A 59 -1.61 -3.93 -12.10
N MET A 60 -0.74 -3.13 -11.47
CA MET A 60 -0.66 -3.11 -10.01
C MET A 60 -1.98 -2.64 -9.42
N ILE A 61 -2.60 -1.65 -10.07
CA ILE A 61 -3.87 -1.10 -9.61
C ILE A 61 -4.94 -2.19 -9.62
N ASP A 62 -4.99 -2.93 -10.71
CA ASP A 62 -5.97 -4.01 -10.85
C ASP A 62 -5.79 -5.04 -9.75
N GLU A 63 -4.54 -5.29 -9.38
CA GLU A 63 -4.25 -6.28 -8.34
C GLU A 63 -5.18 -6.07 -7.15
N VAL A 64 -5.46 -4.82 -6.83
CA VAL A 64 -6.36 -4.49 -5.71
C VAL A 64 -7.63 -3.82 -6.22
N ASP A 65 -7.63 -3.47 -7.50
CA ASP A 65 -8.79 -2.83 -8.10
C ASP A 65 -9.64 -3.87 -8.83
N GLU A 66 -10.25 -4.77 -8.06
CA GLU A 66 -11.09 -5.81 -8.66
C GLU A 66 -12.35 -5.20 -9.26
N ASP A 67 -12.67 -3.97 -8.87
CA ASP A 67 -13.85 -3.30 -9.38
C ASP A 67 -13.61 -2.80 -10.81
N GLY A 68 -12.37 -2.87 -11.26
CA GLY A 68 -12.02 -2.43 -12.60
C GLY A 68 -12.11 -0.91 -12.73
N SER A 69 -12.16 -0.23 -11.58
CA SER A 69 -12.25 1.22 -11.57
C SER A 69 -10.91 1.83 -11.99
N GLY A 70 -9.85 1.03 -11.95
CA GLY A 70 -8.53 1.51 -12.32
C GLY A 70 -7.97 2.44 -11.25
N THR A 71 -8.55 2.38 -10.06
CA THR A 71 -8.11 3.21 -8.95
C THR A 71 -8.34 2.51 -7.62
N VAL A 72 -7.26 2.28 -6.89
CA VAL A 72 -7.35 1.62 -5.60
C VAL A 72 -7.64 2.65 -4.49
N ASP A 73 -8.84 2.58 -3.94
CA ASP A 73 -9.23 3.50 -2.88
C ASP A 73 -8.69 3.03 -1.53
N PHE A 74 -9.26 3.56 -0.45
CA PHE A 74 -8.82 3.18 0.88
C PHE A 74 -8.93 1.67 1.08
N ASP A 75 -10.08 1.11 0.74
CA ASP A 75 -10.29 -0.32 0.88
C ASP A 75 -9.37 -1.09 -0.07
N GLU A 76 -9.29 -0.63 -1.31
CA GLU A 76 -8.45 -1.28 -2.31
C GLU A 76 -6.98 -1.22 -1.89
N PHE A 77 -6.57 -0.08 -1.37
CA PHE A 77 -5.20 0.09 -0.93
C PHE A 77 -4.96 -0.73 0.34
N LEU A 78 -5.91 -0.65 1.28
CA LEU A 78 -5.80 -1.40 2.52
C LEU A 78 -5.62 -2.88 2.21
N VAL A 79 -6.31 -3.33 1.16
CA VAL A 79 -6.20 -4.72 0.73
C VAL A 79 -4.78 -5.01 0.27
N MET A 80 -4.21 -4.07 -0.47
CA MET A 80 -2.85 -4.25 -0.97
C MET A 80 -1.90 -4.57 0.18
N MET A 81 -2.12 -3.92 1.32
CA MET A 81 -1.29 -4.14 2.49
C MET A 81 -1.44 -5.56 3.01
N VAL A 82 -2.69 -5.99 3.16
CA VAL A 82 -2.98 -7.33 3.63
C VAL A 82 -2.67 -8.37 2.55
N ARG A 83 -2.78 -7.95 1.29
CA ARG A 83 -2.51 -8.85 0.19
C ARG A 83 -1.09 -9.38 0.27
N SER A 84 -0.13 -8.48 0.47
CA SER A 84 1.27 -8.86 0.56
C SER A 84 1.51 -9.61 1.87
N MET A 85 0.85 -9.18 2.94
CA MET A 85 1.03 -9.82 4.23
C MET A 85 0.63 -11.29 4.19
N LYS A 86 -0.53 -11.57 3.63
CA LYS A 86 -1.01 -12.94 3.52
C LYS A 86 -0.13 -13.75 2.57
N ASP A 87 0.27 -13.13 1.48
CA ASP A 87 1.12 -13.79 0.49
C ASP A 87 2.52 -14.01 1.05
N ASP A 88 3.02 -13.02 1.77
CA ASP A 88 4.37 -13.10 2.35
C ASP A 88 4.47 -14.27 3.33
N SER A 89 3.46 -14.41 4.18
CA SER A 89 3.45 -15.47 5.17
C SER A 89 2.07 -16.13 5.25
N LYS A 90 2.02 -17.29 5.89
CA LYS A 90 0.76 -18.01 6.03
C LYS A 90 0.29 -18.51 4.67
N GLY A 91 -0.08 -19.78 4.61
CA GLY A 91 -0.55 -20.37 3.36
C GLY A 91 -1.49 -21.54 3.62
N LYS A 92 -1.02 -22.75 3.34
CA LYS A 92 -1.84 -23.94 3.54
C LYS A 92 -1.36 -24.71 4.77
N PHE A 93 -0.57 -24.05 5.62
CA PHE A 93 -0.05 -24.66 6.82
C PHE A 93 1.30 -25.32 6.56
N LYS A 94 1.62 -25.52 5.29
CA LYS A 94 2.88 -26.13 4.90
C LYS A 94 3.95 -25.05 4.66
N ARG A 95 3.87 -24.41 3.50
CA ARG A 95 4.81 -23.37 3.13
C ARG A 95 4.08 -22.18 2.50
N PRO A 96 4.77 -21.07 2.39
CA PRO A 96 4.20 -19.83 1.82
C PRO A 96 4.30 -19.79 0.31
N THR A 97 5.07 -20.72 -0.26
CA THR A 97 5.26 -20.79 -1.69
C THR A 97 6.13 -19.63 -2.17
N LEU A 98 5.55 -18.44 -2.23
CA LEU A 98 6.29 -17.26 -2.67
C LEU A 98 6.34 -16.20 -1.56
N ARG A 99 7.46 -15.51 -1.45
CA ARG A 99 7.61 -14.48 -0.44
C ARG A 99 7.79 -13.11 -1.09
N ARG A 100 7.12 -12.90 -2.21
CA ARG A 100 7.21 -11.62 -2.93
C ARG A 100 6.74 -10.49 -2.04
N VAL A 101 7.68 -9.67 -1.60
CA VAL A 101 7.36 -8.53 -0.75
C VAL A 101 6.93 -7.34 -1.60
N ARG A 102 7.40 -7.30 -2.84
CA ARG A 102 7.05 -6.21 -3.75
C ARG A 102 7.36 -4.86 -3.10
N ILE A 103 6.60 -3.85 -3.49
CA ILE A 103 6.81 -2.50 -2.95
C ILE A 103 7.18 -2.57 -1.47
N SER A 104 8.31 -1.97 -1.11
CA SER A 104 8.75 -1.97 0.28
C SER A 104 7.85 -1.09 1.12
N ALA A 105 6.98 -1.72 1.90
CA ALA A 105 6.06 -0.98 2.75
C ALA A 105 6.84 -0.11 3.75
N ASP A 106 7.94 -0.67 4.26
CA ASP A 106 8.76 0.06 5.22
C ASP A 106 8.98 1.50 4.76
N ALA A 107 9.94 1.69 3.86
CA ALA A 107 10.24 3.02 3.35
C ALA A 107 9.03 3.61 2.63
N MET A 108 8.28 2.75 1.97
CA MET A 108 7.10 3.20 1.24
C MET A 108 6.23 4.09 2.13
N MET A 109 5.90 3.58 3.30
CA MET A 109 5.09 4.34 4.24
C MET A 109 5.89 5.49 4.83
N GLN A 110 7.20 5.29 4.93
CA GLN A 110 8.08 6.31 5.49
C GLN A 110 7.99 7.60 4.67
N ALA A 111 8.01 7.46 3.35
CA ALA A 111 7.92 8.61 2.46
C ALA A 111 6.57 9.30 2.64
N LEU A 112 5.52 8.50 2.73
CA LEU A 112 4.17 9.05 2.89
C LEU A 112 4.05 9.78 4.22
N LEU A 113 4.61 9.19 5.27
CA LEU A 113 4.55 9.79 6.59
C LEU A 113 5.73 10.74 6.80
N GLY A 114 6.61 10.81 5.80
CA GLY A 114 7.77 11.69 5.88
C GLY A 114 8.50 11.50 7.21
N ALA A 115 8.54 10.27 7.68
CA ALA A 115 9.21 9.97 8.94
C ALA A 115 8.43 10.57 10.11
N ARG A 116 7.12 10.37 10.11
CA ARG A 116 6.27 10.90 11.18
C ARG A 116 6.89 10.61 12.54
N ALA A 117 7.53 9.46 12.66
CA ALA A 117 8.15 9.07 13.92
C ALA A 117 9.30 8.10 13.68
N LYS A 118 10.11 7.87 14.71
CA LYS A 118 11.24 6.96 14.59
C LYS A 118 11.46 6.21 15.91
N GLY A 119 12.63 5.59 16.04
CA GLY A 119 12.95 4.85 17.25
C GLY A 119 12.43 3.42 17.16
N HIS A 120 12.01 3.02 15.97
CA HIS A 120 11.47 1.67 15.76
C HIS A 120 12.51 0.78 15.08
N HIS A 121 12.51 0.79 13.76
CA HIS A 121 13.46 -0.02 13.00
C HIS A 121 13.68 -1.36 13.68
N HIS A 122 14.71 -2.08 13.25
CA HIS A 122 15.02 -3.38 13.83
C HIS A 122 16.07 -3.24 14.93
N HIS A 123 16.45 -2.00 15.23
CA HIS A 123 17.43 -1.75 16.27
C HIS A 123 16.76 -1.26 17.55
N HIS A 124 15.50 -0.86 17.43
CA HIS A 124 14.74 -0.37 18.58
C HIS A 124 15.68 0.17 19.65
N HIS A 125 15.79 -0.55 20.76
CA HIS A 125 16.66 -0.12 21.86
C HIS A 125 16.77 1.39 21.89
CA CA B . -11.36 0.24 -7.59
CL1 V8Y C . -1.65 -4.73 -4.89
C1 V8Y C . 3.10 -3.03 -6.56
N1 V8Y C . 4.16 -1.38 -8.57
O1 V8Y C . 5.72 -2.36 -6.70
S1 V8Y C . 4.31 -1.79 -6.96
C2 V8Y C . 3.50 -4.38 -6.73
O2 V8Y C . 4.11 -0.58 -6.05
C3 V8Y C . 2.63 -5.44 -6.44
O3 V8Y C . 11.33 -4.00 -13.53
C4 V8Y C . 1.34 -5.17 -5.98
O4 V8Y C . 11.80 -3.03 -11.57
C5 V8Y C . -0.44 -3.53 -5.30
C6 V8Y C . -0.84 -2.20 -5.13
C7 V8Y C . 0.04 -1.15 -5.42
C8 V8Y C . 1.33 -1.43 -5.89
C9 V8Y C . 1.79 -2.75 -6.07
C10 V8Y C . 0.88 -3.83 -5.78
C11 V8Y C . 5.39 -1.45 -9.35
C12 V8Y C . 5.62 -2.90 -9.76
C13 V8Y C . 7.07 -3.33 -9.50
C14 V8Y C . 7.67 -4.19 -10.62
C15 V8Y C . 8.81 -3.51 -11.37
C16 V8Y C . 9.94 -4.50 -11.67
C17 V8Y C . 11.13 -3.78 -12.32
H17 V8Y C . 3.48 -2.00 -8.97
H21 V8Y C . 4.50 -4.59 -7.10
H3 V8Y C . 2.96 -6.46 -6.60
H4 V8Y C . 0.67 -5.99 -5.76
H6 V8Y C . -1.84 -1.99 -4.76
H7 V8Y C . -0.27 -0.12 -5.28
H8 V8Y C . 2.00 -0.60 -6.11
H11 V8Y C . 6.23 -1.10 -8.75
H8L V8Y C . 5.31 -0.82 -10.23
H12 V8Y C . 5.39 -3.03 -10.81
H8M V8Y C . 4.96 -3.53 -9.16
H13 V8Y C . 7.12 -3.87 -8.56
H8O V8Y C . 7.67 -2.40 -9.44
H14 V8Y C . 6.87 -4.42 -11.33
H8N V8Y C . 8.06 -5.08 -10.14
H15 V8Y C . 9.20 -2.69 -10.76
H8P V8Y C . 8.43 -3.12 -12.31
H16 V8Y C . 9.57 -5.27 -12.34
H8Q V8Y C . 10.25 -4.97 -10.74
N MET A 1 -10.33 -8.67 -4.70
CA MET A 1 -10.00 -7.80 -3.53
C MET A 1 -9.52 -8.66 -2.37
N ASP A 2 -9.86 -9.94 -2.41
CA ASP A 2 -9.45 -10.87 -1.36
C ASP A 2 -10.23 -10.59 -0.08
N ASP A 3 -11.19 -11.47 0.23
CA ASP A 3 -12.00 -11.31 1.43
C ASP A 3 -11.12 -11.36 2.67
N ILE A 4 -10.21 -12.33 2.70
CA ILE A 4 -9.30 -12.47 3.84
C ILE A 4 -8.63 -11.12 4.14
N TYR A 5 -8.15 -10.47 3.10
CA TYR A 5 -7.52 -9.16 3.26
C TYR A 5 -8.59 -8.12 3.61
N LYS A 6 -9.79 -8.30 3.06
CA LYS A 6 -10.90 -7.40 3.35
C LYS A 6 -11.11 -7.32 4.87
N ALA A 7 -11.10 -8.48 5.52
CA ALA A 7 -11.23 -8.53 6.97
C ALA A 7 -10.01 -7.87 7.61
N ALA A 8 -8.86 -8.00 6.94
CA ALA A 8 -7.61 -7.40 7.44
C ALA A 8 -7.80 -5.89 7.56
N VAL A 9 -8.48 -5.30 6.58
CA VAL A 9 -8.73 -3.85 6.60
C VAL A 9 -9.57 -3.49 7.82
N GLU A 10 -10.63 -4.27 8.06
CA GLU A 10 -11.49 -4.04 9.22
C GLU A 10 -10.78 -4.48 10.50
N GLN A 11 -9.81 -5.39 10.36
CA GLN A 11 -9.08 -5.89 11.50
C GLN A 11 -8.12 -4.83 12.04
N LEU A 12 -7.51 -4.09 11.12
CA LEU A 12 -6.57 -3.05 11.51
C LEU A 12 -7.16 -2.16 12.60
N THR A 13 -6.52 -2.14 13.76
CA THR A 13 -6.98 -1.33 14.87
C THR A 13 -7.08 0.14 14.45
N GLU A 14 -7.45 0.99 15.39
CA GLU A 14 -7.59 2.41 15.11
C GLU A 14 -6.27 3.00 14.61
N GLU A 15 -5.18 2.63 15.28
CA GLU A 15 -3.87 3.14 14.89
C GLU A 15 -3.38 2.46 13.62
N GLN A 16 -3.42 1.13 13.60
CA GLN A 16 -2.96 0.38 12.44
C GLN A 16 -3.61 0.91 11.16
N LYS A 17 -4.93 1.00 11.18
CA LYS A 17 -5.66 1.50 10.02
C LYS A 17 -5.35 2.97 9.79
N ASN A 18 -5.15 3.71 10.89
CA ASN A 18 -4.83 5.13 10.80
C ASN A 18 -3.54 5.33 10.01
N GLU A 19 -2.54 4.51 10.30
CA GLU A 19 -1.26 4.60 9.58
C GLU A 19 -1.47 4.35 8.09
N PHE A 20 -2.22 3.30 7.77
CA PHE A 20 -2.49 2.98 6.37
C PHE A 20 -3.35 4.07 5.74
N LYS A 21 -4.29 4.60 6.51
CA LYS A 21 -5.18 5.64 6.00
C LYS A 21 -4.36 6.82 5.50
N ALA A 22 -3.33 7.18 6.26
CA ALA A 22 -2.45 8.28 5.87
C ALA A 22 -1.78 7.96 4.55
N ALA A 23 -1.36 6.71 4.39
CA ALA A 23 -0.71 6.27 3.14
C ALA A 23 -1.67 6.44 1.96
N PHE A 24 -2.94 6.14 2.21
CA PHE A 24 -3.96 6.28 1.16
C PHE A 24 -3.98 7.71 0.63
N ASP A 25 -4.02 8.67 1.53
CA ASP A 25 -4.03 10.08 1.14
C ASP A 25 -2.77 10.44 0.38
N ILE A 26 -1.64 9.91 0.83
CA ILE A 26 -0.36 10.17 0.17
C ILE A 26 -0.42 9.76 -1.30
N PHE A 27 -0.94 8.56 -1.54
CA PHE A 27 -1.05 8.08 -2.92
C PHE A 27 -1.93 9.01 -3.74
N VAL A 28 -3.02 9.47 -3.16
CA VAL A 28 -3.93 10.37 -3.84
C VAL A 28 -3.81 11.79 -3.30
N LEU A 29 -2.65 12.11 -2.74
CA LEU A 29 -2.41 13.42 -2.18
C LEU A 29 -2.65 14.50 -3.23
N GLY A 30 -3.77 15.21 -3.10
CA GLY A 30 -4.12 16.27 -4.04
C GLY A 30 -5.14 15.78 -5.05
N ALA A 31 -5.40 14.47 -5.04
CA ALA A 31 -6.37 13.88 -5.96
C ALA A 31 -7.77 14.43 -5.69
N GLU A 32 -8.44 14.90 -6.74
CA GLU A 32 -9.79 15.44 -6.59
C GLU A 32 -10.76 14.34 -6.17
N ASP A 33 -10.65 13.17 -6.81
CA ASP A 33 -11.53 12.06 -6.50
C ASP A 33 -11.06 11.34 -5.23
N GLY A 34 -9.78 11.48 -4.92
CA GLY A 34 -9.22 10.84 -3.74
C GLY A 34 -8.94 9.36 -3.99
N SER A 35 -9.20 8.93 -5.21
CA SER A 35 -8.97 7.53 -5.58
C SER A 35 -7.57 7.34 -6.13
N ILE A 36 -6.90 6.28 -5.69
CA ILE A 36 -5.54 6.01 -6.15
C ILE A 36 -5.53 5.41 -7.55
N SER A 37 -5.07 6.19 -8.51
CA SER A 37 -4.99 5.70 -9.89
C SER A 37 -3.54 5.46 -10.28
N THR A 38 -3.32 5.05 -11.53
CA THR A 38 -1.97 4.80 -12.01
C THR A 38 -1.11 6.04 -11.89
N LYS A 39 -1.76 7.21 -11.88
CA LYS A 39 -1.05 8.47 -11.74
C LYS A 39 -0.79 8.78 -10.27
N GLU A 40 -1.84 8.65 -9.46
CA GLU A 40 -1.73 8.89 -8.03
C GLU A 40 -0.94 7.77 -7.35
N LEU A 41 -0.89 6.62 -8.02
CA LEU A 41 -0.16 5.47 -7.48
C LEU A 41 1.32 5.57 -7.80
N GLY A 42 1.64 5.83 -9.06
CA GLY A 42 3.03 5.94 -9.48
C GLY A 42 3.74 7.05 -8.73
N LYS A 43 3.04 8.16 -8.48
CA LYS A 43 3.62 9.28 -7.76
C LYS A 43 4.33 8.80 -6.50
N VAL A 44 3.60 8.12 -5.63
CA VAL A 44 4.19 7.56 -4.42
C VAL A 44 5.24 6.51 -4.78
N MET A 45 5.01 5.82 -5.90
CA MET A 45 5.95 4.79 -6.35
C MET A 45 7.31 5.42 -6.60
N ARG A 46 7.33 6.59 -7.23
CA ARG A 46 8.57 7.31 -7.49
C ARG A 46 9.19 7.79 -6.17
N MET A 47 8.33 8.10 -5.21
CA MET A 47 8.79 8.55 -3.91
C MET A 47 9.67 7.49 -3.26
N LEU A 48 9.32 6.22 -3.47
CA LEU A 48 10.08 5.12 -2.91
C LEU A 48 11.20 4.70 -3.86
N GLY A 49 11.27 5.38 -5.00
CA GLY A 49 12.29 5.06 -6.01
C GLY A 49 11.70 4.24 -7.14
N GLN A 50 10.39 4.03 -7.09
CA GLN A 50 9.71 3.26 -8.13
C GLN A 50 9.22 4.17 -9.24
N ASN A 51 9.44 3.76 -10.49
CA ASN A 51 9.02 4.55 -11.63
C ASN A 51 8.32 3.67 -12.67
N PRO A 52 7.24 3.05 -12.28
CA PRO A 52 6.46 2.17 -13.20
C PRO A 52 5.63 2.95 -14.21
N THR A 53 5.43 2.37 -15.38
CA THR A 53 4.63 3.02 -16.42
C THR A 53 3.15 2.81 -16.18
N PRO A 54 2.33 3.61 -16.80
CA PRO A 54 0.85 3.52 -16.64
C PRO A 54 0.32 2.12 -16.96
N GLU A 55 0.90 1.50 -17.99
CA GLU A 55 0.48 0.15 -18.38
C GLU A 55 0.76 -0.86 -17.26
N GLU A 56 1.98 -0.84 -16.75
CA GLU A 56 2.36 -1.71 -15.63
C GLU A 56 1.63 -1.30 -14.36
N LEU A 57 1.51 0.00 -14.15
CA LEU A 57 0.81 0.53 -12.98
C LEU A 57 -0.64 0.11 -12.99
N GLN A 58 -1.25 0.12 -14.17
CA GLN A 58 -2.65 -0.25 -14.29
C GLN A 58 -2.86 -1.68 -13.80
N GLU A 59 -1.93 -2.57 -14.14
CA GLU A 59 -2.03 -3.96 -13.71
C GLU A 59 -2.01 -4.07 -12.19
N MET A 60 -1.03 -3.42 -11.58
CA MET A 60 -0.91 -3.44 -10.12
C MET A 60 -2.10 -2.75 -9.47
N ILE A 61 -2.61 -1.71 -10.13
CA ILE A 61 -3.77 -0.99 -9.62
C ILE A 61 -4.98 -1.91 -9.57
N ASP A 62 -5.20 -2.65 -10.65
CA ASP A 62 -6.32 -3.59 -10.73
C ASP A 62 -6.20 -4.65 -9.65
N GLU A 63 -4.96 -4.98 -9.28
CA GLU A 63 -4.71 -6.00 -8.26
C GLU A 63 -5.61 -5.76 -7.06
N VAL A 64 -5.83 -4.50 -6.72
CA VAL A 64 -6.67 -4.14 -5.58
C VAL A 64 -7.92 -3.40 -6.05
N ASP A 65 -7.89 -2.92 -7.28
CA ASP A 65 -9.03 -2.19 -7.84
C ASP A 65 -9.98 -3.17 -8.52
N GLU A 66 -10.80 -3.85 -7.72
CA GLU A 66 -11.76 -4.81 -8.24
C GLU A 66 -12.92 -4.09 -8.93
N ASP A 67 -12.99 -2.78 -8.72
CA ASP A 67 -14.07 -1.99 -9.31
C ASP A 67 -13.82 -1.77 -10.80
N GLY A 68 -12.61 -2.09 -11.25
CA GLY A 68 -12.27 -1.95 -12.66
C GLY A 68 -12.19 -0.48 -13.05
N SER A 69 -12.15 0.39 -12.05
CA SER A 69 -12.08 1.82 -12.29
C SER A 69 -10.64 2.27 -12.51
N GLY A 70 -9.70 1.34 -12.30
CA GLY A 70 -8.28 1.65 -12.47
C GLY A 70 -7.80 2.54 -11.34
N THR A 71 -8.57 2.59 -10.25
CA THR A 71 -8.22 3.42 -9.11
C THR A 71 -8.47 2.68 -7.79
N VAL A 72 -7.44 2.56 -6.98
CA VAL A 72 -7.56 1.88 -5.69
C VAL A 72 -7.95 2.88 -4.60
N ASP A 73 -9.12 2.67 -4.01
CA ASP A 73 -9.59 3.53 -2.94
C ASP A 73 -8.98 3.13 -1.61
N PHE A 74 -9.51 3.69 -0.52
CA PHE A 74 -8.99 3.38 0.81
C PHE A 74 -9.03 1.88 1.07
N ASP A 75 -10.20 1.27 0.84
CA ASP A 75 -10.34 -0.16 1.04
C ASP A 75 -9.47 -0.94 0.07
N GLU A 76 -9.46 -0.50 -1.18
CA GLU A 76 -8.66 -1.17 -2.21
C GLU A 76 -7.17 -1.07 -1.88
N PHE A 77 -6.74 0.11 -1.44
CA PHE A 77 -5.35 0.32 -1.08
C PHE A 77 -5.02 -0.45 0.20
N LEU A 78 -5.93 -0.39 1.18
CA LEU A 78 -5.72 -1.08 2.44
C LEU A 78 -5.41 -2.55 2.18
N VAL A 79 -6.07 -3.12 1.18
CA VAL A 79 -5.83 -4.51 0.81
C VAL A 79 -4.38 -4.70 0.36
N MET A 80 -3.90 -3.79 -0.47
CA MET A 80 -2.53 -3.87 -0.96
C MET A 80 -1.56 -3.96 0.21
N MET A 81 -1.86 -3.24 1.28
CA MET A 81 -1.01 -3.25 2.47
C MET A 81 -1.02 -4.63 3.12
N VAL A 82 -2.21 -5.16 3.34
CA VAL A 82 -2.35 -6.48 3.95
C VAL A 82 -1.85 -7.56 2.99
N ARG A 83 -1.95 -7.28 1.70
CA ARG A 83 -1.50 -8.23 0.69
C ARG A 83 -0.02 -8.52 0.84
N SER A 84 0.77 -7.46 1.00
CA SER A 84 2.21 -7.61 1.16
C SER A 84 2.54 -8.09 2.57
N MET A 85 1.75 -7.65 3.54
CA MET A 85 1.96 -8.04 4.93
C MET A 85 1.76 -9.54 5.10
N LYS A 86 0.73 -10.07 4.45
CA LYS A 86 0.43 -11.49 4.55
C LYS A 86 1.48 -12.32 3.81
N ASP A 87 1.86 -11.87 2.63
CA ASP A 87 2.85 -12.57 1.82
C ASP A 87 2.91 -14.04 2.22
N ASP A 88 1.92 -14.81 1.81
CA ASP A 88 1.87 -16.23 2.13
C ASP A 88 3.08 -16.96 1.57
N SER A 89 3.47 -16.59 0.36
CA SER A 89 4.63 -17.21 -0.29
C SER A 89 5.12 -18.41 0.52
N LYS A 90 6.20 -18.21 1.27
CA LYS A 90 6.76 -19.28 2.09
C LYS A 90 6.98 -18.79 3.52
N GLY A 91 8.17 -18.23 3.76
CA GLY A 91 8.50 -17.73 5.09
C GLY A 91 8.79 -18.88 6.06
N LYS A 92 8.64 -18.61 7.35
CA LYS A 92 8.88 -19.61 8.36
C LYS A 92 10.38 -19.72 8.67
N PHE A 93 11.07 -20.56 7.91
CA PHE A 93 12.51 -20.74 8.10
C PHE A 93 13.30 -19.92 7.10
N LYS A 94 12.59 -19.11 6.31
CA LYS A 94 13.23 -18.26 5.32
C LYS A 94 12.83 -16.81 5.51
N ARG A 95 13.17 -16.25 6.66
CA ARG A 95 12.82 -14.87 6.96
C ARG A 95 11.36 -14.60 6.64
N PRO A 96 10.87 -13.46 7.01
CA PRO A 96 9.46 -13.06 6.76
C PRO A 96 9.14 -12.92 5.29
N THR A 97 9.98 -12.17 4.56
CA THR A 97 9.79 -11.98 3.13
C THR A 97 10.01 -10.52 2.77
N LEU A 98 10.40 -10.29 1.51
CA LEU A 98 10.64 -8.92 1.03
C LEU A 98 12.13 -8.63 0.99
N ARG A 99 12.60 -8.11 -0.15
CA ARG A 99 14.02 -7.78 -0.30
C ARG A 99 14.21 -6.81 -1.46
N ARG A 100 13.68 -7.19 -2.62
CA ARG A 100 13.79 -6.34 -3.81
C ARG A 100 12.61 -6.58 -4.75
N VAL A 101 11.53 -7.11 -4.20
CA VAL A 101 10.33 -7.39 -5.01
C VAL A 101 9.09 -6.83 -4.33
N ARG A 102 8.22 -6.20 -5.13
CA ARG A 102 7.01 -5.62 -4.59
C ARG A 102 7.31 -4.39 -3.74
N ILE A 103 6.41 -3.42 -3.78
CA ILE A 103 6.60 -2.19 -3.02
C ILE A 103 6.85 -2.52 -1.55
N SER A 104 7.93 -1.97 -1.00
CA SER A 104 8.27 -2.21 0.40
C SER A 104 7.24 -1.57 1.31
N ALA A 105 6.23 -2.35 1.69
CA ALA A 105 5.17 -1.83 2.56
C ALA A 105 5.76 -1.13 3.77
N ASP A 106 6.89 -1.63 4.25
CA ASP A 106 7.55 -1.03 5.40
C ASP A 106 7.98 0.40 5.11
N ALA A 107 9.10 0.55 4.41
CA ALA A 107 9.60 1.86 4.06
C ALA A 107 8.59 2.63 3.22
N MET A 108 7.82 1.89 2.43
CA MET A 108 6.82 2.52 1.57
C MET A 108 5.95 3.47 2.37
N MET A 109 5.35 2.97 3.45
CA MET A 109 4.51 3.79 4.30
C MET A 109 5.34 4.87 4.98
N GLN A 110 6.61 4.53 5.27
CA GLN A 110 7.49 5.48 5.94
C GLN A 110 7.65 6.74 5.10
N ALA A 111 7.80 6.55 3.78
CA ALA A 111 7.94 7.69 2.88
C ALA A 111 6.67 8.54 2.90
N LEU A 112 5.53 7.87 2.95
CA LEU A 112 4.24 8.58 2.96
C LEU A 112 4.04 9.27 4.31
N LEU A 113 4.27 8.53 5.39
CA LEU A 113 4.10 9.07 6.73
C LEU A 113 5.20 10.09 7.05
N GLY A 114 6.41 9.78 6.62
CA GLY A 114 7.55 10.67 6.86
C GLY A 114 8.13 10.44 8.25
N ALA A 115 7.73 9.34 8.89
CA ALA A 115 8.22 9.01 10.22
C ALA A 115 7.33 9.62 11.30
N ARG A 116 6.06 9.22 11.30
CA ARG A 116 5.11 9.73 12.27
C ARG A 116 5.04 8.81 13.49
N ALA A 117 4.09 9.07 14.37
CA ALA A 117 3.92 8.28 15.59
C ALA A 117 4.73 8.86 16.73
N LYS A 118 4.04 9.45 17.70
CA LYS A 118 4.71 10.05 18.84
C LYS A 118 5.20 8.97 19.81
N GLY A 119 6.42 9.13 20.30
CA GLY A 119 6.99 8.17 21.23
C GLY A 119 7.45 6.91 20.51
N HIS A 120 7.72 5.86 21.27
CA HIS A 120 8.16 4.59 20.69
C HIS A 120 9.42 4.80 19.85
N HIS A 121 10.58 4.72 20.51
CA HIS A 121 11.85 4.90 19.81
C HIS A 121 12.03 3.84 18.73
N HIS A 122 11.65 2.61 19.06
CA HIS A 122 11.78 1.51 18.10
C HIS A 122 11.44 0.18 18.77
N HIS A 123 11.98 -0.91 18.22
CA HIS A 123 11.72 -2.24 18.77
C HIS A 123 12.90 -2.70 19.61
N HIS A 124 13.69 -1.75 20.09
CA HIS A 124 14.87 -2.08 20.90
C HIS A 124 15.26 -0.89 21.78
N HIS A 125 16.15 -1.14 22.74
CA HIS A 125 16.60 -0.09 23.64
C HIS A 125 18.01 0.38 23.25
CA CA B . -12.13 1.01 -7.64
CL1 V8Y C . -1.81 -5.37 -4.79
C1 V8Y C . 2.72 -3.61 -6.92
N1 V8Y C . 5.11 -3.04 -8.24
O1 V8Y C . 4.44 -1.63 -6.21
S1 V8Y C . 3.87 -2.34 -7.44
C2 V8Y C . 3.11 -4.94 -7.14
O2 V8Y C . 3.10 -1.31 -8.27
C3 V8Y C . 2.28 -6.01 -6.77
O3 V8Y C . 12.66 -4.67 -12.03
C4 V8Y C . 1.06 -5.75 -6.17
O4 V8Y C . 12.83 -3.02 -10.53
C5 V8Y C . -0.66 -4.15 -5.31
C6 V8Y C . -1.05 -2.82 -5.09
C7 V8Y C . -0.21 -1.75 -5.46
C8 V8Y C . 1.03 -2.01 -6.07
C9 V8Y C . 1.46 -3.33 -6.31
C10 V8Y C . 0.61 -4.43 -5.93
C11 V8Y C . 5.78 -2.15 -9.20
C12 V8Y C . 6.60 -2.99 -10.18
C13 V8Y C . 7.84 -3.55 -9.49
C14 V8Y C . 9.15 -3.22 -10.23
C15 V8Y C . 9.85 -4.44 -10.83
C16 V8Y C . 11.20 -4.70 -10.16
C17 V8Y C . 12.33 -4.07 -10.98
H17 V8Y C . 5.78 -3.36 -7.58
H21 V8Y C . 4.07 -5.15 -7.60
H3 V8Y C . 2.60 -7.04 -6.95
H4 V8Y C . 0.41 -6.58 -5.89
H6 V8Y C . -2.01 -2.61 -4.63
H7 V8Y C . -0.53 -0.72 -5.28
H8 V8Y C . 1.67 -1.18 -6.35
H11 V8Y C . 6.44 -1.47 -8.67
H8L V8Y C . 5.04 -1.56 -9.75
H12 V8Y C . 6.89 -2.39 -11.03
H8M V8Y C . 5.97 -3.82 -10.51
H13 V8Y C . 7.75 -4.64 -9.42
H8O V8Y C . 7.90 -3.10 -8.50
H14 V8Y C . 9.83 -2.74 -9.53
H8N V8Y C . 8.88 -2.55 -11.05
H15 V8Y C . 10.00 -4.27 -11.90
H8P V8Y C . 9.20 -5.30 -10.69
H16 V8Y C . 11.35 -5.78 -10.08
H8Q V8Y C . 11.18 -4.27 -9.16
#